data_2YLA
#
_entry.id   2YLA
#
_cell.length_a   67.560
_cell.length_b   115.710
_cell.length_c   132.210
_cell.angle_alpha   90.00
_cell.angle_beta   99.67
_cell.angle_gamma   90.00
#
_symmetry.space_group_name_H-M   'P 1 21 1'
#
loop_
_entity.id
_entity.type
_entity.pdbx_description
1 polymer BETA-N-ACETYLHEXOSAMINIDASE
2 branched 2-acetamido-2-deoxy-beta-D-glucopyranose-(1-2)-alpha-D-mannopyranose-(1-3)-[2-acetamido-2-deoxy-beta-D-glucopyranose-(1-4)]beta-D-mannopyranose-(1-4)-2-acetamido-2-deoxy-beta-D-glucopyranose
3 branched 2-acetamido-2-deoxy-beta-D-glucopyranose-(1-2)-alpha-D-mannopyranose-(1-3)-beta-D-mannopyranose-(1-4)-2-acetamido-2-deoxy-beta-D-glucopyranose
4 non-polymer 1,2-ETHANEDIOL
5 water water
#
_entity_poly.entity_id   1
_entity_poly.type   'polypeptide(L)'
_entity_poly.pdbx_seq_one_letter_code
;GSHMEKLAKNKVISIDAGRKYFTLNQLKRIVDKASELGYSDVHLLLGNDGLRFLLDDMTITANGKTYASDDVKKAIIEGT
KAYYDDPNGTALTQAEVTELIEYAKSKDIGLIPAINSPGHMDAMLVAMEKLGIKNPQAHFDKVSKTTMDLKNEEAMNFVK
ALIGKYMDFFAGKTKIFNFGTDQYANDATSAQGWYYLKWYQLYGKFAEYANTLAAMAKERGLQPMAFNDGFYYEDKDDVQ
FDKDVLISYWSKGWWGYNLASPQYLASKGYKFLNTNGDWYYILGQKPEDGGGFLKKAIENTGKTPFNQLASTKYPEVDLP
TVGSMLSIWADRPSAEYKEEEIFELMTAFADHNKDYFRANYNALREELAKIPTNLEGYSKESLEALDAAKTALNYNLNRN
KQAELDTLVANLKAALQGLKPAVTHSGSLDENEVAANVETRP
;
_entity_poly.pdbx_strand_id   A,B,C,D
#
loop_
_chem_comp.id
_chem_comp.type
_chem_comp.name
_chem_comp.formula
BMA D-saccharide, beta linking beta-D-mannopyranose 'C6 H12 O6'
EDO non-polymer 1,2-ETHANEDIOL 'C2 H6 O2'
MAN D-saccharide, alpha linking alpha-D-mannopyranose 'C6 H12 O6'
NAG D-saccharide, beta linking 2-acetamido-2-deoxy-beta-D-glucopyranose 'C8 H15 N O6'
#
# COMPACT_ATOMS: atom_id res chain seq x y z
N GLY A 1 -6.74 40.40 11.44
CA GLY A 1 -8.08 40.85 11.95
C GLY A 1 -9.24 40.43 11.05
N SER A 2 -10.45 40.59 11.58
CA SER A 2 -11.68 40.32 10.84
C SER A 2 -11.99 41.46 9.86
N HIS A 3 -11.52 42.66 10.21
CA HIS A 3 -11.55 43.82 9.33
C HIS A 3 -10.89 43.48 7.98
N MET A 4 -9.74 42.81 8.05
CA MET A 4 -9.08 42.27 6.87
C MET A 4 -9.93 41.23 6.14
N GLU A 5 -10.55 40.33 6.90
CA GLU A 5 -11.32 39.22 6.35
C GLU A 5 -12.56 39.66 5.58
N LYS A 6 -13.21 40.72 6.06
CA LYS A 6 -14.43 41.23 5.43
C LYS A 6 -14.15 41.94 4.11
N LEU A 7 -13.15 42.82 4.12
CA LEU A 7 -12.74 43.56 2.91
C LEU A 7 -12.18 42.64 1.83
N ALA A 8 -11.62 41.51 2.26
CA ALA A 8 -11.08 40.51 1.35
C ALA A 8 -12.17 39.69 0.66
N LYS A 9 -13.40 39.77 1.17
CA LYS A 9 -14.53 39.09 0.55
C LYS A 9 -14.93 39.78 -0.75
N ASN A 10 -15.62 39.03 -1.61
CA ASN A 10 -16.06 39.58 -2.89
C ASN A 10 -17.40 40.30 -2.79
N LYS A 11 -17.41 41.53 -3.29
CA LYS A 11 -18.64 42.32 -3.43
C LYS A 11 -18.84 42.52 -4.91
N VAL A 12 -19.82 41.80 -5.47
CA VAL A 12 -19.98 41.75 -6.91
C VAL A 12 -21.34 42.28 -7.38
N ILE A 13 -21.32 43.08 -8.44
CA ILE A 13 -22.53 43.50 -9.14
C ILE A 13 -22.62 42.73 -10.47
N SER A 14 -23.75 42.05 -10.67
CA SER A 14 -24.00 41.25 -11.87
C SER A 14 -24.94 41.95 -12.86
N ILE A 15 -24.47 42.09 -14.09
CA ILE A 15 -25.22 42.78 -15.15
C ILE A 15 -25.59 41.77 -16.26
N ASP A 16 -26.88 41.61 -16.48
CA ASP A 16 -27.38 40.70 -17.51
C ASP A 16 -27.21 41.35 -18.90
N ALA A 17 -25.99 41.23 -19.44
CA ALA A 17 -25.67 41.84 -20.72
C ALA A 17 -25.64 40.79 -21.84
N GLY A 18 -26.22 39.62 -21.56
CA GLY A 18 -26.39 38.59 -22.56
C GLY A 18 -27.74 38.73 -23.22
N ARG A 19 -28.77 38.95 -22.41
CA ARG A 19 -30.14 39.14 -22.91
C ARG A 19 -30.30 40.52 -23.56
N LYS A 20 -29.69 41.53 -22.96
CA LYS A 20 -29.84 42.92 -23.37
C LYS A 20 -28.49 43.60 -23.60
N TYR A 21 -28.38 44.35 -24.69
CA TYR A 21 -27.15 45.04 -25.04
C TYR A 21 -26.85 46.20 -24.08
N PHE A 22 -25.60 46.27 -23.63
CA PHE A 22 -25.10 47.40 -22.87
C PHE A 22 -23.92 48.00 -23.61
N THR A 23 -23.89 49.33 -23.73
CA THR A 23 -22.80 50.01 -24.41
C THR A 23 -21.54 49.92 -23.55
N LEU A 24 -20.37 50.00 -24.19
CA LEU A 24 -19.10 50.02 -23.47
C LEU A 24 -19.12 51.06 -22.35
N ASN A 25 -19.61 52.26 -22.66
N ASN A 25 -19.60 52.26 -22.66
CA ASN A 25 -19.63 53.36 -21.70
CA ASN A 25 -19.64 53.36 -21.71
C ASN A 25 -20.71 53.26 -20.62
C ASN A 25 -20.65 53.15 -20.58
N GLN A 26 -21.71 52.39 -20.85
CA GLN A 26 -22.72 52.09 -19.83
C GLN A 26 -22.15 51.17 -18.76
N LEU A 27 -21.38 50.18 -19.21
CA LEU A 27 -20.71 49.24 -18.33
C LEU A 27 -19.57 49.93 -17.60
N LYS A 28 -18.87 50.79 -18.35
CA LYS A 28 -17.79 51.62 -17.82
C LYS A 28 -18.25 52.40 -16.59
N ARG A 29 -19.49 52.88 -16.63
CA ARG A 29 -20.05 53.67 -15.53
C ARG A 29 -20.48 52.80 -14.34
N ILE A 30 -20.94 51.59 -14.63
CA ILE A 30 -21.27 50.61 -13.59
C ILE A 30 -20.02 50.27 -12.77
N VAL A 31 -18.89 50.02 -13.43
CA VAL A 31 -17.65 49.72 -12.73
C VAL A 31 -17.12 50.93 -11.96
N ASP A 32 -17.46 52.14 -12.45
CA ASP A 32 -17.11 53.36 -11.74
C ASP A 32 -17.87 53.44 -10.42
N LYS A 33 -19.20 53.28 -10.48
CA LYS A 33 -20.03 53.21 -9.27
C LYS A 33 -19.63 52.06 -8.35
N ALA A 34 -19.34 50.91 -8.95
CA ALA A 34 -18.84 49.75 -8.23
C ALA A 34 -17.59 50.12 -7.42
N SER A 35 -16.67 50.82 -8.06
CA SER A 35 -15.44 51.26 -7.38
C SER A 35 -15.73 52.23 -6.25
N GLU A 36 -16.60 53.20 -6.53
CA GLU A 36 -16.94 54.25 -5.55
C GLU A 36 -17.68 53.69 -4.34
N LEU A 37 -18.60 52.77 -4.58
CA LEU A 37 -19.40 52.18 -3.50
C LEU A 37 -18.63 51.16 -2.67
N GLY A 38 -17.55 50.63 -3.25
CA GLY A 38 -16.65 49.72 -2.54
C GLY A 38 -16.80 48.27 -2.95
N TYR A 39 -17.36 48.03 -4.14
CA TYR A 39 -17.45 46.69 -4.71
C TYR A 39 -16.06 46.22 -5.13
N SER A 40 -15.95 44.93 -5.42
CA SER A 40 -14.67 44.32 -5.78
C SER A 40 -14.66 43.80 -7.21
N ASP A 41 -15.84 43.38 -7.68
CA ASP A 41 -15.96 42.83 -9.04
C ASP A 41 -17.26 43.26 -9.73
N VAL A 42 -17.21 43.27 -11.06
CA VAL A 42 -18.41 43.34 -11.88
C VAL A 42 -18.54 42.02 -12.61
N HIS A 43 -19.65 41.33 -12.36
CA HIS A 43 -19.97 40.09 -13.04
C HIS A 43 -20.74 40.45 -14.30
N LEU A 44 -20.19 40.06 -15.45
CA LEU A 44 -20.79 40.42 -16.73
C LEU A 44 -21.19 39.21 -17.56
N LEU A 45 -22.49 38.97 -17.61
CA LEU A 45 -23.05 37.93 -18.46
C LEU A 45 -23.00 38.43 -19.90
N LEU A 46 -22.24 37.72 -20.74
CA LEU A 46 -22.08 38.10 -22.14
C LEU A 46 -22.80 37.08 -23.03
N GLY A 47 -22.91 35.86 -22.51
CA GLY A 47 -23.71 34.81 -23.12
C GLY A 47 -24.78 34.41 -22.12
N ASN A 48 -26.01 34.82 -22.39
CA ASN A 48 -27.17 34.50 -21.58
C ASN A 48 -28.39 34.71 -22.47
N ASP A 49 -28.91 33.62 -23.03
CA ASP A 49 -29.90 33.67 -24.12
C ASP A 49 -29.26 34.21 -25.40
N GLY A 50 -29.10 35.52 -25.48
CA GLY A 50 -28.32 36.13 -26.58
C GLY A 50 -26.84 36.01 -26.30
N LEU A 51 -26.03 36.08 -27.37
CA LEU A 51 -24.56 36.08 -27.24
C LEU A 51 -24.05 37.44 -27.68
N ARG A 52 -23.67 38.27 -26.72
CA ARG A 52 -23.36 39.67 -26.99
C ARG A 52 -21.88 40.03 -26.86
N PHE A 53 -21.02 39.09 -27.29
CA PHE A 53 -19.59 39.32 -27.32
C PHE A 53 -18.96 38.54 -28.46
N LEU A 54 -18.27 39.25 -29.34
CA LEU A 54 -17.56 38.64 -30.45
C LEU A 54 -16.07 38.91 -30.35
N LEU A 55 -15.26 37.86 -30.47
CA LEU A 55 -13.81 38.01 -30.53
C LEU A 55 -13.38 38.53 -31.91
N ASP A 56 -12.14 39.01 -32.01
CA ASP A 56 -11.60 39.43 -33.30
C ASP A 56 -11.52 38.23 -34.26
N ASP A 57 -10.99 37.10 -33.77
CA ASP A 57 -10.98 35.86 -34.55
C ASP A 57 -11.89 34.81 -33.92
N MET A 58 -12.94 34.45 -34.64
CA MET A 58 -13.94 33.52 -34.13
C MET A 58 -13.88 32.16 -34.84
N THR A 59 -12.70 31.81 -35.34
CA THR A 59 -12.50 30.54 -36.03
C THR A 59 -12.65 29.40 -35.03
N ILE A 60 -13.60 28.51 -35.31
CA ILE A 60 -13.88 27.38 -34.44
C ILE A 60 -13.43 26.07 -35.11
N THR A 61 -12.81 25.20 -34.31
CA THR A 61 -12.32 23.91 -34.79
C THR A 61 -13.00 22.77 -34.03
N ALA A 62 -13.93 22.10 -34.69
CA ALA A 62 -14.73 21.03 -34.08
C ALA A 62 -15.28 20.07 -35.13
N ASN A 63 -15.46 18.82 -34.74
CA ASN A 63 -16.08 17.78 -35.59
C ASN A 63 -15.30 17.48 -36.87
N GLY A 64 -13.98 17.63 -36.82
CA GLY A 64 -13.12 17.34 -37.95
C GLY A 64 -13.04 18.45 -38.99
N LYS A 65 -13.92 19.45 -38.86
CA LYS A 65 -13.90 20.60 -39.75
C LYS A 65 -13.60 21.90 -39.00
N THR A 66 -13.36 22.97 -39.75
CA THR A 66 -13.21 24.29 -39.15
C THR A 66 -14.29 25.23 -39.68
N TYR A 67 -14.74 26.13 -38.82
CA TYR A 67 -15.74 27.10 -39.18
C TYR A 67 -15.06 28.46 -39.33
N ALA A 68 -15.16 29.03 -40.53
CA ALA A 68 -14.54 30.32 -40.83
C ALA A 68 -15.02 31.42 -39.88
N SER A 69 -14.09 32.24 -39.41
CA SER A 69 -14.37 33.31 -38.45
C SER A 69 -15.57 34.18 -38.85
N ASP A 70 -15.60 34.58 -40.12
CA ASP A 70 -16.67 35.43 -40.65
C ASP A 70 -18.03 34.72 -40.67
N ASP A 71 -18.02 33.42 -40.97
CA ASP A 71 -19.22 32.59 -40.96
C ASP A 71 -19.78 32.42 -39.55
N VAL A 72 -18.88 32.31 -38.57
CA VAL A 72 -19.25 32.14 -37.16
C VAL A 72 -19.85 33.42 -36.57
N LYS A 73 -19.20 34.55 -36.85
CA LYS A 73 -19.66 35.87 -36.39
C LYS A 73 -21.05 36.19 -36.91
N LYS A 74 -21.25 35.98 -38.22
CA LYS A 74 -22.53 36.22 -38.88
C LYS A 74 -23.62 35.35 -38.30
N ALA A 75 -23.28 34.08 -38.03
CA ALA A 75 -24.20 33.14 -37.42
C ALA A 75 -24.65 33.60 -36.03
N ILE A 76 -23.69 34.05 -35.23
CA ILE A 76 -23.96 34.48 -33.85
C ILE A 76 -24.80 35.76 -33.80
N ILE A 77 -24.49 36.70 -34.70
CA ILE A 77 -25.24 37.96 -34.79
C ILE A 77 -26.71 37.67 -35.12
N GLU A 78 -26.93 36.76 -36.07
CA GLU A 78 -28.29 36.37 -36.46
C GLU A 78 -29.03 35.68 -35.32
N GLY A 79 -28.33 34.83 -34.57
CA GLY A 79 -28.91 34.14 -33.41
C GLY A 79 -29.31 35.07 -32.28
N THR A 80 -28.43 36.04 -31.97
CA THR A 80 -28.68 37.04 -30.94
C THR A 80 -29.88 37.91 -31.32
N LYS A 81 -30.01 38.21 -32.61
CA LYS A 81 -31.13 38.96 -33.15
C LYS A 81 -32.39 38.12 -33.23
N ALA A 82 -32.22 36.81 -33.44
CA ALA A 82 -33.34 35.86 -33.43
C ALA A 82 -33.94 35.77 -32.03
N TYR A 83 -33.09 35.85 -31.02
CA TYR A 83 -33.56 35.92 -29.64
C TYR A 83 -34.23 37.27 -29.35
N TYR A 84 -33.53 38.35 -29.69
CA TYR A 84 -34.02 39.71 -29.48
C TYR A 84 -33.14 40.71 -30.21
N ASP A 85 -33.68 41.28 -31.30
CA ASP A 85 -32.97 42.28 -32.09
C ASP A 85 -32.98 43.62 -31.36
N ASP A 86 -31.97 43.84 -30.53
CA ASP A 86 -31.84 45.05 -29.73
C ASP A 86 -31.49 46.24 -30.62
N PRO A 87 -32.31 47.31 -30.57
CA PRO A 87 -32.04 48.54 -31.33
C PRO A 87 -30.82 49.32 -30.83
N ASN A 88 -30.39 49.04 -29.60
CA ASN A 88 -29.24 49.72 -28.99
C ASN A 88 -27.89 49.14 -29.43
N GLY A 89 -27.91 47.90 -29.91
CA GLY A 89 -26.69 47.20 -30.36
C GLY A 89 -26.82 45.70 -30.27
N THR A 90 -25.88 44.98 -30.87
CA THR A 90 -25.90 43.52 -30.87
C THR A 90 -24.85 42.90 -29.94
N ALA A 91 -23.57 43.10 -30.25
CA ALA A 91 -22.49 42.46 -29.51
C ALA A 91 -21.33 43.40 -29.22
N LEU A 92 -20.73 43.26 -28.04
CA LEU A 92 -19.52 43.98 -27.69
C LEU A 92 -18.34 43.39 -28.45
N THR A 93 -17.39 44.25 -28.83
CA THR A 93 -16.20 43.79 -29.54
C THR A 93 -15.09 43.44 -28.56
N GLN A 94 -14.12 42.66 -29.05
CA GLN A 94 -12.93 42.31 -28.28
C GLN A 94 -12.26 43.57 -27.72
N ALA A 95 -12.06 44.55 -28.61
CA ALA A 95 -11.42 45.82 -28.26
C ALA A 95 -12.18 46.59 -27.18
N GLU A 96 -13.50 46.45 -27.17
CA GLU A 96 -14.33 47.09 -26.15
C GLU A 96 -14.21 46.42 -24.79
N VAL A 97 -14.26 45.08 -24.78
CA VAL A 97 -14.18 44.32 -23.53
C VAL A 97 -12.77 44.34 -22.93
N THR A 98 -11.75 44.36 -23.78
CA THR A 98 -10.36 44.56 -23.36
C THR A 98 -10.23 45.90 -22.63
N GLU A 99 -10.85 46.94 -23.18
CA GLU A 99 -10.81 48.27 -22.60
C GLU A 99 -11.48 48.29 -21.23
N LEU A 100 -12.59 47.58 -21.10
CA LEU A 100 -13.33 47.52 -19.84
C LEU A 100 -12.56 46.79 -18.75
N ILE A 101 -11.83 45.74 -19.13
CA ILE A 101 -11.00 44.99 -18.18
C ILE A 101 -9.86 45.85 -17.66
N GLU A 102 -9.16 46.53 -18.57
CA GLU A 102 -8.08 47.44 -18.21
C GLU A 102 -8.57 48.66 -17.43
N TYR A 103 -9.74 49.17 -17.81
CA TYR A 103 -10.37 50.29 -17.10
C TYR A 103 -10.79 49.90 -15.69
N ALA A 104 -11.39 48.71 -15.55
CA ALA A 104 -11.80 48.19 -14.25
C ALA A 104 -10.60 47.88 -13.36
N LYS A 105 -9.51 47.42 -13.98
CA LYS A 105 -8.27 47.12 -13.25
C LYS A 105 -7.66 48.38 -12.61
N SER A 106 -7.72 49.49 -13.33
CA SER A 106 -7.20 50.77 -12.83
C SER A 106 -7.97 51.28 -11.61
N LYS A 107 -9.13 50.67 -11.35
CA LYS A 107 -9.99 51.06 -10.23
C LYS A 107 -10.15 49.95 -9.18
N ASP A 108 -9.29 48.94 -9.24
CA ASP A 108 -9.33 47.76 -8.36
C ASP A 108 -10.65 46.99 -8.47
N ILE A 109 -11.19 46.93 -9.68
CA ILE A 109 -12.42 46.20 -9.96
C ILE A 109 -12.09 45.04 -10.89
N GLY A 110 -12.41 43.83 -10.42
CA GLY A 110 -12.23 42.63 -11.24
C GLY A 110 -13.43 42.43 -12.15
N LEU A 111 -13.21 41.74 -13.26
CA LEU A 111 -14.31 41.35 -14.13
C LEU A 111 -14.51 39.84 -14.05
N ILE A 112 -15.77 39.43 -14.08
CA ILE A 112 -16.13 38.01 -14.11
C ILE A 112 -17.09 37.78 -15.28
N PRO A 113 -16.56 37.31 -16.42
CA PRO A 113 -17.40 37.04 -17.58
C PRO A 113 -18.25 35.78 -17.39
N ALA A 114 -19.40 35.74 -18.06
CA ALA A 114 -20.28 34.58 -18.03
C ALA A 114 -20.82 34.27 -19.43
N ILE A 115 -20.47 33.09 -19.93
CA ILE A 115 -21.00 32.58 -21.19
C ILE A 115 -21.80 31.32 -20.88
N ASN A 116 -23.11 31.41 -21.05
CA ASN A 116 -24.02 30.40 -20.53
C ASN A 116 -24.32 29.24 -21.48
N SER A 117 -24.26 28.05 -20.91
CA SER A 117 -24.65 26.78 -21.55
C SER A 117 -24.69 25.77 -20.39
N PRO A 118 -25.38 24.62 -20.57
CA PRO A 118 -26.13 24.16 -21.74
C PRO A 118 -27.52 24.79 -21.88
N GLY A 119 -28.00 25.48 -20.85
CA GLY A 119 -29.24 26.24 -20.94
C GLY A 119 -28.92 27.68 -21.32
N HIS A 120 -29.96 28.45 -21.62
CA HIS A 120 -29.79 29.88 -21.90
C HIS A 120 -28.84 30.14 -23.07
N MET A 121 -29.09 29.47 -24.18
CA MET A 121 -28.23 29.61 -25.35
C MET A 121 -29.02 29.67 -26.65
N ASP A 122 -30.07 30.48 -26.65
CA ASP A 122 -30.94 30.69 -27.80
C ASP A 122 -30.12 31.11 -29.02
N ALA A 123 -29.19 32.03 -28.78
CA ALA A 123 -28.33 32.57 -29.83
C ALA A 123 -27.42 31.51 -30.44
N MET A 124 -26.77 30.72 -29.58
CA MET A 124 -25.86 29.66 -30.04
C MET A 124 -26.58 28.57 -30.83
N LEU A 125 -27.78 28.20 -30.38
CA LEU A 125 -28.58 27.17 -31.04
C LEU A 125 -28.88 27.55 -32.50
N VAL A 126 -29.38 28.77 -32.70
CA VAL A 126 -29.67 29.29 -34.03
C VAL A 126 -28.37 29.44 -34.84
N ALA A 127 -27.34 29.99 -34.21
CA ALA A 127 -26.03 30.13 -34.84
C ALA A 127 -25.51 28.79 -35.37
N MET A 128 -25.72 27.72 -34.60
CA MET A 128 -25.33 26.38 -35.01
C MET A 128 -26.20 25.83 -36.14
N GLU A 129 -27.49 26.16 -36.14
CA GLU A 129 -28.37 25.81 -37.27
C GLU A 129 -27.83 26.45 -38.54
N LYS A 130 -27.60 27.76 -38.48
CA LYS A 130 -27.06 28.55 -39.59
C LYS A 130 -25.69 28.06 -40.07
N LEU A 131 -24.98 27.37 -39.19
CA LEU A 131 -23.62 26.92 -39.47
C LEU A 131 -23.57 25.50 -40.03
N GLY A 132 -24.73 24.83 -40.09
CA GLY A 132 -24.82 23.50 -40.67
C GLY A 132 -25.08 22.37 -39.68
N ILE A 133 -25.17 22.72 -38.39
CA ILE A 133 -25.46 21.73 -37.35
C ILE A 133 -26.97 21.62 -37.13
N LYS A 134 -27.56 20.53 -37.59
CA LYS A 134 -29.01 20.30 -37.49
C LYS A 134 -29.42 19.93 -36.06
N ASN A 135 -30.61 20.39 -35.68
CA ASN A 135 -31.26 20.02 -34.42
C ASN A 135 -30.34 20.01 -33.20
N PRO A 136 -29.75 21.17 -32.85
CA PRO A 136 -28.92 21.20 -31.65
C PRO A 136 -29.76 21.31 -30.37
N GLN A 137 -31.06 21.57 -30.51
CA GLN A 137 -31.95 21.81 -29.38
C GLN A 137 -32.35 20.55 -28.63
N ALA A 138 -32.51 20.69 -27.32
CA ALA A 138 -33.08 19.63 -26.48
C ALA A 138 -34.54 19.40 -26.87
N HIS A 139 -35.04 18.19 -26.59
CA HIS A 139 -36.37 17.80 -27.02
C HIS A 139 -37.11 17.03 -25.92
N PHE A 140 -38.14 17.65 -25.33
CA PHE A 140 -38.93 16.98 -24.31
C PHE A 140 -40.44 17.06 -24.56
N ASP A 141 -41.16 17.89 -23.80
CA ASP A 141 -42.58 18.12 -24.07
C ASP A 141 -42.74 18.86 -25.40
N LYS A 142 -41.69 19.60 -25.76
CA LYS A 142 -41.58 20.25 -27.07
C LYS A 142 -40.11 20.48 -27.39
N VAL A 143 -39.83 20.92 -28.61
CA VAL A 143 -38.46 21.30 -29.00
C VAL A 143 -38.10 22.55 -28.21
N SER A 144 -36.94 22.51 -27.55
CA SER A 144 -36.45 23.65 -26.78
C SER A 144 -35.96 24.74 -27.69
N LYS A 145 -35.97 25.97 -27.19
CA LYS A 145 -35.43 27.10 -27.92
C LYS A 145 -34.28 27.72 -27.14
N THR A 146 -33.99 27.15 -25.98
CA THR A 146 -33.01 27.73 -25.05
C THR A 146 -31.86 26.80 -24.71
N THR A 147 -32.05 25.51 -24.97
CA THR A 147 -31.18 24.49 -24.40
C THR A 147 -30.62 23.51 -25.43
N MET A 148 -29.35 23.14 -25.23
CA MET A 148 -28.67 22.19 -26.10
C MET A 148 -29.00 20.75 -25.73
N ASP A 149 -29.19 19.91 -26.76
CA ASP A 149 -29.37 18.47 -26.60
C ASP A 149 -28.03 17.81 -26.29
N LEU A 150 -27.89 17.30 -25.07
CA LEU A 150 -26.63 16.73 -24.59
C LEU A 150 -26.19 15.50 -25.40
N LYS A 151 -27.13 14.91 -26.13
CA LYS A 151 -26.85 13.75 -26.96
C LYS A 151 -26.39 14.12 -28.38
N ASN A 152 -26.46 15.39 -28.73
CA ASN A 152 -25.95 15.86 -30.01
C ASN A 152 -24.47 16.18 -29.90
N GLU A 153 -23.63 15.22 -30.29
CA GLU A 153 -22.18 15.35 -30.14
C GLU A 153 -21.60 16.48 -30.99
N GLU A 154 -22.17 16.69 -32.18
CA GLU A 154 -21.76 17.75 -33.08
C GLU A 154 -22.00 19.12 -32.45
N ALA A 155 -23.17 19.29 -31.82
CA ALA A 155 -23.53 20.52 -31.12
C ALA A 155 -22.66 20.74 -29.88
N MET A 156 -22.47 19.66 -29.10
CA MET A 156 -21.64 19.70 -27.91
C MET A 156 -20.20 20.10 -28.23
N ASN A 157 -19.62 19.46 -29.26
CA ASN A 157 -18.25 19.74 -29.69
C ASN A 157 -18.03 21.19 -30.13
N PHE A 158 -19.03 21.76 -30.80
CA PHE A 158 -18.96 23.15 -31.23
C PHE A 158 -18.95 24.09 -30.04
N VAL A 159 -19.93 23.92 -29.15
CA VAL A 159 -20.08 24.76 -27.97
C VAL A 159 -18.85 24.67 -27.08
N LYS A 160 -18.34 23.45 -26.87
CA LYS A 160 -17.11 23.25 -26.12
C LYS A 160 -15.95 24.03 -26.73
N ALA A 161 -15.83 24.00 -28.05
CA ALA A 161 -14.77 24.73 -28.75
C ALA A 161 -14.99 26.23 -28.68
N LEU A 162 -16.25 26.65 -28.85
CA LEU A 162 -16.62 28.06 -28.80
C LEU A 162 -16.35 28.67 -27.43
N ILE A 163 -16.79 27.99 -26.37
CA ILE A 163 -16.52 28.41 -25.00
C ILE A 163 -15.02 28.42 -24.71
N GLY A 164 -14.31 27.47 -25.33
CA GLY A 164 -12.85 27.41 -25.24
C GLY A 164 -12.15 28.64 -25.78
N LYS A 165 -12.65 29.17 -26.90
CA LYS A 165 -12.07 30.36 -27.51
C LYS A 165 -12.35 31.61 -26.68
N TYR A 166 -13.55 31.70 -26.09
CA TYR A 166 -13.84 32.76 -25.13
C TYR A 166 -12.92 32.66 -23.91
N MET A 167 -12.78 31.44 -23.39
CA MET A 167 -11.91 31.17 -22.24
C MET A 167 -10.44 31.55 -22.51
N ASP A 168 -9.96 31.26 -23.73
CA ASP A 168 -8.61 31.61 -24.14
C ASP A 168 -8.36 33.10 -24.05
N PHE A 169 -9.39 33.88 -24.37
CA PHE A 169 -9.35 35.33 -24.28
C PHE A 169 -9.28 35.83 -22.83
N PHE A 170 -10.10 35.26 -21.95
CA PHE A 170 -10.15 35.71 -20.56
C PHE A 170 -9.00 35.15 -19.71
N ALA A 171 -8.33 34.12 -20.23
CA ALA A 171 -7.11 33.59 -19.63
C ALA A 171 -6.04 34.68 -19.54
N GLY A 172 -5.63 35.00 -18.31
CA GLY A 172 -4.66 36.06 -18.07
C GLY A 172 -5.28 37.41 -17.77
N LYS A 173 -6.51 37.62 -18.24
CA LYS A 173 -7.20 38.90 -18.09
C LYS A 173 -8.14 38.93 -16.88
N THR A 174 -8.83 37.82 -16.66
CA THR A 174 -9.74 37.69 -15.51
C THR A 174 -9.37 36.48 -14.66
N LYS A 175 -9.79 36.49 -13.39
CA LYS A 175 -9.53 35.38 -12.48
C LYS A 175 -10.59 34.29 -12.63
N ILE A 176 -11.85 34.71 -12.70
CA ILE A 176 -12.97 33.79 -12.70
C ILE A 176 -13.63 33.72 -14.08
N PHE A 177 -14.20 32.55 -14.39
CA PHE A 177 -15.05 32.40 -15.57
C PHE A 177 -16.30 31.60 -15.21
N ASN A 178 -17.46 32.24 -15.36
CA ASN A 178 -18.73 31.60 -15.07
C ASN A 178 -19.29 30.93 -16.32
N PHE A 179 -19.58 29.64 -16.23
CA PHE A 179 -20.23 28.93 -17.33
C PHE A 179 -21.71 28.61 -17.08
N GLY A 180 -22.23 29.05 -15.94
CA GLY A 180 -23.66 29.01 -15.65
C GLY A 180 -24.25 27.65 -15.32
N THR A 181 -24.74 26.98 -16.36
CA THR A 181 -25.42 25.67 -16.28
C THR A 181 -26.73 25.68 -15.48
N ASP A 182 -27.43 26.81 -15.52
CA ASP A 182 -28.70 26.96 -14.80
C ASP A 182 -29.93 26.60 -15.65
N GLN A 183 -31.01 26.19 -14.98
CA GLN A 183 -32.33 25.96 -15.58
C GLN A 183 -32.29 25.27 -16.95
N TYR A 184 -31.98 23.97 -16.94
CA TYR A 184 -31.93 23.16 -18.16
C TYR A 184 -33.31 22.98 -18.77
N ALA A 185 -33.41 23.23 -20.07
CA ALA A 185 -34.64 23.02 -20.85
C ALA A 185 -35.93 23.41 -20.12
N ASN A 186 -35.89 24.54 -19.42
CA ASN A 186 -37.07 25.03 -18.68
C ASN A 186 -38.28 25.32 -19.55
N ASP A 187 -38.04 25.83 -20.76
CA ASP A 187 -39.12 26.10 -21.70
C ASP A 187 -39.78 24.82 -22.19
N ALA A 188 -39.00 23.74 -22.28
CA ALA A 188 -39.45 22.49 -22.87
C ALA A 188 -39.97 21.47 -21.85
N THR A 189 -39.79 21.76 -20.56
CA THR A 189 -40.11 20.80 -19.50
C THR A 189 -41.04 21.34 -18.40
N SER A 190 -41.63 22.51 -18.63
CA SER A 190 -42.43 23.21 -17.62
C SER A 190 -41.64 23.49 -16.34
N ALA A 191 -40.39 23.97 -16.53
CA ALA A 191 -39.47 24.27 -15.43
C ALA A 191 -39.15 23.08 -14.51
N GLN A 192 -38.97 21.91 -15.10
CA GLN A 192 -38.62 20.70 -14.36
C GLN A 192 -37.48 19.97 -15.06
N GLY A 193 -36.55 20.75 -15.62
CA GLY A 193 -35.46 20.22 -16.44
C GLY A 193 -34.61 19.14 -15.78
N TRP A 194 -34.30 19.34 -14.51
CA TRP A 194 -33.48 18.39 -13.77
C TRP A 194 -34.24 17.10 -13.54
N TYR A 195 -35.53 17.21 -13.30
CA TYR A 195 -36.41 16.06 -13.18
C TYR A 195 -36.49 15.26 -14.48
N TYR A 196 -36.49 15.98 -15.61
CA TYR A 196 -36.50 15.36 -16.94
C TYR A 196 -35.17 14.70 -17.32
N LEU A 197 -34.07 15.27 -16.82
CA LEU A 197 -32.74 14.69 -17.05
C LEU A 197 -32.58 13.36 -16.31
N LYS A 198 -32.98 13.34 -15.04
N LYS A 198 -32.96 13.36 -15.03
CA LYS A 198 -32.94 12.11 -14.24
CA LYS A 198 -32.99 12.15 -14.20
C LYS A 198 -33.94 11.07 -14.77
C LYS A 198 -33.90 11.09 -14.83
N TRP A 199 -35.09 11.53 -15.24
CA TRP A 199 -36.11 10.65 -15.85
C TRP A 199 -35.59 9.96 -17.12
N TYR A 200 -34.84 10.72 -17.92
CA TYR A 200 -34.33 10.19 -19.18
C TYR A 200 -32.87 9.73 -19.09
N GLN A 201 -32.37 9.62 -17.85
CA GLN A 201 -31.01 9.13 -17.56
C GLN A 201 -29.92 9.91 -18.30
N LEU A 202 -30.08 11.24 -18.33
CA LEU A 202 -29.13 12.12 -19.01
C LEU A 202 -28.47 13.11 -18.05
N TYR A 203 -28.70 12.91 -16.76
CA TYR A 203 -28.14 13.79 -15.72
C TYR A 203 -26.64 13.57 -15.53
N GLY A 204 -26.21 12.31 -15.63
CA GLY A 204 -24.80 11.97 -15.62
C GLY A 204 -24.09 12.57 -16.82
N LYS A 205 -24.80 12.62 -17.94
CA LYS A 205 -24.29 13.21 -19.17
C LYS A 205 -24.21 14.73 -19.06
N PHE A 206 -25.03 15.31 -18.17
CA PHE A 206 -24.97 16.74 -17.87
C PHE A 206 -23.77 17.08 -16.99
N ALA A 207 -23.53 16.26 -15.96
CA ALA A 207 -22.40 16.44 -15.06
C ALA A 207 -21.08 16.31 -15.81
N GLU A 208 -21.04 15.37 -16.75
CA GLU A 208 -19.90 15.13 -17.62
C GLU A 208 -19.60 16.36 -18.46
N TYR A 209 -20.65 17.06 -18.90
CA TYR A 209 -20.50 18.29 -19.67
C TYR A 209 -20.01 19.46 -18.81
N ALA A 210 -20.53 19.56 -17.59
CA ALA A 210 -20.16 20.62 -16.67
C ALA A 210 -18.73 20.45 -16.17
N ASN A 211 -18.36 19.21 -15.86
CA ASN A 211 -17.00 18.88 -15.40
C ASN A 211 -15.96 19.20 -16.47
N THR A 212 -16.34 19.02 -17.73
CA THR A 212 -15.50 19.39 -18.88
C THR A 212 -15.22 20.89 -18.85
N LEU A 213 -16.27 21.70 -18.73
CA LEU A 213 -16.16 23.16 -18.67
C LEU A 213 -15.39 23.64 -17.44
N ALA A 214 -15.47 22.88 -16.36
CA ALA A 214 -14.73 23.18 -15.13
C ALA A 214 -13.24 22.92 -15.34
N ALA A 215 -12.92 21.79 -15.98
CA ALA A 215 -11.54 21.41 -16.27
C ALA A 215 -10.93 22.32 -17.33
N MET A 216 -11.72 22.67 -18.35
CA MET A 216 -11.30 23.59 -19.40
C MET A 216 -10.87 24.94 -18.83
N ALA A 217 -11.63 25.41 -17.84
CA ALA A 217 -11.36 26.67 -17.15
C ALA A 217 -10.06 26.59 -16.34
N LYS A 218 -9.91 25.50 -15.59
CA LYS A 218 -8.74 25.27 -14.74
C LYS A 218 -7.44 25.22 -15.55
N GLU A 219 -7.47 24.48 -16.65
CA GLU A 219 -6.26 24.31 -17.47
C GLU A 219 -5.86 25.59 -18.18
N ARG A 220 -6.79 26.53 -18.26
CA ARG A 220 -6.52 27.86 -18.82
C ARG A 220 -6.23 28.88 -17.72
N GLY A 221 -6.20 28.42 -16.48
CA GLY A 221 -5.88 29.27 -15.33
C GLY A 221 -7.02 30.19 -14.93
N LEU A 222 -8.25 29.69 -15.08
CA LEU A 222 -9.44 30.43 -14.66
C LEU A 222 -10.16 29.65 -13.57
N GLN A 223 -10.54 30.35 -12.51
CA GLN A 223 -11.41 29.78 -11.49
C GLN A 223 -12.77 29.50 -12.11
N PRO A 224 -13.18 28.21 -12.14
CA PRO A 224 -14.50 27.90 -12.69
C PRO A 224 -15.62 28.26 -11.73
N MET A 225 -16.64 28.92 -12.27
CA MET A 225 -17.84 29.28 -11.52
C MET A 225 -19.06 28.75 -12.27
N ALA A 226 -20.05 28.29 -11.51
CA ALA A 226 -21.35 27.89 -12.08
C ALA A 226 -22.45 28.16 -11.08
N PHE A 227 -23.68 28.26 -11.58
CA PHE A 227 -24.84 28.40 -10.71
C PHE A 227 -25.14 27.06 -10.06
N ASN A 228 -25.92 27.08 -8.98
CA ASN A 228 -26.14 25.89 -8.16
C ASN A 228 -27.08 24.84 -8.74
N ASP A 229 -28.04 25.28 -9.56
CA ASP A 229 -29.15 24.43 -10.03
C ASP A 229 -28.80 22.96 -10.27
N GLY A 230 -27.87 22.72 -11.18
CA GLY A 230 -27.56 21.37 -11.65
C GLY A 230 -26.62 20.55 -10.78
N PHE A 231 -26.09 21.16 -9.73
CA PHE A 231 -25.15 20.49 -8.84
C PHE A 231 -25.83 19.67 -7.75
N TYR A 232 -25.59 18.36 -7.77
CA TYR A 232 -26.14 17.40 -6.82
C TYR A 232 -27.62 17.62 -6.54
N TYR A 233 -28.40 17.67 -7.62
CA TYR A 233 -29.83 17.93 -7.58
C TYR A 233 -30.56 16.97 -6.64
N GLU A 234 -31.32 17.54 -5.72
CA GLU A 234 -32.13 16.82 -4.74
C GLU A 234 -31.26 16.09 -3.70
N ASP A 235 -30.08 16.66 -3.44
CA ASP A 235 -29.12 16.13 -2.47
C ASP A 235 -28.68 14.69 -2.75
N LYS A 236 -28.66 14.32 -4.02
CA LYS A 236 -28.24 12.98 -4.44
C LYS A 236 -26.82 13.02 -5.00
N ASP A 237 -25.99 12.06 -4.60
CA ASP A 237 -24.64 11.93 -5.14
C ASP A 237 -24.42 10.61 -5.88
N ASP A 238 -25.43 10.19 -6.64
CA ASP A 238 -25.27 9.08 -7.58
C ASP A 238 -24.44 9.53 -8.79
N VAL A 239 -24.46 10.83 -9.06
CA VAL A 239 -23.63 11.44 -10.10
C VAL A 239 -22.76 12.52 -9.46
N GLN A 240 -21.44 12.40 -9.62
CA GLN A 240 -20.47 13.30 -9.00
C GLN A 240 -20.13 14.52 -9.86
N PHE A 241 -19.75 15.62 -9.20
CA PHE A 241 -19.38 16.86 -9.88
C PHE A 241 -18.00 17.33 -9.41
N ASP A 242 -17.35 18.14 -10.24
CA ASP A 242 -16.07 18.76 -9.92
C ASP A 242 -16.21 19.62 -8.66
N LYS A 243 -15.29 19.43 -7.72
CA LYS A 243 -15.38 20.08 -6.41
C LYS A 243 -14.73 21.46 -6.33
N ASP A 244 -14.04 21.85 -7.40
CA ASP A 244 -13.31 23.11 -7.42
C ASP A 244 -14.16 24.26 -7.95
N VAL A 245 -15.37 23.94 -8.39
CA VAL A 245 -16.29 24.92 -8.96
C VAL A 245 -16.84 25.83 -7.87
N LEU A 246 -16.62 27.13 -8.02
CA LEU A 246 -17.22 28.12 -7.13
C LEU A 246 -18.70 28.22 -7.43
N ILE A 247 -19.51 27.84 -6.45
CA ILE A 247 -20.96 27.84 -6.61
C ILE A 247 -21.57 29.21 -6.32
N SER A 248 -22.13 29.81 -7.38
CA SER A 248 -22.95 31.00 -7.28
C SER A 248 -24.36 30.55 -6.87
N TYR A 249 -24.62 30.50 -5.57
CA TYR A 249 -25.88 29.98 -5.06
C TYR A 249 -26.95 31.06 -5.04
N TRP A 250 -28.04 30.81 -5.75
CA TRP A 250 -29.11 31.81 -5.86
C TRP A 250 -30.44 31.40 -5.19
N SER A 251 -30.75 30.11 -5.23
CA SER A 251 -32.01 29.59 -4.70
C SER A 251 -31.96 28.08 -4.49
N LYS A 252 -32.83 27.59 -3.60
CA LYS A 252 -33.00 26.16 -3.43
C LYS A 252 -34.15 25.64 -4.30
N GLY A 253 -34.79 26.56 -5.01
CA GLY A 253 -35.89 26.21 -5.91
C GLY A 253 -37.25 26.34 -5.25
N TRP A 254 -38.22 25.67 -5.84
CA TRP A 254 -39.60 25.70 -5.38
C TRP A 254 -40.17 24.28 -5.43
N TRP A 255 -41.49 24.15 -5.31
CA TRP A 255 -42.13 22.85 -5.43
C TRP A 255 -41.89 22.27 -6.83
N GLY A 256 -41.30 21.08 -6.87
CA GLY A 256 -41.04 20.39 -8.14
C GLY A 256 -39.71 20.74 -8.76
N TYR A 257 -39.01 21.71 -8.17
CA TYR A 257 -37.70 22.14 -8.64
C TYR A 257 -36.75 22.02 -7.44
N ASN A 258 -36.42 20.79 -7.11
CA ASN A 258 -35.78 20.47 -5.84
C ASN A 258 -34.26 20.53 -5.88
N LEU A 259 -33.74 21.76 -5.81
CA LEU A 259 -32.30 21.98 -5.90
C LEU A 259 -31.59 21.56 -4.63
N ALA A 260 -30.30 21.28 -4.75
CA ALA A 260 -29.47 20.97 -3.60
C ALA A 260 -29.44 22.15 -2.66
N SER A 261 -29.55 21.88 -1.35
CA SER A 261 -29.43 22.90 -0.33
C SER A 261 -27.98 23.42 -0.25
N PRO A 262 -27.79 24.63 0.31
CA PRO A 262 -26.43 25.11 0.51
C PRO A 262 -25.66 24.20 1.48
N GLN A 263 -26.38 23.65 2.46
CA GLN A 263 -25.80 22.74 3.45
C GLN A 263 -25.22 21.46 2.82
N TYR A 264 -25.96 20.86 1.89
CA TYR A 264 -25.51 19.63 1.23
C TYR A 264 -24.33 19.91 0.31
N LEU A 265 -24.36 21.07 -0.33
CA LEU A 265 -23.34 21.50 -1.25
C LEU A 265 -22.05 21.84 -0.50
N ALA A 266 -22.20 22.47 0.66
CA ALA A 266 -21.07 22.81 1.54
C ALA A 266 -20.44 21.57 2.15
N SER A 267 -21.26 20.54 2.39
CA SER A 267 -20.77 19.28 2.94
C SER A 267 -19.91 18.53 1.93
N LYS A 268 -20.15 18.79 0.65
CA LYS A 268 -19.34 18.19 -0.41
C LYS A 268 -18.09 19.01 -0.73
N GLY A 269 -17.92 20.13 -0.02
CA GLY A 269 -16.69 20.91 -0.08
C GLY A 269 -16.76 22.23 -0.83
N TYR A 270 -17.94 22.56 -1.35
CA TYR A 270 -18.12 23.76 -2.17
C TYR A 270 -18.04 25.06 -1.38
N LYS A 271 -17.37 26.05 -1.97
CA LYS A 271 -17.38 27.42 -1.46
C LYS A 271 -18.39 28.23 -2.28
N PHE A 272 -19.00 29.22 -1.65
CA PHE A 272 -20.11 29.95 -2.27
C PHE A 272 -19.81 31.39 -2.64
N LEU A 273 -20.38 31.83 -3.76
CA LEU A 273 -20.57 33.25 -4.00
C LEU A 273 -22.05 33.50 -3.75
N ASN A 274 -22.34 34.16 -2.63
CA ASN A 274 -23.71 34.40 -2.20
C ASN A 274 -24.47 35.28 -3.19
N THR A 275 -25.24 34.62 -4.05
CA THR A 275 -25.99 35.29 -5.12
C THR A 275 -27.48 35.22 -4.79
N ASN A 276 -27.80 35.54 -3.55
CA ASN A 276 -29.15 35.46 -3.00
C ASN A 276 -30.18 36.12 -3.91
N GLY A 277 -31.20 35.35 -4.28
CA GLY A 277 -32.27 35.81 -5.15
C GLY A 277 -33.08 36.99 -4.61
N ASP A 278 -33.01 37.20 -3.29
CA ASP A 278 -33.67 38.33 -2.63
C ASP A 278 -33.22 39.68 -3.15
N TRP A 279 -31.95 39.75 -3.56
CA TRP A 279 -31.35 41.00 -4.04
C TRP A 279 -31.55 41.21 -5.54
N TYR A 280 -32.36 40.37 -6.16
CA TYR A 280 -32.59 40.39 -7.61
C TYR A 280 -33.45 41.56 -8.08
N TYR A 281 -33.01 42.20 -9.17
CA TYR A 281 -33.86 43.17 -9.88
C TYR A 281 -33.92 42.87 -11.38
N ILE A 282 -35.14 42.63 -11.84
CA ILE A 282 -35.43 42.44 -13.27
C ILE A 282 -35.88 43.78 -13.83
N LEU A 283 -35.20 44.23 -14.88
CA LEU A 283 -35.48 45.53 -15.50
C LEU A 283 -36.97 45.69 -15.82
N GLY A 284 -37.57 46.77 -15.31
CA GLY A 284 -38.97 47.09 -15.57
C GLY A 284 -39.97 46.28 -14.79
N GLN A 285 -39.50 45.56 -13.75
CA GLN A 285 -40.39 44.76 -12.90
C GLN A 285 -41.15 45.67 -11.94
N LYS A 286 -42.47 45.47 -11.85
CA LYS A 286 -43.34 46.29 -11.02
C LYS A 286 -43.84 45.50 -9.82
N PRO A 287 -44.17 46.20 -8.71
CA PRO A 287 -44.66 45.57 -7.47
C PRO A 287 -45.86 44.63 -7.67
N GLU A 288 -46.57 44.81 -8.79
CA GLU A 288 -47.75 44.01 -9.10
C GLU A 288 -47.41 42.70 -9.83
N ASP A 289 -46.26 42.69 -10.51
CA ASP A 289 -45.76 41.49 -11.17
C ASP A 289 -45.24 40.49 -10.14
N GLY A 290 -44.92 40.99 -8.94
CA GLY A 290 -44.29 40.18 -7.91
C GLY A 290 -42.82 39.95 -8.21
N GLY A 291 -42.22 38.99 -7.51
CA GLY A 291 -40.83 38.60 -7.77
C GLY A 291 -39.81 39.68 -7.51
N GLY A 292 -38.89 39.87 -8.44
CA GLY A 292 -37.74 40.75 -8.25
C GLY A 292 -37.91 42.18 -8.74
N PHE A 293 -38.85 42.92 -8.13
CA PHE A 293 -39.01 44.34 -8.44
C PHE A 293 -38.13 45.20 -7.52
N LEU A 294 -37.80 46.40 -7.99
CA LEU A 294 -36.78 47.24 -7.37
C LEU A 294 -36.91 47.45 -5.85
N LYS A 295 -38.08 47.89 -5.40
CA LYS A 295 -38.25 48.24 -3.98
C LYS A 295 -38.19 47.02 -3.04
N LYS A 296 -38.46 45.83 -3.57
CA LYS A 296 -38.26 44.60 -2.79
C LYS A 296 -36.76 44.31 -2.68
N ALA A 297 -36.05 44.49 -3.79
CA ALA A 297 -34.60 44.29 -3.84
C ALA A 297 -33.86 45.25 -2.90
N ILE A 298 -34.28 46.52 -2.89
CA ILE A 298 -33.71 47.54 -2.01
C ILE A 298 -34.05 47.25 -0.55
N GLU A 299 -35.22 46.67 -0.31
CA GLU A 299 -35.67 46.31 1.03
C GLU A 299 -34.91 45.10 1.57
N ASN A 300 -34.80 44.06 0.73
CA ASN A 300 -34.07 42.84 1.08
C ASN A 300 -32.57 43.06 1.21
N THR A 301 -32.11 44.16 0.62
CA THR A 301 -30.74 44.61 0.76
C THR A 301 -30.37 44.83 2.24
N GLY A 302 -31.37 45.17 3.05
CA GLY A 302 -31.21 45.34 4.49
C GLY A 302 -31.79 44.20 5.30
N LYS A 303 -32.89 43.61 4.81
CA LYS A 303 -33.54 42.49 5.51
C LYS A 303 -32.76 41.19 5.40
N THR A 304 -32.17 40.92 4.24
CA THR A 304 -31.37 39.71 4.04
C THR A 304 -29.89 40.01 4.33
N PRO A 305 -29.32 39.37 5.36
CA PRO A 305 -27.92 39.60 5.76
C PRO A 305 -26.91 39.25 4.67
N PHE A 306 -25.73 39.84 4.75
CA PHE A 306 -24.67 39.72 3.74
C PHE A 306 -24.20 38.29 3.50
N ASN A 307 -24.08 37.53 4.58
CA ASN A 307 -23.58 36.16 4.50
C ASN A 307 -24.70 35.11 4.40
N GLN A 308 -25.94 35.56 4.26
CA GLN A 308 -27.07 34.63 4.26
C GLN A 308 -27.38 34.09 2.87
N LEU A 309 -27.27 32.77 2.74
CA LEU A 309 -27.58 32.09 1.49
C LEU A 309 -29.07 31.76 1.43
N ALA A 310 -29.64 31.80 0.23
CA ALA A 310 -31.06 31.54 0.03
C ALA A 310 -31.49 30.21 0.64
N SER A 311 -32.67 30.22 1.27
CA SER A 311 -33.27 29.05 1.94
C SER A 311 -32.71 28.75 3.33
N THR A 312 -31.81 29.59 3.81
CA THR A 312 -31.24 29.42 5.15
C THR A 312 -31.34 30.70 5.97
N LYS A 313 -31.15 30.57 7.29
CA LYS A 313 -31.26 31.67 8.23
C LYS A 313 -29.90 31.96 8.86
N TYR A 314 -29.50 33.23 8.83
CA TYR A 314 -28.22 33.66 9.40
C TYR A 314 -28.43 34.33 10.76
N PRO A 315 -27.54 34.09 11.74
CA PRO A 315 -26.33 33.25 11.65
C PRO A 315 -26.51 31.79 12.08
N GLU A 316 -27.75 31.39 12.37
CA GLU A 316 -28.07 29.99 12.72
C GLU A 316 -27.37 29.01 11.77
N VAL A 317 -27.57 29.20 10.46
CA VAL A 317 -26.80 28.49 9.46
C VAL A 317 -25.72 29.43 8.95
N ASP A 318 -24.46 29.04 9.20
CA ASP A 318 -23.30 29.84 8.85
C ASP A 318 -22.39 29.02 7.93
N LEU A 319 -22.60 29.21 6.63
CA LEU A 319 -21.84 28.47 5.62
C LEU A 319 -20.78 29.38 5.00
N PRO A 320 -19.63 28.79 4.57
CA PRO A 320 -18.52 29.60 4.08
C PRO A 320 -18.79 30.15 2.70
N THR A 321 -18.62 31.46 2.56
CA THR A 321 -18.80 32.15 1.28
C THR A 321 -17.57 33.01 1.01
N VAL A 322 -17.20 33.15 -0.25
CA VAL A 322 -16.09 34.01 -0.65
C VAL A 322 -16.54 35.47 -0.74
N GLY A 323 -17.85 35.68 -0.62
CA GLY A 323 -18.44 37.01 -0.72
C GLY A 323 -19.86 36.97 -1.26
N SER A 324 -20.36 38.13 -1.68
CA SER A 324 -21.74 38.23 -2.15
C SER A 324 -21.86 38.89 -3.52
N MET A 325 -22.93 38.52 -4.24
CA MET A 325 -23.23 39.10 -5.55
C MET A 325 -24.65 39.64 -5.62
N LEU A 326 -24.78 40.87 -6.11
CA LEU A 326 -26.08 41.50 -6.36
C LEU A 326 -26.35 41.44 -7.86
N SER A 327 -27.53 40.92 -8.23
CA SER A 327 -27.78 40.58 -9.62
C SER A 327 -28.92 41.36 -10.29
N ILE A 328 -28.58 41.99 -11.42
CA ILE A 328 -29.53 42.74 -12.24
C ILE A 328 -29.83 41.96 -13.52
N TRP A 329 -31.11 41.73 -13.81
CA TRP A 329 -31.53 40.86 -14.90
C TRP A 329 -32.40 41.57 -15.95
N ALA A 330 -32.33 41.07 -17.18
CA ALA A 330 -33.09 41.65 -18.29
C ALA A 330 -33.98 40.62 -18.98
N ASP A 331 -34.84 39.97 -18.20
CA ASP A 331 -35.73 38.90 -18.69
C ASP A 331 -36.60 39.34 -19.87
N ARG A 332 -37.20 40.52 -19.75
CA ARG A 332 -37.73 41.22 -20.91
C ARG A 332 -36.69 42.28 -21.31
N PRO A 333 -35.89 42.00 -22.36
CA PRO A 333 -34.79 42.90 -22.69
C PRO A 333 -35.22 44.21 -23.35
N SER A 334 -36.49 44.31 -23.74
CA SER A 334 -37.03 45.55 -24.31
C SER A 334 -37.39 46.57 -23.23
N ALA A 335 -37.33 46.16 -21.96
CA ALA A 335 -37.52 47.08 -20.84
C ALA A 335 -36.34 48.04 -20.75
N GLU A 336 -36.63 49.27 -20.36
CA GLU A 336 -35.63 50.33 -20.31
C GLU A 336 -34.60 50.09 -19.20
N TYR A 337 -33.32 50.16 -19.53
CA TYR A 337 -32.27 50.17 -18.52
C TYR A 337 -32.13 51.60 -17.97
N LYS A 338 -32.61 51.78 -16.75
CA LYS A 338 -32.49 53.04 -16.05
C LYS A 338 -31.33 52.94 -15.07
N GLU A 339 -30.26 53.66 -15.39
CA GLU A 339 -29.03 53.63 -14.60
C GLU A 339 -29.24 54.00 -13.14
N GLU A 340 -30.20 54.90 -12.88
CA GLU A 340 -30.48 55.41 -11.54
C GLU A 340 -30.97 54.32 -10.59
N GLU A 341 -31.81 53.43 -11.11
CA GLU A 341 -32.38 52.32 -10.33
C GLU A 341 -31.30 51.36 -9.84
N ILE A 342 -30.39 51.01 -10.75
CA ILE A 342 -29.29 50.09 -10.48
C ILE A 342 -28.32 50.71 -9.48
N PHE A 343 -27.97 51.97 -9.72
CA PHE A 343 -27.10 52.74 -8.83
C PHE A 343 -27.67 52.88 -7.43
N GLU A 344 -28.99 52.97 -7.33
CA GLU A 344 -29.67 53.10 -6.05
C GLU A 344 -29.66 51.79 -5.26
N LEU A 345 -29.88 50.68 -5.96
CA LEU A 345 -29.83 49.35 -5.35
C LEU A 345 -28.41 48.97 -4.98
N MET A 346 -27.46 49.32 -5.83
CA MET A 346 -26.05 49.10 -5.55
C MET A 346 -25.63 49.83 -4.29
N THR A 347 -26.09 51.07 -4.17
CA THR A 347 -25.80 51.91 -3.01
C THR A 347 -26.37 51.32 -1.73
N ALA A 348 -27.65 50.93 -1.79
CA ALA A 348 -28.33 50.37 -0.62
C ALA A 348 -27.57 49.17 -0.05
N PHE A 349 -27.20 48.25 -0.94
CA PHE A 349 -26.44 47.05 -0.59
C PHE A 349 -25.10 47.39 0.07
N ALA A 350 -24.45 48.44 -0.43
CA ALA A 350 -23.18 48.92 0.13
C ALA A 350 -23.40 49.60 1.48
N ASP A 351 -24.46 50.39 1.59
CA ASP A 351 -24.79 51.14 2.81
C ASP A 351 -25.19 50.25 3.99
N HIS A 352 -25.83 49.13 3.70
CA HIS A 352 -26.21 48.17 4.74
C HIS A 352 -25.04 47.30 5.19
N ASN A 353 -23.93 47.37 4.46
CA ASN A 353 -22.77 46.52 4.71
C ASN A 353 -21.44 47.26 4.64
N LYS A 354 -21.37 48.41 5.30
CA LYS A 354 -20.20 49.30 5.21
C LYS A 354 -18.89 48.70 5.71
N ASP A 355 -18.96 47.57 6.39
CA ASP A 355 -17.78 46.88 6.92
C ASP A 355 -17.21 45.86 5.92
N TYR A 356 -17.99 45.52 4.91
CA TYR A 356 -17.53 44.63 3.84
C TYR A 356 -17.03 45.44 2.66
N PHE A 357 -17.77 46.51 2.35
CA PHE A 357 -17.44 47.37 1.23
C PHE A 357 -16.30 48.33 1.58
N ARG A 358 -15.57 48.72 0.53
CA ARG A 358 -14.39 49.56 0.65
C ARG A 358 -14.79 51.02 0.58
N ALA A 359 -13.92 51.90 1.09
CA ALA A 359 -14.11 53.35 0.96
C ALA A 359 -13.92 53.77 -0.51
N ASN A 360 -14.27 55.02 -0.82
CA ASN A 360 -14.14 55.54 -2.18
C ASN A 360 -12.76 56.12 -2.45
N TYR A 361 -11.96 55.40 -3.24
CA TYR A 361 -10.57 55.78 -3.50
C TYR A 361 -10.37 56.53 -4.83
N ASN A 362 -11.47 56.88 -5.49
CA ASN A 362 -11.43 57.61 -6.75
C ASN A 362 -10.85 59.03 -6.66
N ALA A 363 -11.17 59.73 -5.57
CA ALA A 363 -10.61 61.05 -5.30
C ALA A 363 -9.09 60.97 -5.08
N LEU A 364 -8.67 59.96 -4.33
CA LEU A 364 -7.26 59.69 -4.06
C LEU A 364 -6.44 59.45 -5.32
N ARG A 365 -7.01 58.70 -6.25
CA ARG A 365 -6.33 58.33 -7.51
C ARG A 365 -6.09 59.54 -8.41
N GLU A 366 -7.02 60.49 -8.39
CA GLU A 366 -6.91 61.72 -9.15
C GLU A 366 -5.86 62.67 -8.56
N GLU A 367 -5.75 62.67 -7.23
CA GLU A 367 -4.79 63.51 -6.52
C GLU A 367 -3.36 62.96 -6.68
N LEU A 368 -3.24 61.64 -6.71
CA LEU A 368 -1.96 60.96 -6.94
C LEU A 368 -1.50 61.10 -8.39
N ALA A 369 -2.46 61.25 -9.30
CA ALA A 369 -2.16 61.46 -10.72
C ALA A 369 -1.64 62.87 -10.97
N LYS A 370 -1.77 63.74 -9.97
CA LYS A 370 -1.34 65.12 -10.06
C LYS A 370 0.10 65.36 -9.60
N ILE A 371 0.73 64.35 -9.00
CA ILE A 371 2.14 64.45 -8.57
C ILE A 371 3.09 64.11 -9.72
N PRO A 372 4.11 64.95 -9.95
CA PRO A 372 5.00 64.83 -11.12
C PRO A 372 6.27 63.99 -10.87
N THR A 373 7.14 63.95 -11.88
CA THR A 373 8.47 63.32 -11.75
C THR A 373 9.31 64.07 -10.70
N ASN A 374 9.22 65.39 -10.72
CA ASN A 374 9.74 66.27 -9.65
C ASN A 374 9.34 67.73 -9.87
N LEU A 375 9.22 68.48 -8.77
CA LEU A 375 8.95 69.92 -8.81
C LEU A 375 9.68 70.65 -7.68
N SER A 379 12.93 71.25 -4.11
CA SER A 379 12.72 71.96 -2.86
C SER A 379 12.54 70.98 -1.70
N LYS A 380 13.57 70.84 -0.88
CA LYS A 380 13.68 69.80 0.16
C LYS A 380 12.51 69.68 1.14
N GLU A 381 12.25 70.75 1.89
CA GLU A 381 11.25 70.74 2.96
C GLU A 381 9.81 70.51 2.48
N SER A 382 9.47 71.12 1.34
CA SER A 382 8.15 70.96 0.73
C SER A 382 7.98 69.59 0.08
N LEU A 383 9.11 68.95 -0.26
CA LEU A 383 9.12 67.63 -0.86
C LEU A 383 9.00 66.54 0.20
N GLU A 384 9.27 66.91 1.45
CA GLU A 384 9.19 65.98 2.57
C GLU A 384 7.76 65.92 3.12
N ALA A 385 7.02 67.03 2.96
CA ALA A 385 5.59 67.07 3.27
C ALA A 385 4.80 66.27 2.24
N LEU A 386 5.26 66.31 0.99
CA LEU A 386 4.69 65.51 -0.10
C LEU A 386 4.93 64.02 0.14
N ASP A 387 6.08 63.69 0.69
CA ASP A 387 6.43 62.32 1.04
C ASP A 387 5.73 61.85 2.31
N ALA A 388 5.51 62.79 3.24
CA ALA A 388 4.84 62.50 4.51
C ALA A 388 3.35 62.20 4.34
N ALA A 389 2.69 63.00 3.50
CA ALA A 389 1.27 62.81 3.19
C ALA A 389 1.03 61.54 2.37
N LYS A 390 1.95 61.25 1.46
CA LYS A 390 1.91 60.05 0.63
C LYS A 390 2.09 58.78 1.50
N THR A 391 2.88 58.92 2.56
CA THR A 391 3.11 57.84 3.52
C THR A 391 1.86 57.56 4.35
N ALA A 392 1.18 58.61 4.78
CA ALA A 392 0.04 58.50 5.70
C ALA A 392 -1.26 58.05 5.03
N LEU A 393 -1.19 57.71 3.75
CA LEU A 393 -2.35 57.22 3.03
C LEU A 393 -2.72 55.81 3.50
N ASN A 394 -4.02 55.56 3.63
CA ASN A 394 -4.53 54.26 4.08
C ASN A 394 -5.43 53.65 3.00
N TYR A 395 -4.93 52.60 2.35
CA TYR A 395 -5.65 51.92 1.27
C TYR A 395 -6.58 50.82 1.78
N ASN A 396 -6.65 50.65 3.10
CA ASN A 396 -7.38 49.57 3.73
C ASN A 396 -8.67 50.01 4.42
N LEU A 397 -9.14 51.22 4.10
CA LEU A 397 -10.33 51.74 4.78
C LEU A 397 -11.64 51.29 4.12
N ASN A 398 -12.62 51.02 4.97
CA ASN A 398 -13.94 50.61 4.50
C ASN A 398 -14.93 51.77 4.42
N ARG A 399 -16.15 51.49 3.98
CA ARG A 399 -17.16 52.50 3.73
C ARG A 399 -17.58 53.32 4.97
N ASN A 400 -17.33 52.79 6.15
CA ASN A 400 -17.59 53.51 7.40
C ASN A 400 -16.62 54.66 7.64
N LYS A 401 -15.51 54.69 6.89
CA LYS A 401 -14.41 55.62 7.15
C LYS A 401 -14.11 56.59 6.01
N GLN A 402 -15.13 57.01 5.27
CA GLN A 402 -14.94 57.94 4.15
C GLN A 402 -14.31 59.24 4.62
N ALA A 403 -14.81 59.77 5.74
CA ALA A 403 -14.29 60.99 6.35
C ALA A 403 -12.81 60.86 6.69
N GLU A 404 -12.45 59.75 7.35
CA GLU A 404 -11.06 59.44 7.67
C GLU A 404 -10.17 59.51 6.44
N LEU A 405 -10.67 58.93 5.34
CA LEU A 405 -9.96 58.92 4.07
C LEU A 405 -9.89 60.31 3.44
N ASP A 406 -11.00 61.04 3.47
CA ASP A 406 -11.08 62.37 2.88
C ASP A 406 -10.07 63.33 3.50
N THR A 407 -9.90 63.24 4.82
CA THR A 407 -8.92 64.04 5.56
C THR A 407 -7.50 63.76 5.04
N LEU A 408 -7.20 62.48 4.81
CA LEU A 408 -5.89 62.06 4.34
C LEU A 408 -5.58 62.56 2.92
N VAL A 409 -6.60 62.52 2.06
CA VAL A 409 -6.48 63.02 0.68
C VAL A 409 -6.33 64.55 0.68
N ALA A 410 -7.01 65.21 1.62
CA ALA A 410 -6.92 66.66 1.82
C ALA A 410 -5.51 67.09 2.21
N ASN A 411 -4.88 66.30 3.09
CA ASN A 411 -3.48 66.53 3.48
C ASN A 411 -2.52 66.34 2.32
N LEU A 412 -2.86 65.44 1.39
CA LEU A 412 -2.09 65.24 0.17
C LEU A 412 -2.27 66.41 -0.80
N LYS A 413 -3.51 66.89 -0.92
CA LYS A 413 -3.82 68.05 -1.76
C LYS A 413 -3.06 69.29 -1.28
N ALA A 414 -3.07 69.51 0.03
CA ALA A 414 -2.35 70.62 0.65
C ALA A 414 -0.84 70.50 0.46
N ALA A 415 -0.31 69.30 0.67
CA ALA A 415 1.12 69.04 0.54
C ALA A 415 1.61 69.08 -0.91
N LEU A 416 0.70 68.85 -1.85
CA LEU A 416 1.01 68.94 -3.28
C LEU A 416 1.25 70.39 -3.71
N GLN A 417 0.77 71.33 -2.90
CA GLN A 417 0.93 72.76 -3.15
C GLN A 417 2.01 73.38 -2.25
N GLY A 418 3.16 72.70 -2.17
CA GLY A 418 4.36 73.21 -1.51
C GLY A 418 5.40 73.46 -2.59
N LEU A 419 5.88 74.71 -2.66
CA LEU A 419 6.68 75.20 -3.80
C LEU A 419 5.94 74.99 -5.12
N GLY B 1 21.13 -19.01 22.55
CA GLY B 1 22.39 -19.25 23.31
C GLY B 1 23.07 -17.96 23.72
N SER B 2 24.37 -17.88 23.48
CA SER B 2 25.14 -16.67 23.73
C SER B 2 24.78 -15.59 22.71
N HIS B 3 25.24 -14.36 22.94
CA HIS B 3 25.15 -13.28 21.95
C HIS B 3 25.68 -13.75 20.61
N MET B 4 26.81 -14.46 20.68
CA MET B 4 27.48 -15.02 19.52
C MET B 4 26.61 -16.05 18.81
N GLU B 5 25.96 -16.92 19.59
CA GLU B 5 25.15 -18.02 19.05
C GLU B 5 23.86 -17.57 18.38
N LYS B 6 23.20 -16.57 18.95
CA LYS B 6 21.99 -16.00 18.38
C LYS B 6 22.26 -15.30 17.06
N LEU B 7 23.33 -14.51 17.02
CA LEU B 7 23.74 -13.78 15.81
C LEU B 7 24.28 -14.70 14.72
N ALA B 8 24.83 -15.84 15.13
CA ALA B 8 25.42 -16.80 14.19
C ALA B 8 24.35 -17.58 13.43
N LYS B 9 23.11 -17.54 13.92
CA LYS B 9 22.00 -18.22 13.27
C LYS B 9 21.57 -17.50 12.00
N ASN B 10 20.93 -18.24 11.10
CA ASN B 10 20.45 -17.68 9.84
C ASN B 10 19.15 -16.90 10.00
N LYS B 11 19.10 -15.73 9.39
CA LYS B 11 17.89 -14.93 9.27
C LYS B 11 17.64 -14.70 7.79
N VAL B 12 16.68 -15.45 7.24
CA VAL B 12 16.51 -15.51 5.79
C VAL B 12 15.17 -14.93 5.33
N ILE B 13 15.23 -14.15 4.26
CA ILE B 13 14.02 -13.71 3.55
C ILE B 13 13.89 -14.48 2.23
N SER B 14 12.76 -15.18 2.09
CA SER B 14 12.48 -15.97 0.89
C SER B 14 11.63 -15.19 -0.11
N ILE B 15 12.11 -15.12 -1.35
CA ILE B 15 11.40 -14.45 -2.44
C ILE B 15 11.06 -15.46 -3.53
N ASP B 16 9.77 -15.59 -3.82
CA ASP B 16 9.29 -16.51 -4.85
C ASP B 16 9.47 -15.86 -6.23
N ALA B 17 10.69 -15.93 -6.74
CA ALA B 17 11.02 -15.36 -8.05
C ALA B 17 10.89 -16.40 -9.16
N GLY B 18 10.32 -17.55 -8.81
CA GLY B 18 10.06 -18.62 -9.76
C GLY B 18 8.71 -18.44 -10.45
N ARG B 19 7.68 -18.20 -9.65
CA ARG B 19 6.32 -17.99 -10.17
C ARG B 19 6.20 -16.64 -10.85
N LYS B 20 6.84 -15.63 -10.25
CA LYS B 20 6.69 -14.25 -10.67
C LYS B 20 8.05 -13.61 -10.94
N TYR B 21 8.10 -12.76 -11.96
CA TYR B 21 9.34 -12.08 -12.32
C TYR B 21 9.66 -10.93 -11.36
N PHE B 22 10.92 -10.85 -10.96
CA PHE B 22 11.45 -9.72 -10.21
C PHE B 22 12.64 -9.17 -10.96
N THR B 23 12.71 -7.85 -11.10
CA THR B 23 13.86 -7.22 -11.73
C THR B 23 15.04 -7.27 -10.77
N LEU B 24 16.25 -7.10 -11.30
CA LEU B 24 17.45 -7.08 -10.48
C LEU B 24 17.39 -6.00 -9.39
N ASN B 25 16.92 -4.81 -9.74
CA ASN B 25 16.81 -3.69 -8.79
C ASN B 25 15.82 -3.94 -7.66
N GLN B 26 14.73 -4.66 -7.98
CA GLN B 26 13.74 -5.05 -6.96
C GLN B 26 14.37 -5.96 -5.93
N LEU B 27 15.19 -6.90 -6.42
CA LEU B 27 15.90 -7.85 -5.56
C LEU B 27 17.05 -7.18 -4.82
N LYS B 28 17.75 -6.28 -5.51
CA LYS B 28 18.81 -5.47 -4.90
C LYS B 28 18.30 -4.69 -3.70
N ARG B 29 17.08 -4.16 -3.81
CA ARG B 29 16.45 -3.41 -2.73
C ARG B 29 15.97 -4.34 -1.62
N ILE B 30 15.68 -5.59 -1.96
CA ILE B 30 15.33 -6.61 -0.97
C ILE B 30 16.55 -6.95 -0.09
N VAL B 31 17.72 -7.15 -0.71
CA VAL B 31 18.94 -7.43 0.07
C VAL B 31 19.39 -6.20 0.87
N ASP B 32 19.04 -5.01 0.38
CA ASP B 32 19.27 -3.76 1.09
C ASP B 32 18.52 -3.74 2.41
N LYS B 33 17.19 -3.89 2.34
CA LYS B 33 16.35 -3.92 3.53
C LYS B 33 16.76 -5.08 4.44
N ALA B 34 17.16 -6.19 3.84
CA ALA B 34 17.67 -7.34 4.60
C ALA B 34 18.93 -6.98 5.39
N SER B 35 19.83 -6.22 4.76
CA SER B 35 21.05 -5.78 5.42
C SER B 35 20.74 -4.76 6.52
N GLU B 36 19.83 -3.83 6.20
CA GLU B 36 19.38 -2.81 7.15
C GLU B 36 18.78 -3.46 8.40
N LEU B 37 17.89 -4.43 8.17
CA LEU B 37 17.14 -5.06 9.25
C LEU B 37 17.91 -6.14 9.99
N GLY B 38 19.08 -6.52 9.48
CA GLY B 38 19.95 -7.47 10.17
C GLY B 38 19.73 -8.94 9.81
N TYR B 39 19.17 -9.18 8.63
CA TYR B 39 19.05 -10.53 8.07
C TYR B 39 20.44 -11.00 7.65
N SER B 40 20.60 -12.31 7.46
CA SER B 40 21.87 -12.84 7.00
C SER B 40 21.81 -13.41 5.57
N ASP B 41 20.62 -13.74 5.10
CA ASP B 41 20.45 -14.36 3.78
C ASP B 41 19.17 -13.96 3.04
N VAL B 42 19.26 -13.99 1.71
CA VAL B 42 18.08 -13.91 0.85
C VAL B 42 17.93 -15.25 0.15
N HIS B 43 16.83 -15.93 0.44
CA HIS B 43 16.50 -17.18 -0.24
C HIS B 43 15.74 -16.81 -1.50
N LEU B 44 16.27 -17.23 -2.64
CA LEU B 44 15.70 -16.83 -3.92
C LEU B 44 15.28 -18.03 -4.76
N LEU B 45 13.98 -18.26 -4.82
CA LEU B 45 13.42 -19.29 -5.69
C LEU B 45 13.50 -18.80 -7.13
N LEU B 46 14.18 -19.53 -7.98
CA LEU B 46 14.35 -19.13 -9.38
C LEU B 46 13.63 -20.11 -10.29
N GLY B 47 13.59 -21.36 -9.84
CA GLY B 47 12.77 -22.41 -10.44
C GLY B 47 11.73 -22.80 -9.42
N ASN B 48 10.48 -22.41 -9.69
CA ASN B 48 9.34 -22.68 -8.83
C ASN B 48 8.11 -22.44 -9.66
N ASP B 49 7.56 -23.51 -10.24
CA ASP B 49 6.53 -23.43 -11.27
C ASP B 49 7.13 -22.87 -12.57
N GLY B 50 7.45 -21.58 -12.58
CA GLY B 50 8.22 -20.98 -13.67
C GLY B 50 9.71 -21.14 -13.43
N LEU B 51 10.49 -21.07 -14.51
CA LEU B 51 11.95 -21.06 -14.40
C LEU B 51 12.48 -19.71 -14.88
N ARG B 52 12.80 -18.85 -13.93
CA ARG B 52 13.11 -17.45 -14.24
C ARG B 52 14.59 -17.11 -14.08
N PHE B 53 15.44 -18.02 -14.54
CA PHE B 53 16.88 -17.82 -14.55
C PHE B 53 17.51 -18.63 -15.66
N LEU B 54 18.19 -17.94 -16.57
CA LEU B 54 18.92 -18.59 -17.65
C LEU B 54 20.41 -18.32 -17.55
N LEU B 55 21.21 -19.37 -17.69
CA LEU B 55 22.66 -19.25 -17.76
C LEU B 55 23.07 -18.75 -19.14
N ASP B 56 24.30 -18.25 -19.26
CA ASP B 56 24.84 -17.82 -20.54
C ASP B 56 24.94 -19.00 -21.52
N ASP B 57 25.52 -20.11 -21.05
CA ASP B 57 25.56 -21.35 -21.82
C ASP B 57 24.67 -22.41 -21.19
N MET B 58 23.65 -22.81 -21.91
CA MET B 58 22.67 -23.76 -21.40
C MET B 58 22.69 -25.08 -22.14
N THR B 59 23.87 -25.48 -22.61
CA THR B 59 24.02 -26.75 -23.29
C THR B 59 23.91 -27.88 -22.28
N ILE B 60 22.92 -28.75 -22.51
CA ILE B 60 22.64 -29.88 -21.64
C ILE B 60 22.99 -31.17 -22.37
N THR B 61 23.68 -32.06 -21.67
CA THR B 61 24.05 -33.37 -22.20
C THR B 61 23.39 -34.47 -21.36
N ALA B 62 22.43 -35.17 -21.97
CA ALA B 62 21.71 -36.26 -21.34
C ALA B 62 21.15 -37.20 -22.40
N ASN B 63 20.90 -38.44 -22.01
CA ASN B 63 20.25 -39.44 -22.87
C ASN B 63 21.03 -39.77 -24.16
N GLY B 64 22.35 -39.69 -24.07
CA GLY B 64 23.22 -40.00 -25.21
C GLY B 64 23.23 -38.93 -26.29
N LYS B 65 22.61 -37.79 -26.00
CA LYS B 65 22.59 -36.66 -26.93
C LYS B 65 22.81 -35.33 -26.19
N THR B 66 23.14 -34.30 -26.95
CA THR B 66 23.26 -32.95 -26.38
C THR B 66 22.24 -32.02 -26.99
N TYR B 67 21.61 -31.22 -26.13
CA TYR B 67 20.62 -30.25 -26.55
C TYR B 67 21.30 -28.89 -26.63
N ALA B 68 21.24 -28.27 -27.80
CA ALA B 68 21.88 -26.98 -28.05
C ALA B 68 21.41 -25.90 -27.07
N SER B 69 22.33 -25.04 -26.67
CA SER B 69 22.07 -23.96 -25.71
C SER B 69 20.88 -23.09 -26.11
N ASP B 70 20.88 -22.62 -27.35
CA ASP B 70 19.79 -21.77 -27.88
C ASP B 70 18.43 -22.45 -27.83
N ASP B 71 18.41 -23.75 -28.10
CA ASP B 71 17.20 -24.57 -28.02
C ASP B 71 16.66 -24.68 -26.60
N VAL B 72 17.58 -24.83 -25.65
CA VAL B 72 17.22 -24.97 -24.23
C VAL B 72 16.61 -23.68 -23.70
N LYS B 73 17.23 -22.55 -24.03
CA LYS B 73 16.75 -21.22 -23.63
C LYS B 73 15.37 -20.94 -24.22
N LYS B 74 15.20 -21.27 -25.49
CA LYS B 74 13.98 -21.04 -26.24
C LYS B 74 12.83 -21.86 -25.65
N ALA B 75 13.15 -23.09 -25.25
CA ALA B 75 12.16 -23.99 -24.66
C ALA B 75 11.77 -23.59 -23.23
N ILE B 76 12.75 -23.17 -22.43
CA ILE B 76 12.49 -22.73 -21.05
C ILE B 76 11.61 -21.47 -21.04
N ILE B 77 11.96 -20.50 -21.88
CA ILE B 77 11.20 -19.26 -22.00
C ILE B 77 9.77 -19.58 -22.38
N GLU B 78 9.60 -20.50 -23.33
CA GLU B 78 8.30 -20.97 -23.78
C GLU B 78 7.51 -21.58 -22.63
N GLY B 79 8.16 -22.44 -21.85
CA GLY B 79 7.55 -23.09 -20.68
C GLY B 79 7.24 -22.14 -19.53
N THR B 80 8.12 -21.18 -19.29
CA THR B 80 7.92 -20.17 -18.26
C THR B 80 6.72 -19.27 -18.63
N LYS B 81 6.60 -18.97 -19.91
CA LYS B 81 5.47 -18.20 -20.44
C LYS B 81 4.17 -19.01 -20.47
N ALA B 82 4.29 -20.32 -20.67
CA ALA B 82 3.14 -21.22 -20.63
C ALA B 82 2.54 -21.28 -19.22
N TYR B 83 3.41 -21.23 -18.21
CA TYR B 83 2.96 -21.15 -16.83
C TYR B 83 2.31 -19.79 -16.55
N TYR B 84 3.09 -18.73 -16.75
CA TYR B 84 2.60 -17.36 -16.60
C TYR B 84 3.49 -16.40 -17.38
N ASP B 85 2.92 -15.78 -18.40
CA ASP B 85 3.64 -14.81 -19.21
C ASP B 85 3.64 -13.44 -18.52
N ASP B 86 4.58 -13.27 -17.59
CA ASP B 86 4.73 -12.03 -16.84
C ASP B 86 5.10 -10.88 -17.79
N PRO B 87 4.29 -9.80 -17.78
CA PRO B 87 4.57 -8.62 -18.61
C PRO B 87 5.77 -7.80 -18.13
N ASN B 88 6.24 -8.09 -16.92
CA ASN B 88 7.39 -7.40 -16.33
C ASN B 88 8.74 -7.97 -16.75
N GLY B 89 8.71 -9.23 -17.21
CA GLY B 89 9.91 -9.94 -17.65
C GLY B 89 9.70 -11.44 -17.63
N THR B 90 10.70 -12.18 -18.09
CA THR B 90 10.60 -13.64 -18.14
C THR B 90 11.64 -14.33 -17.25
N ALA B 91 12.92 -14.10 -17.52
CA ALA B 91 13.99 -14.78 -16.81
C ALA B 91 15.15 -13.83 -16.49
N LEU B 92 15.74 -14.00 -15.32
CA LEU B 92 16.96 -13.28 -14.95
C LEU B 92 18.15 -13.87 -15.71
N THR B 93 19.10 -13.02 -16.07
CA THR B 93 20.29 -13.48 -16.78
C THR B 93 21.41 -13.85 -15.81
N GLN B 94 22.42 -14.53 -16.32
CA GLN B 94 23.60 -14.90 -15.54
C GLN B 94 24.30 -13.65 -14.99
N ALA B 95 24.43 -12.63 -15.83
CA ALA B 95 25.07 -11.36 -15.46
C ALA B 95 24.34 -10.66 -14.31
N GLU B 96 23.01 -10.71 -14.36
CA GLU B 96 22.17 -10.07 -13.33
C GLU B 96 22.29 -10.77 -11.97
N VAL B 97 22.25 -12.10 -11.98
CA VAL B 97 22.32 -12.90 -10.75
C VAL B 97 23.73 -12.87 -10.13
N THR B 98 24.76 -12.89 -10.98
CA THR B 98 26.15 -12.72 -10.52
C THR B 98 26.31 -11.41 -9.75
N GLU B 99 25.71 -10.35 -10.28
CA GLU B 99 25.75 -9.03 -9.67
C GLU B 99 24.98 -9.00 -8.35
N LEU B 100 23.81 -9.64 -8.32
CA LEU B 100 23.02 -9.71 -7.10
C LEU B 100 23.78 -10.43 -5.99
N ILE B 101 24.54 -11.46 -6.35
CA ILE B 101 25.35 -12.21 -5.39
C ILE B 101 26.48 -11.35 -4.82
N GLU B 102 27.23 -10.69 -5.71
CA GLU B 102 28.34 -9.81 -5.32
C GLU B 102 27.86 -8.59 -4.52
N TYR B 103 26.76 -8.01 -4.95
CA TYR B 103 26.13 -6.88 -4.25
C TYR B 103 25.68 -7.31 -2.85
N ALA B 104 25.08 -8.49 -2.74
CA ALA B 104 24.66 -9.05 -1.47
C ALA B 104 25.87 -9.35 -0.58
N LYS B 105 26.95 -9.81 -1.21
CA LYS B 105 28.19 -10.11 -0.51
C LYS B 105 28.82 -8.86 0.10
N SER B 106 28.76 -7.74 -0.63
CA SER B 106 29.29 -6.46 -0.15
C SER B 106 28.56 -5.96 1.11
N LYS B 107 27.43 -6.60 1.42
CA LYS B 107 26.61 -6.21 2.57
C LYS B 107 26.39 -7.39 3.52
N ASP B 108 27.36 -8.30 3.56
CA ASP B 108 27.28 -9.55 4.34
C ASP B 108 25.89 -10.22 4.28
N ILE B 109 25.37 -10.36 3.07
CA ILE B 109 24.13 -11.08 2.82
C ILE B 109 24.44 -12.23 1.87
N GLY B 110 24.17 -13.45 2.31
CA GLY B 110 24.32 -14.60 1.44
C GLY B 110 23.10 -14.76 0.55
N LEU B 111 23.28 -15.47 -0.57
CA LEU B 111 22.16 -15.86 -1.41
C LEU B 111 21.95 -17.37 -1.33
N ILE B 112 20.69 -17.78 -1.23
CA ILE B 112 20.32 -19.18 -1.26
C ILE B 112 19.38 -19.41 -2.45
N PRO B 113 19.92 -19.93 -3.57
CA PRO B 113 19.11 -20.20 -4.75
C PRO B 113 18.28 -21.47 -4.62
N ALA B 114 17.13 -21.50 -5.28
CA ALA B 114 16.27 -22.68 -5.30
C ALA B 114 15.78 -22.97 -6.71
N ILE B 115 16.00 -24.20 -7.16
CA ILE B 115 15.44 -24.69 -8.42
C ILE B 115 14.60 -25.91 -8.07
N ASN B 116 13.28 -25.77 -8.18
CA ASN B 116 12.37 -26.80 -7.70
C ASN B 116 12.15 -27.94 -8.67
N SER B 117 12.01 -29.13 -8.11
CA SER B 117 11.75 -30.39 -8.80
C SER B 117 11.73 -31.44 -7.67
N PRO B 118 11.04 -32.58 -7.87
CA PRO B 118 10.28 -33.03 -9.05
C PRO B 118 8.89 -32.39 -9.23
N GLY B 119 8.43 -31.66 -8.21
CA GLY B 119 7.19 -30.88 -8.33
C GLY B 119 7.53 -29.45 -8.68
N HIS B 120 6.52 -28.58 -8.66
CA HIS B 120 6.70 -27.15 -8.93
C HIS B 120 7.65 -26.88 -10.12
N MET B 121 7.48 -27.66 -11.19
CA MET B 121 8.35 -27.54 -12.36
C MET B 121 7.55 -27.47 -13.66
N ASP B 122 6.54 -26.61 -13.66
CA ASP B 122 5.60 -26.45 -14.75
C ASP B 122 6.30 -26.09 -16.06
N ALA B 123 7.33 -25.25 -15.93
CA ALA B 123 8.07 -24.74 -17.08
C ALA B 123 8.98 -25.79 -17.71
N MET B 124 9.66 -26.56 -16.86
CA MET B 124 10.60 -27.57 -17.33
C MET B 124 9.90 -28.67 -18.13
N LEU B 125 8.71 -29.05 -17.68
CA LEU B 125 7.90 -30.07 -18.36
C LEU B 125 7.59 -29.65 -19.79
N VAL B 126 7.10 -28.42 -19.96
CA VAL B 126 6.81 -27.86 -21.27
C VAL B 126 8.10 -27.71 -22.09
N ALA B 127 9.15 -27.21 -21.45
CA ALA B 127 10.47 -27.07 -22.10
C ALA B 127 11.00 -28.39 -22.64
N MET B 128 10.82 -29.47 -21.87
CA MET B 128 11.22 -30.81 -22.29
C MET B 128 10.40 -31.33 -23.47
N GLU B 129 9.11 -31.03 -23.48
CA GLU B 129 8.25 -31.39 -24.61
C GLU B 129 8.76 -30.73 -25.90
N LYS B 130 9.09 -29.44 -25.81
CA LYS B 130 9.61 -28.66 -26.94
C LYS B 130 10.99 -29.15 -27.40
N LEU B 131 11.71 -29.81 -26.49
CA LEU B 131 13.03 -30.37 -26.77
C LEU B 131 12.99 -31.80 -27.29
N GLY B 132 11.77 -32.34 -27.45
CA GLY B 132 11.59 -33.69 -27.97
C GLY B 132 11.38 -34.78 -26.93
N ILE B 133 11.22 -34.37 -25.66
CA ILE B 133 10.93 -35.32 -24.59
C ILE B 133 9.42 -35.44 -24.36
N LYS B 134 8.86 -36.57 -24.80
CA LYS B 134 7.42 -36.82 -24.70
C LYS B 134 7.02 -37.27 -23.30
N ASN B 135 5.80 -36.91 -22.91
CA ASN B 135 5.18 -37.35 -21.64
C ASN B 135 6.10 -37.30 -20.42
N PRO B 136 6.66 -36.11 -20.10
CA PRO B 136 7.50 -36.04 -18.92
C PRO B 136 6.69 -35.85 -17.64
N GLN B 137 5.38 -35.69 -17.76
CA GLN B 137 4.51 -35.40 -16.62
C GLN B 137 4.03 -36.64 -15.88
N ALA B 138 3.96 -36.54 -14.56
CA ALA B 138 3.38 -37.56 -13.70
C ALA B 138 1.89 -37.73 -14.03
N HIS B 139 1.35 -38.92 -13.81
CA HIS B 139 0.00 -39.25 -14.25
C HIS B 139 -0.77 -40.08 -13.22
N PHE B 140 -1.78 -39.47 -12.61
CA PHE B 140 -2.56 -40.14 -11.56
C PHE B 140 -4.06 -40.04 -11.83
N ASP B 141 -4.77 -39.18 -11.09
CA ASP B 141 -6.19 -38.92 -11.36
C ASP B 141 -6.36 -38.17 -12.67
N LYS B 142 -5.29 -37.50 -13.08
CA LYS B 142 -5.17 -36.88 -14.40
C LYS B 142 -3.68 -36.67 -14.70
N VAL B 143 -3.37 -36.12 -15.87
CA VAL B 143 -1.98 -35.78 -16.20
C VAL B 143 -1.60 -34.52 -15.45
N SER B 144 -0.48 -34.58 -14.74
CA SER B 144 0.03 -33.44 -13.98
C SER B 144 0.58 -32.36 -14.90
N LYS B 145 0.47 -31.12 -14.45
CA LYS B 145 1.06 -29.99 -15.16
C LYS B 145 2.24 -29.42 -14.37
N THR B 146 2.45 -29.94 -13.15
CA THR B 146 3.43 -29.36 -12.24
C THR B 146 4.57 -30.31 -11.89
N THR B 147 4.40 -31.60 -12.20
CA THR B 147 5.25 -32.64 -11.65
C THR B 147 5.76 -33.65 -12.68
N MET B 148 7.01 -34.07 -12.49
CA MET B 148 7.67 -35.00 -13.39
C MET B 148 7.35 -36.45 -13.06
N ASP B 149 7.17 -37.25 -14.10
CA ASP B 149 7.05 -38.70 -14.00
C ASP B 149 8.42 -39.29 -13.63
N LEU B 150 8.51 -39.88 -12.44
CA LEU B 150 9.76 -40.46 -11.93
C LEU B 150 10.19 -41.70 -12.71
N LYS B 151 9.24 -42.26 -13.46
CA LYS B 151 9.49 -43.42 -14.30
C LYS B 151 10.06 -43.07 -15.68
N ASN B 152 9.91 -41.82 -16.09
CA ASN B 152 10.45 -41.37 -17.37
C ASN B 152 11.93 -41.03 -17.23
N GLU B 153 12.79 -41.98 -17.61
CA GLU B 153 14.23 -41.80 -17.48
C GLU B 153 14.76 -40.67 -18.35
N GLU B 154 14.19 -40.51 -19.55
CA GLU B 154 14.59 -39.45 -20.47
C GLU B 154 14.42 -38.08 -19.81
N ALA B 155 13.29 -37.90 -19.14
CA ALA B 155 12.98 -36.67 -18.40
C ALA B 155 13.89 -36.52 -17.19
N MET B 156 14.08 -37.62 -16.45
CA MET B 156 14.90 -37.60 -15.24
C MET B 156 16.36 -37.25 -15.55
N ASN B 157 16.89 -37.82 -16.64
CA ASN B 157 18.25 -37.53 -17.07
C ASN B 157 18.45 -36.08 -17.48
N PHE B 158 17.45 -35.50 -18.12
CA PHE B 158 17.50 -34.09 -18.52
C PHE B 158 17.54 -33.17 -17.31
N VAL B 159 16.55 -33.31 -16.43
CA VAL B 159 16.37 -32.45 -15.27
C VAL B 159 17.59 -32.49 -14.34
N LYS B 160 18.13 -33.68 -14.09
CA LYS B 160 19.36 -33.85 -13.31
C LYS B 160 20.53 -33.07 -13.90
N ALA B 161 20.69 -33.14 -15.21
CA ALA B 161 21.76 -32.43 -15.89
C ALA B 161 21.52 -30.91 -15.86
N LEU B 162 20.26 -30.51 -16.07
CA LEU B 162 19.87 -29.11 -15.97
C LEU B 162 20.15 -28.55 -14.57
N ILE B 163 19.68 -29.26 -13.54
CA ILE B 163 19.93 -28.87 -12.15
C ILE B 163 21.43 -28.84 -11.86
N GLY B 164 22.16 -29.77 -12.47
CA GLY B 164 23.62 -29.82 -12.35
C GLY B 164 24.29 -28.60 -12.94
N LYS B 165 23.77 -28.15 -14.09
CA LYS B 165 24.30 -26.97 -14.77
C LYS B 165 24.14 -25.72 -13.92
N TYR B 166 22.99 -25.60 -13.25
CA TYR B 166 22.72 -24.51 -12.32
C TYR B 166 23.64 -24.58 -11.10
N MET B 167 23.80 -25.79 -10.55
CA MET B 167 24.67 -26.01 -9.38
C MET B 167 26.12 -25.61 -9.67
N ASP B 168 26.60 -25.97 -10.87
CA ASP B 168 27.94 -25.59 -11.33
C ASP B 168 28.15 -24.08 -11.27
N PHE B 169 27.10 -23.33 -11.58
CA PHE B 169 27.14 -21.87 -11.52
C PHE B 169 27.22 -21.33 -10.09
N PHE B 170 26.44 -21.91 -9.18
CA PHE B 170 26.41 -21.46 -7.79
C PHE B 170 27.58 -22.01 -6.96
N ALA B 171 28.26 -23.02 -7.52
CA ALA B 171 29.47 -23.58 -6.90
C ALA B 171 30.53 -22.50 -6.73
N GLY B 172 30.89 -22.25 -5.47
CA GLY B 172 31.88 -21.23 -5.12
C GLY B 172 31.31 -19.84 -4.98
N LYS B 173 30.02 -19.69 -5.28
CA LYS B 173 29.34 -18.40 -5.19
C LYS B 173 28.36 -18.35 -4.03
N THR B 174 27.67 -19.46 -3.79
CA THR B 174 26.73 -19.58 -2.68
C THR B 174 27.12 -20.77 -1.79
N LYS B 175 26.63 -20.77 -0.55
CA LYS B 175 26.88 -21.85 0.40
C LYS B 175 25.87 -22.97 0.29
N ILE B 176 24.62 -22.58 0.00
CA ILE B 176 23.49 -23.49 0.05
C ILE B 176 22.79 -23.58 -1.30
N PHE B 177 22.24 -24.74 -1.62
CA PHE B 177 21.38 -24.93 -2.79
C PHE B 177 20.13 -25.69 -2.38
N ASN B 178 18.98 -25.07 -2.61
CA ASN B 178 17.69 -25.68 -2.30
C ASN B 178 17.12 -26.37 -3.54
N PHE B 179 17.01 -27.69 -3.49
CA PHE B 179 16.43 -28.43 -4.61
C PHE B 179 14.93 -28.74 -4.46
N GLY B 180 14.35 -28.26 -3.35
CA GLY B 180 12.90 -28.24 -3.18
C GLY B 180 12.24 -29.53 -2.72
N THR B 181 11.78 -30.33 -3.70
CA THR B 181 11.07 -31.62 -3.50
C THR B 181 9.63 -31.52 -2.97
N ASP B 182 9.33 -30.41 -2.32
CA ASP B 182 8.02 -29.77 -2.28
C ASP B 182 6.83 -30.42 -3.05
N GLN B 183 5.76 -30.76 -2.31
CA GLN B 183 4.43 -31.11 -2.87
C GLN B 183 4.36 -31.86 -4.22
N TYR B 184 4.63 -33.17 -4.20
CA TYR B 184 4.66 -33.99 -5.41
C TYR B 184 3.26 -34.23 -5.99
N ALA B 185 3.06 -33.81 -7.23
CA ALA B 185 1.82 -34.04 -7.99
C ALA B 185 0.54 -33.65 -7.26
N ASN B 186 0.57 -32.50 -6.58
CA ASN B 186 -0.60 -32.04 -5.83
C ASN B 186 -1.80 -31.68 -6.72
N ASP B 187 -1.55 -31.37 -7.98
CA ASP B 187 -2.62 -31.07 -8.94
C ASP B 187 -3.31 -32.34 -9.44
N ALA B 188 -2.56 -33.43 -9.49
CA ALA B 188 -3.05 -34.69 -10.08
C ALA B 188 -3.54 -35.71 -9.05
N THR B 189 -3.43 -35.36 -7.77
CA THR B 189 -3.73 -36.30 -6.69
C THR B 189 -4.65 -35.74 -5.60
N SER B 190 -5.24 -34.56 -5.84
CA SER B 190 -6.02 -33.84 -4.83
C SER B 190 -5.19 -33.60 -3.57
N ALA B 191 -3.96 -33.14 -3.77
CA ALA B 191 -3.00 -32.87 -2.68
C ALA B 191 -2.77 -34.06 -1.75
N GLN B 192 -2.49 -35.21 -2.35
CA GLN B 192 -2.21 -36.45 -1.61
C GLN B 192 -1.05 -37.20 -2.28
N GLY B 193 -0.16 -36.44 -2.91
CA GLY B 193 0.90 -36.99 -3.73
C GLY B 193 1.79 -38.02 -3.05
N TRP B 194 2.13 -37.76 -1.79
CA TRP B 194 2.97 -38.68 -1.03
C TRP B 194 2.26 -40.01 -0.82
N TYR B 195 0.96 -39.94 -0.50
CA TYR B 195 0.12 -41.14 -0.36
C TYR B 195 0.05 -41.93 -1.67
N TYR B 196 -0.07 -41.20 -2.78
CA TYR B 196 -0.10 -41.81 -4.11
C TYR B 196 1.21 -42.48 -4.47
N LEU B 197 2.33 -41.82 -4.15
CA LEU B 197 3.65 -42.39 -4.40
C LEU B 197 3.83 -43.70 -3.64
N LYS B 198 3.36 -43.72 -2.39
CA LYS B 198 3.35 -44.94 -1.56
C LYS B 198 2.51 -46.02 -2.24
N TRP B 199 1.31 -45.62 -2.67
CA TRP B 199 0.33 -46.53 -3.28
C TRP B 199 0.90 -47.23 -4.51
N TYR B 200 1.56 -46.47 -5.38
CA TYR B 200 2.08 -47.02 -6.63
C TYR B 200 3.54 -47.47 -6.49
N GLN B 201 4.00 -47.53 -5.25
CA GLN B 201 5.36 -47.99 -4.90
C GLN B 201 6.43 -47.23 -5.68
N LEU B 202 6.36 -45.91 -5.61
CA LEU B 202 7.28 -45.01 -6.31
C LEU B 202 7.94 -44.03 -5.36
N TYR B 203 7.68 -44.20 -4.07
CA TYR B 203 8.26 -43.37 -3.02
C TYR B 203 9.76 -43.68 -2.84
N GLY B 204 10.13 -44.94 -3.05
CA GLY B 204 11.53 -45.35 -3.06
C GLY B 204 12.30 -44.71 -4.19
N LYS B 205 11.63 -44.53 -5.33
CA LYS B 205 12.20 -43.83 -6.48
C LYS B 205 12.33 -42.33 -6.23
N PHE B 206 11.42 -41.78 -5.42
CA PHE B 206 11.47 -40.36 -5.05
C PHE B 206 12.69 -40.08 -4.17
N ALA B 207 12.95 -40.98 -3.23
CA ALA B 207 14.09 -40.87 -2.32
C ALA B 207 15.40 -40.91 -3.09
N GLU B 208 15.46 -41.83 -4.05
CA GLU B 208 16.58 -41.94 -4.98
C GLU B 208 16.88 -40.58 -5.64
N TYR B 209 15.83 -39.96 -6.16
CA TYR B 209 15.95 -38.68 -6.86
C TYR B 209 16.43 -37.54 -5.95
N ALA B 210 15.95 -37.54 -4.71
CA ALA B 210 16.32 -36.53 -3.71
C ALA B 210 17.74 -36.74 -3.21
N ASN B 211 18.10 -37.99 -2.96
CA ASN B 211 19.46 -38.35 -2.56
C ASN B 211 20.48 -38.02 -3.64
N THR B 212 20.10 -38.21 -4.90
CA THR B 212 20.96 -37.91 -6.05
C THR B 212 21.22 -36.41 -6.11
N LEU B 213 20.17 -35.61 -6.00
CA LEU B 213 20.30 -34.15 -5.98
C LEU B 213 21.12 -33.66 -4.78
N ALA B 214 21.01 -34.37 -3.66
CA ALA B 214 21.80 -34.06 -2.46
C ALA B 214 23.27 -34.39 -2.67
N ALA B 215 23.53 -35.52 -3.31
CA ALA B 215 24.90 -35.95 -3.62
C ALA B 215 25.52 -35.03 -4.66
N MET B 216 24.69 -34.50 -5.56
CA MET B 216 25.14 -33.60 -6.60
C MET B 216 25.56 -32.25 -6.01
N ALA B 217 24.82 -31.81 -4.99
CA ALA B 217 25.12 -30.56 -4.30
C ALA B 217 26.41 -30.68 -3.49
N LYS B 218 26.45 -31.67 -2.61
CA LYS B 218 27.59 -31.90 -1.72
C LYS B 218 28.92 -31.97 -2.48
N GLU B 219 28.91 -32.67 -3.60
CA GLU B 219 30.10 -32.88 -4.42
C GLU B 219 30.52 -31.63 -5.22
N ARG B 220 29.56 -30.75 -5.47
CA ARG B 220 29.84 -29.47 -6.11
C ARG B 220 30.17 -28.38 -5.08
N GLY B 221 30.21 -28.77 -3.80
CA GLY B 221 30.61 -27.88 -2.73
C GLY B 221 29.47 -27.08 -2.13
N LEU B 222 28.24 -27.52 -2.38
CA LEU B 222 27.05 -26.84 -1.88
C LEU B 222 26.38 -27.63 -0.78
N GLN B 223 25.90 -26.91 0.25
CA GLN B 223 25.09 -27.51 1.30
C GLN B 223 23.69 -27.70 0.73
N PRO B 224 23.23 -28.97 0.62
CA PRO B 224 21.92 -29.20 0.03
C PRO B 224 20.77 -28.88 0.99
N MET B 225 19.76 -28.18 0.46
CA MET B 225 18.56 -27.83 1.21
C MET B 225 17.35 -28.39 0.47
N ALA B 226 16.33 -28.77 1.23
CA ALA B 226 15.05 -29.20 0.66
C ALA B 226 13.94 -28.90 1.67
N PHE B 227 12.70 -28.82 1.18
CA PHE B 227 11.55 -28.68 2.07
C PHE B 227 11.27 -30.03 2.73
N ASN B 228 10.48 -30.03 3.81
CA ASN B 228 10.30 -31.23 4.62
C ASN B 228 9.36 -32.28 4.04
N ASP B 229 8.44 -31.86 3.17
CA ASP B 229 7.32 -32.68 2.68
C ASP B 229 7.63 -34.15 2.36
N GLY B 230 8.69 -34.39 1.60
CA GLY B 230 8.99 -35.73 1.10
C GLY B 230 9.83 -36.61 1.99
N PHE B 231 10.43 -36.02 3.02
CA PHE B 231 11.34 -36.75 3.90
C PHE B 231 10.59 -37.55 4.99
N TYR B 232 10.77 -38.86 4.96
CA TYR B 232 10.22 -39.78 5.97
C TYR B 232 8.74 -39.60 6.23
N TYR B 233 7.96 -39.55 5.15
CA TYR B 233 6.53 -39.34 5.20
C TYR B 233 5.84 -40.32 6.14
N GLU B 234 4.98 -39.78 7.01
CA GLU B 234 4.18 -40.56 7.95
C GLU B 234 5.02 -41.17 9.07
N ASP B 235 6.21 -40.60 9.28
CA ASP B 235 7.20 -41.08 10.27
C ASP B 235 7.67 -42.51 10.02
N LYS B 236 7.75 -42.90 8.76
CA LYS B 236 8.18 -44.24 8.36
C LYS B 236 9.63 -44.21 7.88
N ASP B 237 10.38 -45.28 8.16
CA ASP B 237 11.80 -45.32 7.77
C ASP B 237 12.17 -46.53 6.90
N ASP B 238 11.19 -47.05 6.17
CA ASP B 238 11.45 -48.14 5.21
C ASP B 238 12.16 -47.64 3.96
N VAL B 239 12.02 -46.35 3.68
CA VAL B 239 12.74 -45.67 2.60
C VAL B 239 13.68 -44.64 3.23
N GLN B 240 14.96 -44.73 2.87
CA GLN B 240 16.01 -43.92 3.50
C GLN B 240 16.30 -42.64 2.72
N PHE B 241 16.68 -41.59 3.45
CA PHE B 241 17.02 -40.30 2.87
C PHE B 241 18.38 -39.82 3.36
N ASP B 242 19.07 -39.07 2.49
CA ASP B 242 20.35 -38.44 2.81
C ASP B 242 20.21 -37.61 4.09
N LYS B 243 21.18 -37.76 4.99
CA LYS B 243 21.11 -37.12 6.31
C LYS B 243 21.75 -35.73 6.37
N ASP B 244 22.42 -35.35 5.29
CA ASP B 244 23.16 -34.09 5.25
C ASP B 244 22.31 -32.95 4.71
N VAL B 245 21.07 -33.26 4.35
CA VAL B 245 20.14 -32.28 3.80
C VAL B 245 19.63 -31.36 4.92
N LEU B 246 19.76 -30.05 4.70
CA LEU B 246 19.19 -29.04 5.60
C LEU B 246 17.69 -28.96 5.35
N ILE B 247 16.89 -29.31 6.35
CA ILE B 247 15.45 -29.34 6.18
C ILE B 247 14.81 -27.98 6.40
N SER B 248 14.33 -27.38 5.32
CA SER B 248 13.49 -26.20 5.37
C SER B 248 12.08 -26.65 5.79
N TYR B 249 11.83 -26.60 7.10
CA TYR B 249 10.57 -27.11 7.65
C TYR B 249 9.49 -26.03 7.69
N TRP B 250 8.39 -26.28 6.98
CA TRP B 250 7.32 -25.29 6.86
C TRP B 250 5.99 -25.71 7.49
N SER B 251 5.74 -27.01 7.59
CA SER B 251 4.46 -27.55 8.05
C SER B 251 4.54 -29.06 8.27
N LYS B 252 3.74 -29.56 9.19
CA LYS B 252 3.57 -31.00 9.38
C LYS B 252 2.40 -31.52 8.53
N GLY B 253 1.73 -30.61 7.85
CA GLY B 253 0.64 -30.97 6.96
C GLY B 253 -0.72 -30.86 7.62
N TRP B 254 -1.70 -31.51 6.99
CA TRP B 254 -3.08 -31.46 7.41
C TRP B 254 -3.68 -32.85 7.21
N TRP B 255 -4.98 -32.99 7.48
CA TRP B 255 -5.64 -34.28 7.30
C TRP B 255 -5.41 -34.84 5.89
N GLY B 256 -4.83 -36.03 5.83
CA GLY B 256 -4.59 -36.71 4.55
C GLY B 256 -3.24 -36.42 3.93
N TYR B 257 -2.56 -35.41 4.47
CA TYR B 257 -1.23 -35.03 4.02
C TYR B 257 -0.29 -35.14 5.21
N ASN B 258 -0.06 -36.38 5.63
CA ASN B 258 0.62 -36.68 6.91
C ASN B 258 2.12 -36.59 6.82
N LEU B 259 2.65 -35.37 6.77
CA LEU B 259 4.09 -35.16 6.73
C LEU B 259 4.74 -35.56 8.06
N ALA B 260 6.02 -35.92 8.00
CA ALA B 260 6.78 -36.28 9.20
C ALA B 260 6.84 -35.10 10.18
N SER B 261 6.77 -35.40 11.47
CA SER B 261 6.90 -34.38 12.50
C SER B 261 8.32 -33.85 12.56
N PRO B 262 8.51 -32.62 13.09
CA PRO B 262 9.87 -32.13 13.28
C PRO B 262 10.63 -33.01 14.28
N GLN B 263 9.90 -33.61 15.22
CA GLN B 263 10.49 -34.53 16.20
C GLN B 263 11.10 -35.78 15.57
N TYR B 264 10.41 -36.33 14.58
CA TYR B 264 10.87 -37.55 13.90
C TYR B 264 12.09 -37.28 13.02
N LEU B 265 12.05 -36.20 12.26
CA LEU B 265 13.20 -35.76 11.46
C LEU B 265 14.41 -35.42 12.31
N ALA B 266 14.18 -34.82 13.49
CA ALA B 266 15.27 -34.48 14.41
C ALA B 266 15.93 -35.73 14.98
N SER B 267 15.14 -36.77 15.19
CA SER B 267 15.68 -38.05 15.67
C SER B 267 16.49 -38.76 14.58
N LYS B 268 16.22 -38.43 13.31
CA LYS B 268 16.97 -38.96 12.18
C LYS B 268 18.30 -38.23 11.96
N GLY B 269 18.47 -37.09 12.62
CA GLY B 269 19.73 -36.34 12.60
C GLY B 269 19.71 -35.02 11.84
N TYR B 270 18.53 -34.62 11.38
CA TYR B 270 18.37 -33.41 10.58
C TYR B 270 18.44 -32.13 11.41
N LYS B 271 19.05 -31.10 10.82
CA LYS B 271 18.95 -29.74 11.35
C LYS B 271 17.96 -28.98 10.47
N PHE B 272 17.27 -28.01 11.07
CA PHE B 272 16.22 -27.28 10.38
C PHE B 272 16.59 -25.84 10.06
N LEU B 273 16.11 -25.37 8.91
CA LEU B 273 15.91 -23.96 8.70
C LEU B 273 14.44 -23.74 9.01
N ASN B 274 14.16 -23.09 10.13
CA ASN B 274 12.79 -22.86 10.58
C ASN B 274 12.03 -21.94 9.62
N THR B 275 11.24 -22.56 8.75
CA THR B 275 10.51 -21.85 7.70
C THR B 275 9.02 -21.92 8.01
N ASN B 276 8.68 -21.58 9.25
CA ASN B 276 7.30 -21.66 9.75
C ASN B 276 6.29 -20.99 8.82
N GLY B 277 5.25 -21.74 8.47
CA GLY B 277 4.19 -21.26 7.58
C GLY B 277 3.39 -20.10 8.16
N ASP B 278 3.47 -19.92 9.48
CA ASP B 278 2.84 -18.79 10.16
C ASP B 278 3.32 -17.45 9.63
N TRP B 279 4.57 -17.40 9.19
CA TRP B 279 5.18 -16.17 8.69
C TRP B 279 5.01 -16.01 7.17
N TYR B 280 4.19 -16.87 6.57
CA TYR B 280 3.95 -16.85 5.13
C TYR B 280 3.13 -15.66 4.67
N TYR B 281 3.53 -15.08 3.54
CA TYR B 281 2.73 -14.08 2.87
C TYR B 281 2.63 -14.33 1.36
N ILE B 282 1.40 -14.54 0.90
CA ILE B 282 1.10 -14.66 -0.51
C ILE B 282 0.70 -13.28 -1.01
N LEU B 283 1.29 -12.84 -2.12
CA LEU B 283 1.02 -11.51 -2.67
C LEU B 283 -0.45 -11.35 -3.06
N GLY B 284 -1.07 -10.28 -2.57
CA GLY B 284 -2.47 -9.97 -2.87
C GLY B 284 -3.49 -10.72 -2.03
N GLN B 285 -3.00 -11.61 -1.15
CA GLN B 285 -3.86 -12.40 -0.27
C GLN B 285 -4.55 -11.49 0.75
N LYS B 286 -5.85 -11.71 0.93
CA LYS B 286 -6.66 -10.86 1.81
C LYS B 286 -7.24 -11.66 2.98
N PRO B 287 -7.63 -10.98 4.07
CA PRO B 287 -8.20 -11.64 5.26
C PRO B 287 -9.40 -12.53 4.93
N GLU B 288 -10.19 -12.13 3.94
CA GLU B 288 -11.36 -12.88 3.48
C GLU B 288 -10.96 -14.24 2.88
N ASP B 289 -9.80 -14.28 2.23
CA ASP B 289 -9.27 -15.51 1.65
C ASP B 289 -8.82 -16.49 2.74
N GLY B 290 -8.31 -15.96 3.85
CA GLY B 290 -7.69 -16.78 4.89
C GLY B 290 -6.26 -17.12 4.54
N GLY B 291 -5.64 -17.99 5.33
CA GLY B 291 -4.25 -18.39 5.10
C GLY B 291 -3.26 -17.25 5.31
N GLY B 292 -2.24 -17.20 4.48
CA GLY B 292 -1.13 -16.28 4.66
C GLY B 292 -1.33 -14.87 4.12
N PHE B 293 -2.30 -14.14 4.68
CA PHE B 293 -2.47 -12.72 4.37
C PHE B 293 -1.60 -11.85 5.29
N LEU B 294 -1.28 -10.65 4.84
CA LEU B 294 -0.26 -9.81 5.48
C LEU B 294 -0.45 -9.56 6.98
N LYS B 295 -1.66 -9.14 7.37
CA LYS B 295 -1.97 -8.88 8.78
C LYS B 295 -1.67 -10.08 9.67
N LYS B 296 -1.99 -11.27 9.18
CA LYS B 296 -1.73 -12.52 9.89
C LYS B 296 -0.24 -12.76 10.08
N ALA B 297 0.52 -12.56 8.99
CA ALA B 297 1.96 -12.79 8.98
C ALA B 297 2.71 -11.87 9.95
N ILE B 298 2.34 -10.59 9.96
CA ILE B 298 2.92 -9.60 10.86
C ILE B 298 2.56 -9.91 12.32
N GLU B 299 1.36 -10.46 12.52
CA GLU B 299 0.88 -10.82 13.85
C GLU B 299 1.56 -12.10 14.35
N ASN B 300 1.70 -13.10 13.48
CA ASN B 300 2.38 -14.34 13.81
C ASN B 300 3.89 -14.15 13.98
N THR B 301 4.39 -13.08 13.37
CA THR B 301 5.76 -12.63 13.56
C THR B 301 6.08 -12.45 15.05
N GLY B 302 5.08 -12.04 15.82
CA GLY B 302 5.19 -11.89 17.27
C GLY B 302 4.64 -13.08 18.04
N LYS B 303 3.55 -13.65 17.55
CA LYS B 303 2.91 -14.80 18.18
C LYS B 303 3.76 -16.08 18.13
N THR B 304 4.34 -16.37 16.97
CA THR B 304 5.20 -17.53 16.78
C THR B 304 6.66 -17.15 17.04
N PRO B 305 7.26 -17.70 18.10
CA PRO B 305 8.65 -17.36 18.43
C PRO B 305 9.66 -17.84 17.39
N PHE B 306 10.85 -17.21 17.40
CA PHE B 306 11.90 -17.43 16.41
C PHE B 306 12.27 -18.90 16.20
N ASN B 307 12.28 -19.68 17.29
CA ASN B 307 12.73 -21.07 17.24
C ASN B 307 11.60 -22.10 17.15
N GLN B 308 10.36 -21.64 17.01
CA GLN B 308 9.24 -22.57 16.99
C GLN B 308 9.03 -23.16 15.60
N LEU B 309 9.14 -24.48 15.52
CA LEU B 309 8.84 -25.21 14.30
C LEU B 309 7.35 -25.53 14.25
N ALA B 310 6.77 -25.50 13.05
CA ALA B 310 5.34 -25.76 12.86
C ALA B 310 4.93 -27.10 13.47
N SER B 311 3.75 -27.12 14.09
CA SER B 311 3.22 -28.30 14.76
C SER B 311 3.74 -28.51 16.19
N THR B 312 4.68 -27.67 16.61
CA THR B 312 5.27 -27.81 17.95
C THR B 312 5.10 -26.54 18.79
N LYS B 313 5.10 -26.74 20.10
CA LYS B 313 4.98 -25.64 21.06
C LYS B 313 6.34 -25.39 21.73
N TYR B 314 6.87 -24.18 21.54
CA TYR B 314 8.19 -23.79 22.05
C TYR B 314 8.05 -22.98 23.34
N PRO B 315 9.00 -23.12 24.30
CA PRO B 315 10.20 -23.97 24.29
C PRO B 315 10.01 -25.39 24.82
N GLU B 316 8.76 -25.80 25.02
CA GLU B 316 8.42 -27.15 25.44
C GLU B 316 9.06 -28.20 24.52
N VAL B 317 8.97 -27.96 23.21
CA VAL B 317 9.73 -28.71 22.23
C VAL B 317 10.83 -27.80 21.71
N ASP B 318 12.07 -28.19 21.96
CA ASP B 318 13.23 -27.39 21.63
C ASP B 318 14.16 -28.16 20.70
N LEU B 319 13.98 -27.96 19.40
CA LEU B 319 14.77 -28.66 18.39
C LEU B 319 15.80 -27.75 17.73
N PRO B 320 16.98 -28.31 17.37
CA PRO B 320 18.06 -27.46 16.85
C PRO B 320 17.76 -26.97 15.45
N THR B 321 17.81 -25.64 15.30
CA THR B 321 17.66 -25.01 14.00
C THR B 321 18.88 -24.16 13.74
N VAL B 322 19.24 -24.03 12.47
CA VAL B 322 20.35 -23.17 12.05
C VAL B 322 19.91 -21.71 11.98
N GLY B 323 18.62 -21.47 12.21
CA GLY B 323 18.03 -20.14 12.07
C GLY B 323 16.67 -20.23 11.44
N SER B 324 16.10 -19.09 11.08
CA SER B 324 14.73 -19.01 10.58
C SER B 324 14.61 -18.30 9.24
N MET B 325 13.52 -18.62 8.53
CA MET B 325 13.25 -18.03 7.22
C MET B 325 11.81 -17.49 7.13
N LEU B 326 11.70 -16.22 6.74
CA LEU B 326 10.41 -15.60 6.44
C LEU B 326 10.15 -15.70 4.94
N SER B 327 8.96 -16.15 4.58
CA SER B 327 8.68 -16.52 3.19
C SER B 327 7.57 -15.72 2.51
N ILE B 328 7.91 -15.17 1.35
CA ILE B 328 6.99 -14.43 0.51
C ILE B 328 6.70 -15.27 -0.75
N TRP B 329 5.42 -15.48 -1.03
CA TRP B 329 5.00 -16.34 -2.12
C TRP B 329 4.15 -15.60 -3.14
N ALA B 330 4.14 -16.09 -4.38
CA ALA B 330 3.37 -15.48 -5.44
C ALA B 330 2.49 -16.51 -6.17
N ASP B 331 1.72 -17.27 -5.39
CA ASP B 331 0.81 -18.32 -5.91
C ASP B 331 -0.03 -17.87 -7.11
N ARG B 332 -0.54 -16.64 -7.02
CA ARG B 332 -1.16 -15.97 -8.15
C ARG B 332 -0.19 -14.87 -8.58
N PRO B 333 0.71 -15.17 -9.54
CA PRO B 333 1.81 -14.25 -9.87
C PRO B 333 1.37 -12.96 -10.57
N SER B 334 0.11 -12.88 -10.97
CA SER B 334 -0.45 -11.66 -11.57
C SER B 334 -0.70 -10.57 -10.53
N ALA B 335 -0.79 -10.96 -9.26
CA ALA B 335 -0.93 -10.01 -8.15
C ALA B 335 0.26 -9.05 -8.09
N GLU B 336 -0.02 -7.79 -7.81
CA GLU B 336 1.01 -6.74 -7.77
C GLU B 336 1.95 -6.92 -6.59
N TYR B 337 3.26 -6.86 -6.87
CA TYR B 337 4.28 -6.89 -5.82
C TYR B 337 4.43 -5.49 -5.20
N LYS B 338 3.99 -5.35 -3.96
CA LYS B 338 4.10 -4.09 -3.24
C LYS B 338 5.27 -4.16 -2.27
N GLU B 339 6.36 -3.51 -2.66
CA GLU B 339 7.61 -3.49 -1.91
C GLU B 339 7.43 -3.14 -0.44
N GLU B 340 6.52 -2.23 -0.14
CA GLU B 340 6.30 -1.73 1.22
C GLU B 340 5.66 -2.77 2.16
N GLU B 341 4.92 -3.72 1.58
CA GLU B 341 4.30 -4.81 2.34
C GLU B 341 5.36 -5.78 2.84
N ILE B 342 6.22 -6.22 1.91
CA ILE B 342 7.32 -7.13 2.19
C ILE B 342 8.29 -6.51 3.18
N PHE B 343 8.58 -5.22 2.99
CA PHE B 343 9.49 -4.47 3.86
C PHE B 343 8.98 -4.34 5.30
N GLU B 344 7.67 -4.14 5.45
CA GLU B 344 7.05 -4.01 6.77
C GLU B 344 7.01 -5.34 7.52
N LEU B 345 6.78 -6.43 6.78
CA LEU B 345 6.78 -7.77 7.35
C LEU B 345 8.19 -8.20 7.75
N MET B 346 9.16 -7.81 6.93
CA MET B 346 10.57 -8.04 7.23
C MET B 346 11.00 -7.31 8.50
N THR B 347 10.48 -6.09 8.66
CA THR B 347 10.78 -5.24 9.81
C THR B 347 10.17 -5.80 11.09
N ALA B 348 8.91 -6.23 10.99
CA ALA B 348 8.18 -6.81 12.12
C ALA B 348 8.94 -8.01 12.68
N PHE B 349 9.38 -8.88 11.76
CA PHE B 349 10.13 -10.08 12.11
C PHE B 349 11.46 -9.75 12.82
N ALA B 350 12.15 -8.74 12.30
CA ALA B 350 13.41 -8.28 12.89
C ALA B 350 13.18 -7.57 14.23
N ASP B 351 12.07 -6.84 14.32
CA ASP B 351 11.75 -6.07 15.53
C ASP B 351 11.33 -6.94 16.71
N HIS B 352 10.76 -8.11 16.44
CA HIS B 352 10.42 -9.06 17.50
C HIS B 352 11.59 -9.95 17.89
N ASN B 353 12.68 -9.88 17.12
CA ASN B 353 13.83 -10.76 17.31
C ASN B 353 15.15 -10.00 17.25
N LYS B 354 15.21 -8.88 17.96
CA LYS B 354 16.34 -7.97 17.95
C LYS B 354 17.65 -8.58 18.47
N ASP B 355 17.51 -9.59 19.33
CA ASP B 355 18.64 -10.36 19.83
C ASP B 355 19.30 -11.23 18.75
N TYR B 356 18.51 -11.63 17.76
CA TYR B 356 18.98 -12.49 16.68
C TYR B 356 19.49 -11.71 15.48
N PHE B 357 18.85 -10.57 15.20
CA PHE B 357 19.18 -9.76 14.02
C PHE B 357 20.31 -8.79 14.30
N ARG B 358 21.11 -8.51 13.26
CA ARG B 358 22.22 -7.57 13.36
C ARG B 358 21.73 -6.13 13.38
N ALA B 359 22.60 -5.24 13.88
CA ALA B 359 22.40 -3.80 13.73
C ALA B 359 22.59 -3.40 12.27
N ASN B 360 22.33 -2.14 11.97
CA ASN B 360 22.46 -1.63 10.61
C ASN B 360 23.89 -1.12 10.36
N TYR B 361 24.62 -1.85 9.52
CA TYR B 361 26.04 -1.55 9.28
C TYR B 361 26.32 -0.83 7.96
N ASN B 362 25.27 -0.33 7.32
CA ASN B 362 25.39 0.41 6.07
C ASN B 362 25.99 1.81 6.25
N ALA B 363 25.52 2.53 7.27
CA ALA B 363 26.06 3.84 7.62
C ALA B 363 27.55 3.76 7.94
N LEU B 364 27.96 2.67 8.60
CA LEU B 364 29.35 2.42 8.94
C LEU B 364 30.21 2.14 7.71
N ARG B 365 29.66 1.39 6.75
CA ARG B 365 30.37 1.08 5.51
C ARG B 365 30.53 2.32 4.62
N GLU B 366 29.55 3.22 4.67
CA GLU B 366 29.61 4.51 3.96
C GLU B 366 30.77 5.36 4.47
N GLU B 367 30.93 5.40 5.79
CA GLU B 367 31.97 6.17 6.44
C GLU B 367 33.36 5.56 6.22
N LEU B 368 33.41 4.23 6.11
CA LEU B 368 34.67 3.52 5.86
C LEU B 368 35.18 3.70 4.44
N ALA B 369 34.27 3.83 3.48
CA ALA B 369 34.62 4.10 2.08
C ALA B 369 35.14 5.53 1.91
N LYS B 370 34.82 6.37 2.89
CA LYS B 370 35.30 7.76 2.93
C LYS B 370 36.76 7.85 3.37
N ILE B 371 37.25 6.81 4.03
CA ILE B 371 38.63 6.79 4.54
C ILE B 371 39.64 6.90 3.38
N PRO B 372 40.46 7.97 3.40
CA PRO B 372 41.32 8.35 2.28
C PRO B 372 42.39 7.32 1.95
N THR B 373 42.78 7.28 0.68
CA THR B 373 43.83 6.37 0.22
C THR B 373 45.23 6.96 0.39
N ASN B 374 45.33 8.19 0.89
CA ASN B 374 46.62 8.86 1.02
C ASN B 374 46.83 9.89 2.15
N LEU B 375 45.80 10.26 2.90
CA LEU B 375 45.99 11.20 4.02
C LEU B 375 46.79 10.56 5.17
N GLU B 376 47.06 9.26 5.05
CA GLU B 376 48.01 8.57 5.93
C GLU B 376 49.45 8.79 5.42
N GLY B 377 49.57 9.51 4.31
CA GLY B 377 50.87 9.90 3.75
C GLY B 377 51.46 11.11 4.45
N TYR B 378 50.61 11.88 5.15
CA TYR B 378 51.07 12.99 5.99
C TYR B 378 50.13 13.26 7.18
N SER B 379 50.64 13.99 8.18
CA SER B 379 49.95 14.26 9.46
C SER B 379 50.10 13.10 10.45
N LYS B 380 49.86 13.36 11.74
CA LYS B 380 50.13 12.36 12.77
C LYS B 380 49.02 12.18 13.82
N GLU B 381 48.71 13.25 14.56
CA GLU B 381 47.66 13.19 15.59
C GLU B 381 46.26 13.22 14.99
N SER B 382 46.16 13.63 13.73
CA SER B 382 44.94 13.49 12.94
C SER B 382 44.78 12.01 12.54
N LEU B 383 45.91 11.30 12.50
CA LEU B 383 45.92 9.86 12.21
C LEU B 383 45.75 9.02 13.47
N GLU B 384 45.99 9.62 14.63
CA GLU B 384 45.77 8.95 15.91
C GLU B 384 44.28 8.89 16.26
N ALA B 385 43.58 9.99 15.98
CA ALA B 385 42.13 10.07 16.17
C ALA B 385 41.40 9.16 15.19
N LEU B 386 41.78 9.25 13.91
CA LEU B 386 41.20 8.42 12.84
C LEU B 386 41.42 6.93 13.08
N ASP B 387 42.39 6.60 13.93
CA ASP B 387 42.73 5.22 14.24
C ASP B 387 42.05 4.71 15.51
N ALA B 388 42.03 5.55 16.56
CA ALA B 388 41.41 5.20 17.84
C ALA B 388 39.92 4.87 17.70
N ALA B 389 39.27 5.51 16.73
CA ALA B 389 37.85 5.29 16.45
C ALA B 389 37.64 4.08 15.53
N LYS B 390 38.58 3.86 14.61
CA LYS B 390 38.55 2.71 13.70
C LYS B 390 38.71 1.40 14.49
N THR B 391 39.30 1.51 15.68
CA THR B 391 39.53 0.37 16.56
C THR B 391 38.33 0.12 17.49
N ALA B 392 37.69 1.19 17.94
CA ALA B 392 36.56 1.11 18.86
C ALA B 392 35.27 0.63 18.17
N LEU B 393 35.36 0.36 16.87
CA LEU B 393 34.24 -0.14 16.08
C LEU B 393 33.85 -1.56 16.47
N ASN B 394 32.57 -1.74 16.77
CA ASN B 394 32.02 -3.03 17.17
C ASN B 394 31.18 -3.60 16.02
N TYR B 395 31.68 -4.65 15.37
CA TYR B 395 31.01 -5.28 14.24
C TYR B 395 30.05 -6.39 14.65
N ASN B 396 29.91 -6.61 15.96
CA ASN B 396 29.16 -7.73 16.50
C ASN B 396 27.87 -7.32 17.22
N LEU B 397 27.37 -6.13 16.93
CA LEU B 397 26.19 -5.61 17.62
C LEU B 397 24.88 -6.07 16.97
N ASN B 398 23.90 -6.39 17.81
CA ASN B 398 22.59 -6.78 17.33
C ASN B 398 21.66 -5.57 17.21
N ARG B 399 20.39 -5.84 16.92
CA ARG B 399 19.41 -4.78 16.65
C ARG B 399 19.00 -3.97 17.89
N ASN B 400 19.13 -4.57 19.08
CA ASN B 400 18.85 -3.88 20.34
C ASN B 400 19.79 -2.70 20.60
N LYS B 401 20.88 -2.63 19.83
CA LYS B 401 21.97 -1.69 20.08
C LYS B 401 22.32 -0.81 18.87
N GLN B 402 21.30 -0.28 18.19
CA GLN B 402 21.55 0.61 17.05
C GLN B 402 22.17 1.94 17.50
N ALA B 403 21.67 2.49 18.60
CA ALA B 403 22.18 3.72 19.19
C ALA B 403 23.65 3.58 19.58
N GLU B 404 23.96 2.48 20.27
CA GLU B 404 25.34 2.14 20.62
C GLU B 404 26.24 2.17 19.40
N LEU B 405 25.77 1.59 18.29
CA LEU B 405 26.52 1.55 17.05
C LEU B 405 26.65 2.92 16.38
N ASP B 406 25.57 3.69 16.38
CA ASP B 406 25.56 5.02 15.77
C ASP B 406 26.59 5.95 16.41
N THR B 407 26.69 5.89 17.74
CA THR B 407 27.68 6.65 18.50
C THR B 407 29.10 6.33 18.03
N LEU B 408 29.35 5.04 17.74
CA LEU B 408 30.66 4.58 17.28
C LEU B 408 30.98 5.02 15.85
N VAL B 409 29.94 5.09 15.01
CA VAL B 409 30.08 5.60 13.64
C VAL B 409 30.28 7.12 13.68
N ALA B 410 29.57 7.78 14.61
CA ALA B 410 29.68 9.22 14.81
C ALA B 410 31.09 9.63 15.23
N ASN B 411 31.69 8.88 16.14
CA ASN B 411 33.05 9.13 16.59
C ASN B 411 34.09 8.94 15.48
N LEU B 412 33.75 8.08 14.52
CA LEU B 412 34.58 7.87 13.33
C LEU B 412 34.42 9.00 12.31
N LYS B 413 33.22 9.59 12.24
CA LYS B 413 32.97 10.76 11.40
C LYS B 413 33.83 11.94 11.87
N ALA B 414 33.76 12.22 13.18
CA ALA B 414 34.53 13.29 13.80
C ALA B 414 36.03 13.05 13.77
N ALA B 415 36.42 11.77 13.75
CA ALA B 415 37.82 11.37 13.68
C ALA B 415 38.41 11.53 12.28
N LEU B 416 37.55 11.47 11.27
CA LEU B 416 37.96 11.59 9.86
C LEU B 416 38.60 12.95 9.55
N GLN B 417 38.64 13.82 10.56
CA GLN B 417 39.33 15.10 10.51
C GLN B 417 40.62 15.03 11.31
N HIS C 3 -12.44 -47.55 -3.52
CA HIS C 3 -11.46 -47.13 -4.55
C HIS C 3 -10.06 -47.04 -3.95
N MET C 4 -9.79 -45.90 -3.34
CA MET C 4 -8.54 -45.59 -2.68
C MET C 4 -9.00 -44.77 -1.49
N GLU C 5 -10.15 -44.12 -1.68
CA GLU C 5 -10.82 -43.33 -0.67
C GLU C 5 -11.37 -44.21 0.46
N LYS C 6 -11.86 -45.39 0.09
CA LYS C 6 -12.39 -46.35 1.06
C LYS C 6 -11.32 -46.88 2.01
N LEU C 7 -10.17 -47.24 1.46
CA LEU C 7 -9.04 -47.75 2.25
C LEU C 7 -8.33 -46.65 3.03
N ALA C 8 -8.44 -45.41 2.55
CA ALA C 8 -7.83 -44.26 3.22
C ALA C 8 -8.68 -43.77 4.39
N LYS C 9 -9.93 -44.19 4.44
CA LYS C 9 -10.82 -43.86 5.56
C LYS C 9 -10.37 -44.56 6.82
N ASN C 10 -10.84 -44.07 7.97
CA ASN C 10 -10.46 -44.63 9.26
C ASN C 10 -11.37 -45.77 9.69
N LYS C 11 -10.77 -46.87 10.12
CA LYS C 11 -11.49 -48.01 10.70
C LYS C 11 -10.96 -48.17 12.11
N VAL C 12 -11.78 -47.84 13.09
CA VAL C 12 -11.31 -47.73 14.47
C VAL C 12 -12.08 -48.61 15.44
N ILE C 13 -11.34 -49.21 16.37
CA ILE C 13 -11.92 -49.91 17.51
C ILE C 13 -11.66 -49.12 18.79
N SER C 14 -12.73 -48.82 19.52
CA SER C 14 -12.64 -48.04 20.75
C SER C 14 -12.67 -48.94 21.98
N ILE C 15 -11.64 -48.82 22.81
CA ILE C 15 -11.55 -49.57 24.07
C ILE C 15 -11.68 -48.62 25.25
N ASP C 16 -12.69 -48.84 26.08
CA ASP C 16 -12.89 -48.05 27.30
C ASP C 16 -11.92 -48.53 28.37
N ALA C 17 -10.69 -48.03 28.32
CA ALA C 17 -9.66 -48.42 29.27
C ALA C 17 -9.53 -47.38 30.37
N GLY C 18 -10.54 -46.53 30.49
CA GLY C 18 -10.60 -45.52 31.54
C GLY C 18 -11.39 -46.01 32.73
N ARG C 19 -12.51 -46.68 32.47
CA ARG C 19 -13.35 -47.24 33.52
C ARG C 19 -12.76 -48.54 34.05
N LYS C 20 -12.34 -49.41 33.12
CA LYS C 20 -11.80 -50.72 33.45
C LYS C 20 -10.32 -50.76 33.09
N TYR C 21 -9.53 -51.52 33.85
CA TYR C 21 -8.12 -51.66 33.57
C TYR C 21 -7.87 -52.72 32.51
N PHE C 22 -6.97 -52.40 31.58
CA PHE C 22 -6.51 -53.36 30.57
C PHE C 22 -4.99 -53.47 30.65
N THR C 23 -4.48 -54.69 30.52
CA THR C 23 -3.04 -54.92 30.53
C THR C 23 -2.44 -54.57 29.17
N LEU C 24 -1.14 -54.28 29.16
CA LEU C 24 -0.42 -54.05 27.91
C LEU C 24 -0.62 -55.17 26.90
N ASN C 25 -0.61 -56.43 27.37
CA ASN C 25 -0.79 -57.60 26.51
C ASN C 25 -2.19 -57.73 25.93
N GLN C 26 -3.20 -57.40 26.74
CA GLN C 26 -4.59 -57.42 26.28
C GLN C 26 -4.78 -56.42 25.15
N LEU C 27 -4.25 -55.21 25.36
CA LEU C 27 -4.36 -54.14 24.38
C LEU C 27 -3.52 -54.48 23.16
N LYS C 28 -2.35 -55.04 23.41
CA LYS C 28 -1.44 -55.50 22.36
C LYS C 28 -2.14 -56.51 21.45
N ARG C 29 -2.97 -57.36 22.04
CA ARG C 29 -3.74 -58.34 21.28
C ARG C 29 -4.92 -57.70 20.54
N ILE C 30 -5.48 -56.62 21.10
CA ILE C 30 -6.55 -55.87 20.44
C ILE C 30 -6.04 -55.26 19.13
N VAL C 31 -4.90 -54.58 19.20
CA VAL C 31 -4.26 -53.99 18.00
C VAL C 31 -3.85 -55.06 16.99
N ASP C 32 -3.53 -56.24 17.49
CA ASP C 32 -3.14 -57.38 16.66
C ASP C 32 -4.33 -57.83 15.80
N LYS C 33 -5.47 -58.06 16.45
CA LYS C 33 -6.71 -58.43 15.78
C LYS C 33 -7.18 -57.28 14.87
N ALA C 34 -6.99 -56.05 15.33
CA ALA C 34 -7.27 -54.87 14.53
C ALA C 34 -6.48 -54.85 13.23
N SER C 35 -5.18 -55.15 13.32
CA SER C 35 -4.31 -55.21 12.15
C SER C 35 -4.71 -56.34 11.20
N GLU C 36 -5.07 -57.48 11.79
CA GLU C 36 -5.50 -58.67 11.07
C GLU C 36 -6.77 -58.42 10.26
N LEU C 37 -7.73 -57.75 10.88
CA LEU C 37 -9.05 -57.53 10.28
C LEU C 37 -9.09 -56.33 9.33
N GLY C 38 -8.06 -55.49 9.40
CA GLY C 38 -7.92 -54.36 8.48
C GLY C 38 -8.32 -53.01 9.05
N TYR C 39 -8.43 -52.94 10.37
CA TYR C 39 -8.65 -51.67 11.07
C TYR C 39 -7.42 -50.78 10.90
N SER C 40 -7.61 -49.47 11.08
CA SER C 40 -6.54 -48.51 10.87
C SER C 40 -6.05 -47.91 12.18
N ASP C 41 -6.95 -47.82 13.17
CA ASP C 41 -6.63 -47.22 14.46
C ASP C 41 -7.23 -47.99 15.62
N VAL C 42 -6.62 -47.82 16.79
CA VAL C 42 -7.21 -48.22 18.05
C VAL C 42 -7.46 -46.95 18.86
N HIS C 43 -8.72 -46.71 19.19
CA HIS C 43 -9.10 -45.61 20.05
C HIS C 43 -9.07 -46.13 21.49
N LEU C 44 -8.23 -45.49 22.30
CA LEU C 44 -8.00 -45.97 23.66
C LEU C 44 -8.33 -44.87 24.68
N LEU C 45 -9.50 -44.99 25.29
CA LEU C 45 -9.88 -44.08 26.37
C LEU C 45 -9.03 -44.40 27.58
N LEU C 46 -8.19 -43.43 27.98
CA LEU C 46 -7.30 -43.62 29.13
C LEU C 46 -7.82 -42.86 30.34
N GLY C 47 -8.55 -41.78 30.07
CA GLY C 47 -9.23 -41.01 31.10
C GLY C 47 -10.71 -40.99 30.75
N ASN C 48 -11.47 -41.79 31.48
CA ASN C 48 -12.91 -41.91 31.29
C ASN C 48 -13.44 -42.46 32.60
N ASP C 49 -14.03 -41.57 33.42
CA ASP C 49 -14.33 -41.85 34.83
C ASP C 49 -13.03 -42.04 35.62
N GLY C 50 -12.42 -43.20 35.48
CA GLY C 50 -11.10 -43.46 36.05
C GLY C 50 -10.02 -42.93 35.12
N LEU C 51 -8.84 -42.65 35.69
CA LEU C 51 -7.69 -42.22 34.91
C LEU C 51 -6.61 -43.30 35.01
N ARG C 52 -6.48 -44.09 33.95
CA ARG C 52 -5.66 -45.30 34.00
C ARG C 52 -4.36 -45.18 33.20
N PHE C 53 -3.76 -44.00 33.27
CA PHE C 53 -2.48 -43.73 32.62
C PHE C 53 -1.70 -42.69 33.41
N LEU C 54 -0.51 -43.07 33.88
CA LEU C 54 0.38 -42.16 34.60
C LEU C 54 1.68 -41.97 33.84
N LEU C 55 2.04 -40.72 33.59
CA LEU C 55 3.34 -40.38 33.00
C LEU C 55 4.46 -40.58 34.03
N ASP C 56 5.70 -40.62 33.54
CA ASP C 56 6.86 -40.75 34.43
C ASP C 56 7.02 -39.50 35.31
N ASP C 57 6.94 -38.33 34.71
CA ASP C 57 6.93 -37.07 35.46
C ASP C 57 5.55 -36.44 35.38
N MET C 58 4.88 -36.38 36.52
CA MET C 58 3.52 -35.85 36.59
C MET C 58 3.49 -34.50 37.31
N THR C 59 4.57 -33.73 37.16
CA THR C 59 4.64 -32.41 37.78
C THR C 59 3.73 -31.45 37.05
N ILE C 60 2.78 -30.88 37.79
CA ILE C 60 1.78 -29.97 37.24
C ILE C 60 1.99 -28.58 37.84
N THR C 61 1.99 -27.57 36.98
CA THR C 61 2.15 -26.18 37.38
C THR C 61 0.91 -25.37 37.03
N ALA C 62 0.14 -25.02 38.06
CA ALA C 62 -1.09 -24.25 37.91
C ALA C 62 -1.38 -23.48 39.19
N ASN C 63 -2.11 -22.37 39.04
CA ASN C 63 -2.57 -21.56 40.17
C ASN C 63 -1.44 -20.91 40.97
N GLY C 64 -0.37 -20.56 40.28
CA GLY C 64 0.77 -19.89 40.88
C GLY C 64 1.68 -20.83 41.65
N LYS C 65 1.41 -22.13 41.57
CA LYS C 65 2.23 -23.13 42.25
C LYS C 65 2.45 -24.40 41.43
N THR C 66 3.23 -25.32 42.00
CA THR C 66 3.47 -26.62 41.39
C THR C 66 3.02 -27.74 42.31
N TYR C 67 2.69 -28.88 41.72
CA TYR C 67 2.31 -30.07 42.45
C TYR C 67 3.34 -31.14 42.15
N ALA C 68 4.06 -31.56 43.18
CA ALA C 68 5.11 -32.58 43.02
C ALA C 68 4.57 -33.81 42.30
N SER C 69 5.38 -34.35 41.39
CA SER C 69 5.02 -35.52 40.59
C SER C 69 4.48 -36.67 41.44
N ASP C 70 5.16 -36.97 42.55
CA ASP C 70 4.76 -38.01 43.49
C ASP C 70 3.38 -37.76 44.09
N ASP C 71 3.12 -36.51 44.45
CA ASP C 71 1.84 -36.10 45.03
C ASP C 71 0.70 -36.25 44.02
N VAL C 72 1.00 -36.00 42.75
CA VAL C 72 0.02 -36.08 41.67
C VAL C 72 -0.34 -37.54 41.35
N LYS C 73 0.68 -38.40 41.24
CA LYS C 73 0.49 -39.81 40.93
C LYS C 73 -0.37 -40.50 42.00
N LYS C 74 -0.01 -40.30 43.26
CA LYS C 74 -0.66 -40.99 44.36
C LYS C 74 -2.09 -40.46 44.58
N ALA C 75 -2.30 -39.19 44.23
CA ALA C 75 -3.65 -38.60 44.25
C ALA C 75 -4.55 -39.22 43.19
N ILE C 76 -3.98 -39.42 41.99
CA ILE C 76 -4.73 -40.01 40.86
C ILE C 76 -5.05 -41.48 41.10
N ILE C 77 -4.08 -42.24 41.63
CA ILE C 77 -4.30 -43.64 41.97
C ILE C 77 -5.48 -43.74 42.93
N GLU C 78 -5.51 -42.86 43.93
CA GLU C 78 -6.59 -42.80 44.90
C GLU C 78 -7.92 -42.46 44.25
N GLY C 79 -7.89 -41.50 43.31
CA GLY C 79 -9.08 -41.11 42.56
C GLY C 79 -9.63 -42.21 41.69
N THR C 80 -8.73 -42.92 41.00
CA THR C 80 -9.12 -44.02 40.12
C THR C 80 -9.72 -45.16 40.93
N LYS C 81 -9.09 -45.47 42.07
CA LYS C 81 -9.56 -46.50 42.99
C LYS C 81 -10.84 -46.10 43.72
N ALA C 82 -11.04 -44.79 43.88
CA ALA C 82 -12.26 -44.27 44.49
C ALA C 82 -13.45 -44.47 43.56
N TYR C 83 -13.21 -44.34 42.26
CA TYR C 83 -14.23 -44.66 41.26
C TYR C 83 -14.47 -46.17 41.23
N TYR C 84 -13.40 -46.92 41.01
CA TYR C 84 -13.45 -48.37 40.94
C TYR C 84 -12.07 -49.00 41.11
N ASP C 85 -11.88 -49.68 42.25
CA ASP C 85 -10.63 -50.33 42.56
C ASP C 85 -10.51 -51.65 41.81
N ASP C 86 -10.03 -51.57 40.56
CA ASP C 86 -9.89 -52.74 39.71
C ASP C 86 -8.81 -53.69 40.25
N PRO C 87 -9.19 -54.94 40.54
CA PRO C 87 -8.24 -55.95 41.04
C PRO C 87 -7.18 -56.37 40.00
N ASN C 88 -7.41 -56.03 38.74
CA ASN C 88 -6.48 -56.37 37.66
C ASN C 88 -5.31 -55.39 37.52
N GLY C 89 -5.51 -54.17 37.99
CA GLY C 89 -4.52 -53.10 37.90
C GLY C 89 -5.16 -51.73 38.04
N THR C 90 -4.33 -50.69 38.17
CA THR C 90 -4.84 -49.33 38.33
C THR C 90 -4.59 -48.47 37.09
N ALA C 91 -3.32 -48.31 36.73
CA ALA C 91 -2.94 -47.43 35.64
C ALA C 91 -1.81 -48.01 34.77
N LEU C 92 -1.89 -47.76 33.47
CA LEU C 92 -0.81 -48.10 32.55
C LEU C 92 0.34 -47.13 32.76
N THR C 93 1.57 -47.63 32.67
CA THR C 93 2.75 -46.78 32.81
C THR C 93 3.10 -46.16 31.45
N GLN C 94 3.98 -45.15 31.48
CA GLN C 94 4.41 -44.47 30.27
C GLN C 94 5.12 -45.43 29.32
N ALA C 95 5.99 -46.27 29.87
CA ALA C 95 6.73 -47.27 29.10
C ALA C 95 5.80 -48.28 28.44
N GLU C 96 4.69 -48.59 29.11
CA GLU C 96 3.68 -49.50 28.55
C GLU C 96 2.99 -48.90 27.33
N VAL C 97 2.57 -47.64 27.45
CA VAL C 97 1.87 -46.93 26.36
C VAL C 97 2.80 -46.62 25.18
N THR C 98 4.05 -46.25 25.48
CA THR C 98 5.08 -46.05 24.45
C THR C 98 5.28 -47.33 23.62
N GLU C 99 5.30 -48.46 24.32
CA GLU C 99 5.49 -49.77 23.72
C GLU C 99 4.29 -50.15 22.85
N LEU C 100 3.09 -49.77 23.30
CA LEU C 100 1.86 -50.04 22.57
C LEU C 100 1.76 -49.21 21.29
N ILE C 101 2.24 -47.96 21.35
CA ILE C 101 2.27 -47.09 20.18
C ILE C 101 3.30 -47.59 19.15
N GLU C 102 4.48 -47.98 19.65
CA GLU C 102 5.53 -48.55 18.80
C GLU C 102 5.08 -49.86 18.15
N TYR C 103 4.41 -50.71 18.95
CA TYR C 103 3.90 -51.99 18.48
C TYR C 103 2.82 -51.80 17.43
N ALA C 104 1.86 -50.93 17.71
CA ALA C 104 0.79 -50.62 16.78
C ALA C 104 1.33 -50.03 15.48
N LYS C 105 2.38 -49.21 15.59
CA LYS C 105 3.02 -48.61 14.43
C LYS C 105 3.67 -49.64 13.51
N SER C 106 4.24 -50.69 14.09
CA SER C 106 4.88 -51.76 13.34
C SER C 106 3.88 -52.53 12.47
N LYS C 107 2.60 -52.34 12.75
CA LYS C 107 1.51 -53.02 12.06
C LYS C 107 0.58 -52.07 11.32
N ASP C 108 1.00 -50.82 11.18
CA ASP C 108 0.20 -49.76 10.55
C ASP C 108 -1.13 -49.54 11.28
N ILE C 109 -1.08 -49.58 12.60
CA ILE C 109 -2.21 -49.23 13.45
C ILE C 109 -1.87 -47.95 14.19
N GLY C 110 -2.71 -46.93 14.02
CA GLY C 110 -2.58 -45.70 14.80
C GLY C 110 -3.27 -45.86 16.14
N LEU C 111 -2.73 -45.20 17.16
CA LEU C 111 -3.41 -45.12 18.44
C LEU C 111 -4.04 -43.74 18.55
N ILE C 112 -5.26 -43.68 19.09
CA ILE C 112 -5.92 -42.41 19.39
C ILE C 112 -6.29 -42.40 20.87
N PRO C 113 -5.53 -41.65 21.69
CA PRO C 113 -5.80 -41.57 23.12
C PRO C 113 -6.94 -40.62 23.45
N ALA C 114 -7.64 -40.91 24.53
CA ALA C 114 -8.73 -40.07 25.00
C ALA C 114 -8.60 -39.79 26.49
N ILE C 115 -8.57 -38.52 26.86
CA ILE C 115 -8.58 -38.12 28.27
C ILE C 115 -9.79 -37.21 28.46
N ASN C 116 -10.81 -37.74 29.13
CA ASN C 116 -12.10 -37.06 29.20
C ASN C 116 -12.17 -35.95 30.24
N SER C 117 -12.99 -34.96 29.93
CA SER C 117 -13.27 -33.79 30.75
C SER C 117 -14.13 -32.89 29.85
N PRO C 118 -14.98 -32.01 30.44
CA PRO C 118 -15.19 -31.73 31.86
C PRO C 118 -16.07 -32.76 32.59
N GLY C 119 -16.67 -33.69 31.84
CA GLY C 119 -17.41 -34.81 32.42
C GLY C 119 -16.58 -36.07 32.41
N HIS C 120 -17.15 -37.16 32.93
CA HIS C 120 -16.47 -38.45 32.97
C HIS C 120 -15.05 -38.35 33.55
N MET C 121 -14.92 -37.65 34.67
CA MET C 121 -13.62 -37.42 35.30
C MET C 121 -13.66 -37.62 36.82
N ASP C 122 -14.33 -38.70 37.24
CA ASP C 122 -14.46 -39.08 38.65
C ASP C 122 -13.11 -39.11 39.35
N ALA C 123 -12.14 -39.72 38.68
CA ALA C 123 -10.81 -39.91 39.24
C ALA C 123 -10.08 -38.58 39.50
N MET C 124 -10.15 -37.67 38.53
CA MET C 124 -9.46 -36.38 38.64
C MET C 124 -10.03 -35.52 39.76
N LEU C 125 -11.36 -35.53 39.90
CA LEU C 125 -12.03 -34.74 40.93
C LEU C 125 -11.51 -35.06 42.33
N VAL C 126 -11.46 -36.36 42.66
CA VAL C 126 -10.95 -36.83 43.94
C VAL C 126 -9.46 -36.52 44.07
N ALA C 127 -8.72 -36.75 42.98
CA ALA C 127 -7.29 -36.45 42.92
C ALA C 127 -7.00 -34.99 43.25
N MET C 128 -7.85 -34.10 42.75
CA MET C 128 -7.75 -32.67 43.05
C MET C 128 -8.11 -32.36 44.50
N GLU C 129 -9.04 -33.13 45.07
CA GLU C 129 -9.41 -32.97 46.47
C GLU C 129 -8.25 -33.34 47.38
N LYS C 130 -7.65 -34.49 47.10
CA LYS C 130 -6.47 -34.97 47.83
C LYS C 130 -5.28 -34.00 47.72
N LEU C 131 -5.33 -33.14 46.71
CA LEU C 131 -4.22 -32.27 46.34
C LEU C 131 -4.38 -30.84 46.86
N GLY C 132 -5.47 -30.58 47.57
CA GLY C 132 -5.72 -29.27 48.18
C GLY C 132 -6.76 -28.42 47.48
N ILE C 133 -7.25 -28.87 46.33
CA ILE C 133 -8.26 -28.12 45.58
C ILE C 133 -9.66 -28.47 46.06
N LYS C 134 -10.25 -27.58 46.86
CA LYS C 134 -11.58 -27.78 47.43
C LYS C 134 -12.67 -27.62 46.38
N ASN C 135 -13.70 -28.46 46.49
CA ASN C 135 -14.92 -28.39 45.67
C ASN C 135 -14.71 -28.24 44.17
N PRO C 136 -14.04 -29.21 43.51
CA PRO C 136 -13.85 -29.11 42.08
C PRO C 136 -15.07 -29.59 41.28
N GLN C 137 -16.05 -30.16 41.97
CA GLN C 137 -17.21 -30.78 41.34
C GLN C 137 -18.33 -29.81 40.98
N ALA C 138 -18.98 -30.06 39.85
CA ALA C 138 -20.16 -29.31 39.44
C ALA C 138 -21.29 -29.57 40.43
N HIS C 139 -22.17 -28.58 40.58
CA HIS C 139 -23.23 -28.68 41.59
C HIS C 139 -24.57 -28.15 41.08
N PHE C 140 -25.49 -29.08 40.82
CA PHE C 140 -26.83 -28.73 40.36
C PHE C 140 -27.91 -29.29 41.30
N ASP C 141 -28.57 -30.38 40.91
CA ASP C 141 -29.55 -31.03 41.80
C ASP C 141 -28.84 -31.72 42.97
N LYS C 142 -27.56 -32.01 42.77
CA LYS C 142 -26.67 -32.55 43.79
C LYS C 142 -25.24 -32.22 43.40
N VAL C 143 -24.29 -32.52 44.28
CA VAL C 143 -22.88 -32.41 43.94
C VAL C 143 -22.56 -33.56 42.99
N SER C 144 -21.96 -33.23 41.85
CA SER C 144 -21.55 -34.23 40.88
C SER C 144 -20.39 -35.05 41.41
N LYS C 145 -20.31 -36.30 40.97
CA LYS C 145 -19.17 -37.15 41.27
C LYS C 145 -18.36 -37.39 40.01
N THR C 146 -18.84 -36.85 38.89
CA THR C 146 -18.29 -37.14 37.57
C THR C 146 -17.76 -35.92 36.83
N THR C 147 -18.24 -34.74 37.21
CA THR C 147 -18.09 -33.56 36.38
C THR C 147 -17.51 -32.34 37.11
N MET C 148 -16.60 -31.65 36.43
CA MET C 148 -15.96 -30.47 36.98
C MET C 148 -16.86 -29.23 36.95
N ASP C 149 -16.72 -28.41 37.99
CA ASP C 149 -17.35 -27.10 38.05
C ASP C 149 -16.54 -26.13 37.18
N LEU C 150 -17.19 -25.56 36.17
CA LEU C 150 -16.52 -24.68 35.21
C LEU C 150 -16.14 -23.32 35.80
N LYS C 151 -16.81 -22.97 36.90
CA LYS C 151 -16.57 -21.71 37.60
C LYS C 151 -15.43 -21.79 38.62
N ASN C 152 -14.93 -23.00 38.85
CA ASN C 152 -13.80 -23.20 39.74
C ASN C 152 -12.48 -23.09 38.97
N GLU C 153 -11.86 -21.92 39.06
CA GLU C 153 -10.60 -21.62 38.37
C GLU C 153 -9.45 -22.51 38.82
N GLU C 154 -9.38 -22.82 40.11
CA GLU C 154 -8.31 -23.66 40.63
C GLU C 154 -8.33 -25.02 39.95
N ALA C 155 -9.52 -25.58 39.79
CA ALA C 155 -9.72 -26.88 39.15
C ALA C 155 -9.52 -26.81 37.63
N MET C 156 -10.07 -25.78 37.00
CA MET C 156 -9.96 -25.58 35.56
C MET C 156 -8.49 -25.48 35.14
N ASN C 157 -7.74 -24.63 35.83
CA ASN C 157 -6.30 -24.47 35.58
C ASN C 157 -5.54 -25.77 35.74
N PHE C 158 -5.88 -26.54 36.76
CA PHE C 158 -5.23 -27.81 37.03
C PHE C 158 -5.46 -28.81 35.92
N VAL C 159 -6.72 -29.05 35.58
CA VAL C 159 -7.10 -30.03 34.56
C VAL C 159 -6.50 -29.67 33.19
N LYS C 160 -6.55 -28.39 32.83
CA LYS C 160 -5.91 -27.88 31.62
C LYS C 160 -4.42 -28.19 31.59
N ALA C 161 -3.74 -27.94 32.70
CA ALA C 161 -2.32 -28.24 32.80
C ALA C 161 -2.07 -29.75 32.72
N LEU C 162 -2.88 -30.52 33.42
CA LEU C 162 -2.78 -31.98 33.40
C LEU C 162 -2.98 -32.54 31.99
N ILE C 163 -4.02 -32.09 31.31
CA ILE C 163 -4.33 -32.55 29.94
C ILE C 163 -3.21 -32.17 28.97
N GLY C 164 -2.69 -30.95 29.11
CA GLY C 164 -1.54 -30.49 28.32
C GLY C 164 -0.30 -31.33 28.55
N LYS C 165 -0.16 -31.87 29.75
CA LYS C 165 0.97 -32.71 30.08
C LYS C 165 0.85 -34.06 29.35
N TYR C 166 -0.36 -34.61 29.32
CA TYR C 166 -0.66 -35.80 28.54
C TYR C 166 -0.45 -35.54 27.05
N MET C 167 -0.93 -34.38 26.60
CA MET C 167 -0.78 -33.96 25.20
C MET C 167 0.69 -33.86 24.80
N ASP C 168 1.51 -33.25 25.67
CA ASP C 168 2.96 -33.13 25.45
C ASP C 168 3.60 -34.48 25.12
N PHE C 169 3.16 -35.50 25.84
CA PHE C 169 3.63 -36.86 25.64
C PHE C 169 3.15 -37.46 24.31
N PHE C 170 1.85 -37.32 24.01
CA PHE C 170 1.27 -37.89 22.79
C PHE C 170 1.66 -37.13 21.52
N ALA C 171 2.18 -35.91 21.69
CA ALA C 171 2.66 -35.09 20.58
C ALA C 171 3.85 -35.75 19.89
N GLY C 172 3.70 -36.00 18.59
CA GLY C 172 4.73 -36.66 17.80
C GLY C 172 4.68 -38.19 17.90
N LYS C 173 3.76 -38.71 18.70
CA LYS C 173 3.57 -40.14 18.82
C LYS C 173 2.23 -40.55 18.20
N THR C 174 1.22 -39.72 18.42
CA THR C 174 -0.12 -39.94 17.87
C THR C 174 -0.54 -38.73 17.02
N LYS C 175 -1.47 -38.95 16.10
CA LYS C 175 -1.99 -37.87 15.25
C LYS C 175 -3.16 -37.16 15.93
N ILE C 176 -4.00 -37.93 16.61
CA ILE C 176 -5.25 -37.42 17.17
C ILE C 176 -5.24 -37.48 18.69
N PHE C 177 -5.92 -36.51 19.31
CA PHE C 177 -6.16 -36.55 20.75
C PHE C 177 -7.63 -36.24 21.03
N ASN C 178 -8.33 -37.21 21.59
CA ASN C 178 -9.72 -37.03 21.95
C ASN C 178 -9.84 -36.46 23.37
N PHE C 179 -10.35 -35.24 23.47
CA PHE C 179 -10.60 -34.64 24.78
C PHE C 179 -12.04 -34.83 25.29
N GLY C 180 -12.84 -35.58 24.53
CA GLY C 180 -14.16 -36.04 24.94
C GLY C 180 -15.27 -35.00 25.00
N THR C 181 -15.48 -34.44 26.19
CA THR C 181 -16.50 -33.43 26.50
C THR C 181 -17.97 -33.91 26.47
N ASP C 182 -18.18 -35.21 26.55
CA ASP C 182 -19.54 -35.77 26.50
C ASP C 182 -20.26 -35.73 27.85
N GLN C 183 -21.59 -35.61 27.79
CA GLN C 183 -22.48 -35.77 28.95
C GLN C 183 -22.05 -35.01 30.21
N TYR C 184 -22.14 -33.68 30.16
CA TYR C 184 -21.80 -32.83 31.30
C TYR C 184 -22.76 -33.04 32.47
N ALA C 185 -22.21 -33.44 33.61
CA ALA C 185 -22.96 -33.58 34.86
C ALA C 185 -24.25 -34.39 34.73
N ASN C 186 -24.17 -35.54 34.06
CA ASN C 186 -25.33 -36.39 33.88
C ASN C 186 -25.87 -37.00 35.18
N ASP C 187 -25.02 -37.12 36.19
CA ASP C 187 -25.42 -37.64 37.49
C ASP C 187 -26.20 -36.61 38.32
N ALA C 188 -25.89 -35.34 38.11
CA ALA C 188 -26.44 -34.26 38.94
C ALA C 188 -27.57 -33.48 38.27
N THR C 189 -27.98 -33.92 37.07
CA THR C 189 -28.96 -33.19 36.27
C THR C 189 -30.03 -34.09 35.67
N SER C 190 -30.03 -35.36 36.05
CA SER C 190 -30.90 -36.39 35.44
C SER C 190 -30.69 -36.44 33.93
N ALA C 191 -29.42 -36.50 33.52
CA ALA C 191 -29.01 -36.53 32.11
C ALA C 191 -29.56 -35.36 31.29
N GLN C 192 -29.43 -34.15 31.82
CA GLN C 192 -29.88 -32.93 31.15
C GLN C 192 -28.85 -31.82 31.31
N GLY C 193 -27.58 -32.20 31.30
CA GLY C 193 -26.48 -31.29 31.56
C GLY C 193 -26.40 -30.07 30.65
N TRP C 194 -26.63 -30.27 29.36
CA TRP C 194 -26.58 -29.17 28.40
C TRP C 194 -27.72 -28.21 28.66
N TYR C 195 -28.87 -28.75 29.04
CA TYR C 195 -30.02 -27.93 29.42
C TYR C 195 -29.76 -27.11 30.69
N TYR C 196 -29.07 -27.72 31.66
CA TYR C 196 -28.68 -27.03 32.90
C TYR C 196 -27.61 -25.97 32.67
N LEU C 197 -26.69 -26.23 31.74
CA LEU C 197 -25.64 -25.27 31.41
C LEU C 197 -26.20 -24.00 30.79
N LYS C 198 -27.17 -24.16 29.89
N LYS C 198 -27.18 -24.16 29.89
CA LYS C 198 -27.89 -23.03 29.30
CA LYS C 198 -27.89 -23.03 29.30
C LYS C 198 -28.69 -22.26 30.37
C LYS C 198 -28.69 -22.26 30.36
N TRP C 199 -29.39 -23.01 31.22
CA TRP C 199 -30.21 -22.43 32.29
C TRP C 199 -29.41 -21.56 33.26
N TYR C 200 -28.21 -22.04 33.60
CA TYR C 200 -27.36 -21.31 34.53
C TYR C 200 -26.32 -20.46 33.80
N GLN C 201 -26.57 -20.25 32.50
CA GLN C 201 -25.76 -19.38 31.64
C GLN C 201 -24.27 -19.71 31.65
N LEU C 202 -23.98 -21.00 31.60
CA LEU C 202 -22.61 -21.53 31.68
C LEU C 202 -22.21 -22.29 30.43
N TYR C 203 -23.06 -22.26 29.42
CA TYR C 203 -22.80 -22.96 28.17
C TYR C 203 -21.69 -22.29 27.36
N GLY C 204 -21.68 -20.96 27.38
CA GLY C 204 -20.59 -20.18 26.80
C GLY C 204 -19.27 -20.51 27.48
N LYS C 205 -19.35 -20.75 28.79
CA LYS C 205 -18.19 -21.12 29.59
C LYS C 205 -17.68 -22.51 29.21
N PHE C 206 -18.59 -23.38 28.82
CA PHE C 206 -18.25 -24.74 28.40
C PHE C 206 -17.48 -24.74 27.08
N ALA C 207 -17.97 -23.97 26.11
CA ALA C 207 -17.34 -23.86 24.80
C ALA C 207 -15.95 -23.26 24.93
N GLU C 208 -15.82 -22.28 25.82
CA GLU C 208 -14.55 -21.64 26.10
C GLU C 208 -13.52 -22.65 26.61
N TYR C 209 -13.99 -23.62 27.38
CA TYR C 209 -13.14 -24.70 27.88
C TYR C 209 -12.74 -25.67 26.77
N ALA C 210 -13.68 -26.01 25.90
CA ALA C 210 -13.43 -26.94 24.79
C ALA C 210 -12.54 -26.32 23.72
N ASN C 211 -12.81 -25.06 23.39
CA ASN C 211 -12.02 -24.33 22.41
C ASN C 211 -10.55 -24.21 22.84
N THR C 212 -10.34 -24.11 24.15
CA THR C 212 -9.00 -24.08 24.73
C THR C 212 -8.30 -25.42 24.50
N LEU C 213 -9.00 -26.50 24.82
CA LEU C 213 -8.49 -27.86 24.63
C LEU C 213 -8.21 -28.19 23.16
N ALA C 214 -9.05 -27.65 22.27
CA ALA C 214 -8.85 -27.78 20.83
C ALA C 214 -7.62 -27.00 20.39
N ALA C 215 -7.40 -25.83 20.99
CA ALA C 215 -6.22 -25.02 20.68
C ALA C 215 -4.95 -25.61 21.27
N MET C 216 -5.06 -26.11 22.51
CA MET C 216 -3.93 -26.76 23.18
C MET C 216 -3.40 -27.93 22.36
N ALA C 217 -4.32 -28.66 21.72
CA ALA C 217 -3.99 -29.81 20.89
C ALA C 217 -3.25 -29.39 19.62
N LYS C 218 -3.83 -28.43 18.91
CA LYS C 218 -3.33 -27.99 17.60
C LYS C 218 -1.90 -27.46 17.63
N GLU C 219 -1.58 -26.65 18.65
CA GLU C 219 -0.23 -26.09 18.79
C GLU C 219 0.81 -27.17 19.14
N ARG C 220 0.33 -28.30 19.62
CA ARG C 220 1.18 -29.46 19.91
C ARG C 220 1.17 -30.46 18.74
N GLY C 221 0.52 -30.06 17.64
CA GLY C 221 0.48 -30.87 16.43
C GLY C 221 -0.40 -32.10 16.57
N LEU C 222 -1.47 -31.97 17.33
CA LEU C 222 -2.43 -33.05 17.48
C LEU C 222 -3.78 -32.61 16.94
N GLN C 223 -4.37 -33.45 16.11
CA GLN C 223 -5.73 -33.24 15.63
C GLN C 223 -6.67 -33.38 16.83
N PRO C 224 -7.43 -32.31 17.14
CA PRO C 224 -8.37 -32.41 18.24
C PRO C 224 -9.63 -33.19 17.87
N MET C 225 -10.05 -34.06 18.78
CA MET C 225 -11.28 -34.82 18.65
C MET C 225 -12.12 -34.67 19.91
N ALA C 226 -13.44 -34.66 19.73
CA ALA C 226 -14.39 -34.63 20.84
C ALA C 226 -15.68 -35.33 20.43
N PHE C 227 -16.45 -35.80 21.41
CA PHE C 227 -17.76 -36.37 21.13
C PHE C 227 -18.74 -35.24 20.84
N ASN C 228 -19.81 -35.54 20.12
CA ASN C 228 -20.71 -34.50 19.59
C ASN C 228 -21.56 -33.74 20.62
N ASP C 229 -21.85 -34.36 21.76
CA ASP C 229 -22.82 -33.85 22.74
C ASP C 229 -22.89 -32.32 22.90
N GLY C 230 -21.75 -31.72 23.27
CA GLY C 230 -21.69 -30.32 23.63
C GLY C 230 -21.63 -29.31 22.49
N PHE C 231 -21.33 -29.78 21.28
CA PHE C 231 -21.20 -28.90 20.13
C PHE C 231 -22.56 -28.47 19.56
N TYR C 232 -22.78 -27.16 19.56
CA TYR C 232 -23.98 -26.52 18.99
C TYR C 232 -25.29 -27.16 19.40
N TYR C 233 -25.45 -27.33 20.72
CA TYR C 233 -26.60 -28.01 21.30
C TYR C 233 -27.93 -27.38 20.88
N GLU C 234 -28.84 -28.23 20.41
CA GLU C 234 -30.18 -27.86 19.93
C GLU C 234 -30.15 -27.08 18.62
N ASP C 235 -29.07 -27.25 17.87
CA ASP C 235 -28.84 -26.56 16.59
C ASP C 235 -28.79 -25.03 16.73
N LYS C 236 -28.37 -24.56 17.89
CA LYS C 236 -28.19 -23.13 18.14
C LYS C 236 -26.73 -22.72 17.99
N ASP C 237 -26.50 -21.51 17.46
CA ASP C 237 -25.14 -20.99 17.29
C ASP C 237 -24.90 -19.64 17.98
N ASP C 238 -25.58 -19.41 19.10
CA ASP C 238 -25.33 -18.24 19.93
C ASP C 238 -23.96 -18.34 20.61
N VAL C 239 -23.49 -19.57 20.78
CA VAL C 239 -22.14 -19.83 21.29
C VAL C 239 -21.33 -20.57 20.21
N GLN C 240 -20.17 -20.02 19.88
CA GLN C 240 -19.31 -20.58 18.81
C GLN C 240 -18.35 -21.65 19.33
N PHE C 241 -18.01 -22.60 18.47
CA PHE C 241 -17.05 -23.65 18.78
C PHE C 241 -15.99 -23.71 17.70
N ASP C 242 -14.81 -24.18 18.08
CA ASP C 242 -13.69 -24.38 17.17
C ASP C 242 -14.09 -25.36 16.06
N LYS C 243 -13.80 -25.00 14.82
CA LYS C 243 -14.26 -25.75 13.65
C LYS C 243 -13.33 -26.89 13.23
N ASP C 244 -12.10 -26.87 13.75
CA ASP C 244 -11.08 -27.85 13.36
C ASP C 244 -11.23 -29.18 14.11
N VAL C 245 -12.12 -29.22 15.09
CA VAL C 245 -12.34 -30.40 15.91
C VAL C 245 -13.04 -31.50 15.11
N LEU C 246 -12.43 -32.67 15.06
CA LEU C 246 -13.05 -33.86 14.46
C LEU C 246 -14.11 -34.38 15.41
N ILE C 247 -15.36 -34.42 14.91
CA ILE C 247 -16.48 -34.83 15.75
C ILE C 247 -16.67 -36.34 15.72
N SER C 248 -16.51 -36.95 16.89
CA SER C 248 -16.87 -38.33 17.12
C SER C 248 -18.39 -38.40 17.35
N TYR C 249 -19.15 -38.58 16.27
CA TYR C 249 -20.61 -38.53 16.36
C TYR C 249 -21.21 -39.90 16.66
N TRP C 250 -21.94 -39.99 17.78
CA TRP C 250 -22.48 -41.26 18.26
C TRP C 250 -24.01 -41.31 18.37
N SER C 251 -24.63 -40.17 18.64
CA SER C 251 -26.07 -40.08 18.84
C SER C 251 -26.56 -38.65 18.76
N LYS C 252 -27.84 -38.49 18.41
CA LYS C 252 -28.49 -37.18 18.48
C LYS C 252 -29.25 -37.04 19.80
N GLY C 253 -29.13 -38.06 20.65
CA GLY C 253 -29.77 -38.03 21.95
C GLY C 253 -31.16 -38.62 21.94
N TRP C 254 -31.97 -38.14 22.88
CA TRP C 254 -33.33 -38.63 23.10
C TRP C 254 -34.16 -37.46 23.59
N TRP C 255 -35.35 -37.74 24.13
CA TRP C 255 -36.23 -36.69 24.63
C TRP C 255 -35.60 -35.97 25.81
N GLY C 256 -35.44 -34.65 25.68
CA GLY C 256 -34.87 -33.81 26.73
C GLY C 256 -33.37 -33.65 26.67
N TYR C 257 -32.75 -34.40 25.76
CA TYR C 257 -31.31 -34.35 25.53
C TYR C 257 -31.12 -34.09 24.04
N ASN C 258 -31.45 -32.86 23.64
CA ASN C 258 -31.55 -32.51 22.23
C ASN C 258 -30.23 -32.08 21.63
N LEU C 259 -29.40 -33.07 21.33
CA LEU C 259 -28.08 -32.84 20.72
C LEU C 259 -28.22 -32.29 19.30
N ALA C 260 -27.18 -31.59 18.85
CA ALA C 260 -27.12 -31.09 17.47
C ALA C 260 -27.17 -32.27 16.50
N SER C 261 -27.97 -32.11 15.44
CA SER C 261 -28.05 -33.12 14.38
C SER C 261 -26.73 -33.18 13.60
N PRO C 262 -26.46 -34.33 12.95
CA PRO C 262 -25.27 -34.40 12.08
C PRO C 262 -25.35 -33.41 10.93
N GLN C 263 -26.58 -33.14 10.47
CA GLN C 263 -26.83 -32.15 9.41
C GLN C 263 -26.43 -30.73 9.84
N TYR C 264 -26.72 -30.38 11.10
CA TYR C 264 -26.38 -29.05 11.59
C TYR C 264 -24.88 -28.87 11.76
N LEU C 265 -24.22 -29.92 12.25
CA LEU C 265 -22.78 -29.90 12.45
C LEU C 265 -22.01 -29.89 11.12
N ALA C 266 -22.51 -30.64 10.14
CA ALA C 266 -21.92 -30.64 8.80
C ALA C 266 -22.05 -29.28 8.12
N SER C 267 -23.17 -28.60 8.37
CA SER C 267 -23.40 -27.26 7.84
C SER C 267 -22.48 -26.22 8.49
N LYS C 268 -21.92 -26.56 9.64
CA LYS C 268 -20.94 -25.70 10.31
C LYS C 268 -19.52 -25.96 9.79
N GLY C 269 -19.36 -27.02 9.02
CA GLY C 269 -18.07 -27.35 8.41
C GLY C 269 -17.36 -28.55 9.01
N TYR C 270 -18.00 -29.20 9.97
CA TYR C 270 -17.40 -30.30 10.71
C TYR C 270 -17.26 -31.58 9.90
N LYS C 271 -16.18 -32.30 10.17
CA LYS C 271 -16.01 -33.64 9.64
CA LYS C 271 -15.96 -33.65 9.63
C LYS C 271 -16.18 -34.66 10.76
N PHE C 272 -16.73 -35.82 10.41
CA PHE C 272 -17.10 -36.82 11.41
C PHE C 272 -16.23 -38.06 11.43
N LEU C 273 -16.04 -38.60 12.64
CA LEU C 273 -15.68 -39.99 12.79
C LEU C 273 -16.98 -40.68 13.19
N ASN C 274 -17.53 -41.48 12.28
CA ASN C 274 -18.80 -42.15 12.49
C ASN C 274 -18.72 -43.16 13.64
N THR C 275 -19.10 -42.72 14.82
CA THR C 275 -19.03 -43.53 16.03
C THR C 275 -20.45 -43.93 16.44
N ASN C 276 -21.18 -44.49 15.48
CA ASN C 276 -22.59 -44.82 15.63
C ASN C 276 -22.86 -45.67 16.86
N GLY C 277 -23.78 -45.21 17.70
CA GLY C 277 -24.16 -45.90 18.93
C GLY C 277 -24.75 -47.27 18.74
N ASP C 278 -25.16 -47.57 17.49
CA ASP C 278 -25.68 -48.89 17.13
C ASP C 278 -24.65 -50.01 17.31
N TRP C 279 -23.38 -49.69 17.09
CA TRP C 279 -22.30 -50.66 17.16
C TRP C 279 -21.72 -50.83 18.58
N TYR C 280 -22.34 -50.17 19.55
CA TYR C 280 -21.87 -50.17 20.93
C TYR C 280 -22.01 -51.51 21.63
N TYR C 281 -20.94 -51.95 22.27
CA TYR C 281 -21.00 -53.08 23.18
C TYR C 281 -20.56 -52.67 24.59
N ILE C 282 -21.46 -52.85 25.54
CA ILE C 282 -21.18 -52.65 26.96
C ILE C 282 -20.88 -54.02 27.57
N LEU C 283 -19.72 -54.15 28.21
CA LEU C 283 -19.27 -55.43 28.76
C LEU C 283 -20.27 -56.04 29.73
N GLY C 284 -20.62 -57.31 29.49
CA GLY C 284 -21.56 -58.04 30.33
C GLY C 284 -23.01 -57.67 30.12
N GLN C 285 -23.28 -56.81 29.14
CA GLN C 285 -24.65 -56.37 28.82
C GLN C 285 -25.43 -57.51 28.17
N LYS C 286 -26.65 -57.71 28.66
CA LYS C 286 -27.48 -58.83 28.23
C LYS C 286 -28.77 -58.37 27.54
N PRO C 287 -29.36 -59.23 26.67
CA PRO C 287 -30.61 -58.94 25.97
C PRO C 287 -31.71 -58.39 26.88
N GLU C 288 -31.84 -58.95 28.08
CA GLU C 288 -32.81 -58.49 29.10
C GLU C 288 -32.61 -57.01 29.42
N ASP C 289 -31.36 -56.59 29.52
CA ASP C 289 -31.00 -55.21 29.84
C ASP C 289 -31.36 -54.24 28.72
N GLY C 290 -31.36 -54.72 27.48
CA GLY C 290 -31.58 -53.87 26.32
C GLY C 290 -30.36 -53.03 26.00
N GLY C 291 -30.49 -52.11 25.06
CA GLY C 291 -29.39 -51.25 24.65
C GLY C 291 -28.27 -52.00 23.96
N GLY C 292 -27.04 -51.75 24.40
CA GLY C 292 -25.86 -52.27 23.71
C GLY C 292 -25.36 -53.64 24.16
N PHE C 293 -26.19 -54.66 24.00
CA PHE C 293 -25.74 -56.04 24.21
C PHE C 293 -25.16 -56.61 22.92
N LEU C 294 -24.24 -57.56 23.06
CA LEU C 294 -23.40 -58.03 21.94
C LEU C 294 -24.18 -58.45 20.69
N LYS C 295 -25.19 -59.29 20.90
CA LYS C 295 -26.04 -59.79 19.81
C LYS C 295 -26.58 -58.65 18.94
N LYS C 296 -27.01 -57.56 19.58
CA LYS C 296 -27.55 -56.41 18.86
C LYS C 296 -26.48 -55.64 18.08
N ALA C 297 -25.31 -55.50 18.67
CA ALA C 297 -24.19 -54.80 18.03
C ALA C 297 -23.69 -55.55 16.81
N ILE C 298 -23.72 -56.88 16.89
CA ILE C 298 -23.29 -57.75 15.79
C ILE C 298 -24.26 -57.71 14.60
N GLU C 299 -25.56 -57.67 14.87
CA GLU C 299 -26.53 -57.57 13.77
C GLU C 299 -26.64 -56.16 13.19
N ASN C 300 -26.45 -55.14 14.03
CA ASN C 300 -26.39 -53.75 13.59
C ASN C 300 -25.14 -53.46 12.78
N THR C 301 -24.13 -54.30 12.97
CA THR C 301 -22.87 -54.20 12.24
C THR C 301 -23.11 -54.44 10.73
N GLY C 302 -24.20 -55.13 10.41
CA GLY C 302 -24.65 -55.32 9.04
C GLY C 302 -25.85 -54.47 8.69
N LYS C 303 -26.72 -54.25 9.67
CA LYS C 303 -27.93 -53.45 9.49
C LYS C 303 -27.65 -51.96 9.28
N THR C 304 -26.65 -51.44 9.99
CA THR C 304 -26.25 -50.04 9.87
C THR C 304 -25.05 -49.92 8.93
N PRO C 305 -25.22 -49.20 7.81
CA PRO C 305 -24.14 -48.99 6.84
C PRO C 305 -22.94 -48.26 7.45
N PHE C 306 -21.75 -48.51 6.88
CA PHE C 306 -20.49 -47.93 7.33
C PHE C 306 -20.53 -46.41 7.47
N ASN C 307 -21.16 -45.74 6.51
CA ASN C 307 -21.21 -44.29 6.46
C ASN C 307 -22.42 -43.67 7.17
N GLN C 308 -23.30 -44.50 7.71
CA GLN C 308 -24.52 -43.98 8.31
C GLN C 308 -24.32 -43.42 9.72
N LEU C 309 -24.58 -42.13 9.85
CA LEU C 309 -24.48 -41.44 11.14
C LEU C 309 -25.80 -41.56 11.90
N ALA C 310 -25.70 -41.59 13.22
CA ALA C 310 -26.88 -41.76 14.10
C ALA C 310 -27.90 -40.66 13.86
N SER C 311 -29.18 -41.05 13.84
CA SER C 311 -30.28 -40.13 13.55
C SER C 311 -30.54 -39.93 12.05
N THR C 312 -29.71 -40.54 11.19
CA THR C 312 -29.84 -40.34 9.75
C THR C 312 -29.98 -41.63 8.96
N LYS C 313 -30.43 -41.50 7.72
CA LYS C 313 -30.66 -42.63 6.84
C LYS C 313 -29.74 -42.57 5.63
N TYR C 314 -28.84 -43.55 5.51
CA TYR C 314 -27.93 -43.64 4.37
C TYR C 314 -28.55 -44.46 3.24
N PRO C 315 -28.41 -44.00 1.97
CA PRO C 315 -27.66 -42.80 1.56
C PRO C 315 -28.48 -41.53 1.33
N GLU C 316 -29.74 -41.52 1.77
CA GLU C 316 -30.59 -40.33 1.68
C GLU C 316 -29.88 -39.12 2.31
N VAL C 317 -29.32 -39.35 3.49
CA VAL C 317 -28.41 -38.37 4.10
C VAL C 317 -27.01 -38.92 3.91
N ASP C 318 -26.20 -38.17 3.16
CA ASP C 318 -24.85 -38.56 2.81
C ASP C 318 -23.90 -37.48 3.31
N LEU C 319 -23.40 -37.64 4.53
CA LEU C 319 -22.53 -36.65 5.15
C LEU C 319 -21.08 -37.13 5.17
N PRO C 320 -20.12 -36.20 5.03
CA PRO C 320 -18.73 -36.60 4.88
C PRO C 320 -18.15 -37.08 6.20
N THR C 321 -17.56 -38.27 6.18
CA THR C 321 -16.88 -38.81 7.35
C THR C 321 -15.45 -39.19 6.98
N VAL C 322 -14.58 -39.20 7.97
CA VAL C 322 -13.20 -39.63 7.78
C VAL C 322 -13.07 -41.13 7.94
N GLY C 323 -14.15 -41.76 8.39
CA GLY C 323 -14.17 -43.19 8.69
C GLY C 323 -15.07 -43.51 9.86
N SER C 324 -15.04 -44.77 10.29
CA SER C 324 -15.96 -45.24 11.32
C SER C 324 -15.26 -45.87 12.50
N MET C 325 -15.91 -45.75 13.66
CA MET C 325 -15.40 -46.30 14.92
C MET C 325 -16.43 -47.22 15.57
N LEU C 326 -16.00 -48.45 15.89
CA LEU C 326 -16.81 -49.37 16.67
C LEU C 326 -16.36 -49.32 18.13
N SER C 327 -17.31 -49.16 19.04
CA SER C 327 -16.96 -48.82 20.43
C SER C 327 -17.36 -49.85 21.48
N ILE C 328 -16.38 -50.22 22.30
CA ILE C 328 -16.55 -51.13 23.43
C ILE C 328 -16.48 -50.33 24.73
N TRP C 329 -17.52 -50.46 25.57
CA TRP C 329 -17.64 -49.69 26.80
C TRP C 329 -17.69 -50.57 28.04
N ALA C 330 -17.21 -50.03 29.16
CA ALA C 330 -17.19 -50.76 30.43
C ALA C 330 -17.95 -50.02 31.53
N ASP C 331 -19.20 -49.64 31.22
CA ASP C 331 -20.07 -48.91 32.16
C ASP C 331 -20.09 -49.50 33.56
N ARG C 332 -20.23 -50.83 33.64
CA ARG C 332 -20.00 -51.57 34.87
C ARG C 332 -18.66 -52.28 34.70
N PRO C 333 -17.58 -51.68 35.24
CA PRO C 333 -16.23 -52.18 34.97
C PRO C 333 -15.87 -53.47 35.71
N SER C 334 -16.69 -53.86 36.69
CA SER C 334 -16.53 -55.14 37.38
C SER C 334 -16.81 -56.34 36.47
N ALA C 335 -17.67 -56.13 35.47
CA ALA C 335 -17.99 -57.17 34.47
C ALA C 335 -16.74 -57.66 33.74
N GLU C 336 -16.71 -58.95 33.44
CA GLU C 336 -15.54 -59.58 32.81
C GLU C 336 -15.35 -59.11 31.38
N TYR C 337 -14.11 -58.78 31.02
CA TYR C 337 -13.77 -58.52 29.63
C TYR C 337 -13.44 -59.84 28.95
N LYS C 338 -14.23 -60.19 27.95
CA LYS C 338 -14.07 -61.43 27.20
C LYS C 338 -13.55 -61.12 25.81
N GLU C 339 -12.28 -61.46 25.60
CA GLU C 339 -11.56 -61.16 24.36
C GLU C 339 -12.30 -61.58 23.09
N GLU C 340 -12.90 -62.77 23.12
CA GLU C 340 -13.58 -63.35 21.97
C GLU C 340 -14.78 -62.53 21.53
N GLU C 341 -15.50 -61.97 22.50
CA GLU C 341 -16.70 -61.16 22.23
C GLU C 341 -16.34 -59.94 21.40
N ILE C 342 -15.25 -59.27 21.79
CA ILE C 342 -14.75 -58.08 21.12
C ILE C 342 -14.24 -58.44 19.73
N PHE C 343 -13.47 -59.53 19.65
CA PHE C 343 -12.92 -60.03 18.40
C PHE C 343 -14.02 -60.41 17.40
N GLU C 344 -15.11 -61.00 17.90
CA GLU C 344 -16.24 -61.39 17.07
C GLU C 344 -17.00 -60.18 16.53
N LEU C 345 -17.12 -59.16 17.37
CA LEU C 345 -17.78 -57.92 16.96
C LEU C 345 -16.90 -57.13 15.99
N MET C 346 -15.59 -57.16 16.24
CA MET C 346 -14.62 -56.54 15.34
C MET C 346 -14.65 -57.22 13.96
N THR C 347 -14.76 -58.54 13.96
CA THR C 347 -14.77 -59.34 12.74
C THR C 347 -16.03 -59.10 11.91
N ALA C 348 -17.18 -59.08 12.58
CA ALA C 348 -18.46 -58.88 11.90
C ALA C 348 -18.48 -57.53 11.18
N PHE C 349 -17.99 -56.50 11.87
CA PHE C 349 -17.88 -55.15 11.31
C PHE C 349 -16.99 -55.11 10.06
N ALA C 350 -15.88 -55.85 10.11
CA ALA C 350 -14.95 -55.93 8.99
C ALA C 350 -15.54 -56.74 7.84
N ASP C 351 -16.16 -57.87 8.16
CA ASP C 351 -16.77 -58.76 7.18
C ASP C 351 -17.91 -58.13 6.37
N HIS C 352 -18.67 -57.24 7.02
CA HIS C 352 -19.74 -56.51 6.35
C HIS C 352 -19.24 -55.35 5.50
N ASN C 353 -17.98 -54.97 5.69
CA ASN C 353 -17.41 -53.81 5.02
C ASN C 353 -16.03 -54.08 4.42
N LYS C 354 -15.90 -55.23 3.75
CA LYS C 354 -14.60 -55.72 3.25
C LYS C 354 -13.87 -54.76 2.31
N ASP C 355 -14.62 -53.85 1.70
CA ASP C 355 -14.09 -52.85 0.76
C ASP C 355 -13.43 -51.65 1.45
N TYR C 356 -13.72 -51.47 2.74
CA TYR C 356 -13.11 -50.40 3.53
C TYR C 356 -11.93 -50.94 4.32
N PHE C 357 -12.06 -52.18 4.79
CA PHE C 357 -11.04 -52.80 5.63
C PHE C 357 -9.93 -53.39 4.80
N ARG C 358 -8.70 -53.22 5.30
CA ARG C 358 -7.49 -53.71 4.66
C ARG C 358 -7.42 -55.23 4.76
N ALA C 359 -6.67 -55.85 3.84
CA ALA C 359 -6.39 -57.28 3.93
C ALA C 359 -5.44 -57.56 5.10
N ASN C 360 -5.16 -58.84 5.35
CA ASN C 360 -4.27 -59.24 6.45
C ASN C 360 -2.81 -59.36 6.00
N TYR C 361 -1.98 -58.43 6.45
CA TYR C 361 -0.59 -58.32 6.00
C TYR C 361 0.44 -58.87 7.00
N ASN C 362 -0.05 -59.55 8.03
CA ASN C 362 0.81 -60.08 9.09
C ASN C 362 1.69 -61.25 8.64
N ALA C 363 1.16 -62.07 7.73
CA ALA C 363 1.91 -63.19 7.14
C ALA C 363 2.99 -62.67 6.19
N LEU C 364 2.66 -61.61 5.45
CA LEU C 364 3.61 -60.93 4.58
C LEU C 364 4.75 -60.29 5.38
N ARG C 365 4.41 -59.75 6.55
CA ARG C 365 5.41 -59.13 7.44
C ARG C 365 6.36 -60.17 8.04
N GLU C 366 5.80 -61.32 8.44
CA GLU C 366 6.58 -62.45 8.94
C GLU C 366 7.54 -62.98 7.88
N GLU C 367 7.04 -63.09 6.65
CA GLU C 367 7.79 -63.65 5.53
C GLU C 367 8.93 -62.73 5.09
N LEU C 368 8.70 -61.42 5.16
CA LEU C 368 9.71 -60.41 4.81
C LEU C 368 10.85 -60.34 5.82
N ALA C 369 10.56 -60.67 7.07
CA ALA C 369 11.56 -60.64 8.14
C ALA C 369 12.45 -61.88 8.13
N LYS C 370 12.15 -62.81 7.22
CA LYS C 370 12.91 -64.06 7.09
C LYS C 370 14.08 -63.99 6.12
N ILE C 371 14.39 -62.79 5.63
CA ILE C 371 15.53 -62.56 4.73
C ILE C 371 16.83 -63.16 5.29
N SER C 379 23.82 -67.37 -4.57
CA SER C 379 23.36 -67.49 -5.95
C SER C 379 23.09 -66.12 -6.57
N LYS C 380 22.67 -66.12 -7.85
CA LYS C 380 22.35 -64.90 -8.59
C LYS C 380 20.94 -64.97 -9.18
N GLU C 381 20.58 -66.13 -9.73
CA GLU C 381 19.25 -66.37 -10.27
C GLU C 381 18.23 -66.73 -9.18
N SER C 382 18.73 -66.99 -7.97
CA SER C 382 17.87 -67.15 -6.80
C SER C 382 17.48 -65.78 -6.26
N LEU C 383 18.38 -64.81 -6.40
CA LEU C 383 18.12 -63.42 -6.01
C LEU C 383 17.22 -62.70 -7.02
N GLU C 384 17.16 -63.22 -8.24
CA GLU C 384 16.31 -62.67 -9.30
C GLU C 384 14.84 -62.96 -9.04
N ALA C 385 14.54 -64.18 -8.62
CA ALA C 385 13.18 -64.61 -8.29
C ALA C 385 12.71 -64.03 -6.96
N LEU C 386 13.66 -63.83 -6.03
CA LEU C 386 13.39 -63.21 -4.74
C LEU C 386 13.06 -61.73 -4.90
N ASP C 387 13.61 -61.11 -5.95
CA ASP C 387 13.36 -59.71 -6.26
C ASP C 387 12.10 -59.56 -7.11
N ALA C 388 11.71 -60.63 -7.80
CA ALA C 388 10.52 -60.63 -8.66
C ALA C 388 9.21 -60.71 -7.88
N ALA C 389 9.19 -61.61 -6.88
CA ALA C 389 8.01 -61.78 -6.03
C ALA C 389 7.85 -60.60 -5.07
N LYS C 390 8.98 -60.03 -4.66
CA LYS C 390 9.02 -58.83 -3.81
C LYS C 390 8.38 -57.65 -4.53
N THR C 391 8.62 -57.57 -5.84
CA THR C 391 8.06 -56.53 -6.69
C THR C 391 6.55 -56.72 -6.90
N ALA C 392 6.13 -57.98 -7.05
CA ALA C 392 4.74 -58.32 -7.30
C ALA C 392 3.84 -58.23 -6.06
N LEU C 393 4.41 -57.81 -4.93
CA LEU C 393 3.65 -57.63 -3.69
C LEU C 393 2.71 -56.43 -3.80
N ASN C 394 1.49 -56.62 -3.32
CA ASN C 394 0.45 -55.60 -3.37
C ASN C 394 0.02 -55.21 -1.95
N TYR C 395 0.41 -54.02 -1.52
CA TYR C 395 0.10 -53.52 -0.17
C TYR C 395 -1.24 -52.77 -0.10
N ASN C 396 -1.94 -52.72 -1.22
CA ASN C 396 -3.16 -51.94 -1.37
C ASN C 396 -4.43 -52.79 -1.42
N LEU C 397 -4.34 -54.03 -0.97
CA LEU C 397 -5.46 -54.96 -1.07
C LEU C 397 -6.40 -54.88 0.12
N ASN C 398 -7.71 -54.91 -0.16
CA ASN C 398 -8.71 -54.89 0.90
C ASN C 398 -9.13 -56.31 1.32
N ARG C 399 -10.07 -56.39 2.26
CA ARG C 399 -10.46 -57.67 2.84
C ARG C 399 -11.12 -58.67 1.86
N ASN C 400 -11.55 -58.18 0.70
CA ASN C 400 -12.11 -59.04 -0.35
C ASN C 400 -11.05 -59.85 -1.11
N LYS C 401 -9.78 -59.52 -0.90
CA LYS C 401 -8.70 -60.11 -1.68
C LYS C 401 -7.63 -60.79 -0.81
N GLN C 402 -8.06 -61.57 0.17
CA GLN C 402 -7.11 -62.25 1.05
C GLN C 402 -6.35 -63.36 0.32
N ALA C 403 -7.08 -64.16 -0.46
CA ALA C 403 -6.48 -65.25 -1.24
C ALA C 403 -5.45 -64.71 -2.22
N GLU C 404 -5.79 -63.58 -2.84
CA GLU C 404 -4.93 -62.90 -3.81
C GLU C 404 -3.62 -62.47 -3.16
N LEU C 405 -3.72 -61.95 -1.94
CA LEU C 405 -2.54 -61.61 -1.14
C LEU C 405 -1.77 -62.85 -0.71
N ASP C 406 -2.49 -63.89 -0.32
CA ASP C 406 -1.89 -65.14 0.15
C ASP C 406 -1.03 -65.81 -0.91
N THR C 407 -1.53 -65.82 -2.15
CA THR C 407 -0.79 -66.33 -3.31
C THR C 407 0.53 -65.58 -3.51
N LEU C 408 0.48 -64.24 -3.33
CA LEU C 408 1.66 -63.40 -3.48
C LEU C 408 2.70 -63.66 -2.40
N VAL C 409 2.22 -63.86 -1.16
CA VAL C 409 3.10 -64.18 -0.03
C VAL C 409 3.64 -65.61 -0.16
N ALA C 410 2.83 -66.49 -0.74
CA ALA C 410 3.25 -67.86 -1.03
C ALA C 410 4.41 -67.90 -2.02
N ASN C 411 4.34 -67.04 -3.04
CA ASN C 411 5.42 -66.90 -4.02
C ASN C 411 6.70 -66.35 -3.39
N LEU C 412 6.54 -65.47 -2.41
CA LEU C 412 7.67 -64.92 -1.66
C LEU C 412 8.33 -65.97 -0.78
N LYS C 413 7.51 -66.85 -0.19
CA LYS C 413 8.01 -67.99 0.58
C LYS C 413 8.81 -68.91 -0.34
N ALA C 414 8.21 -69.24 -1.49
CA ALA C 414 8.85 -70.07 -2.52
C ALA C 414 10.18 -69.49 -3.02
N ALA C 415 10.19 -68.18 -3.24
CA ALA C 415 11.38 -67.49 -3.76
C ALA C 415 12.51 -67.39 -2.73
N LEU C 416 12.15 -67.21 -1.45
CA LEU C 416 13.12 -67.10 -0.36
C LEU C 416 13.95 -68.39 -0.20
N GLN C 417 13.46 -69.47 -0.81
CA GLN C 417 14.07 -70.79 -0.70
C GLN C 417 14.79 -71.17 -1.99
N HIS D 3 17.25 18.51 -33.04
CA HIS D 3 17.25 20.00 -33.03
C HIS D 3 18.30 20.53 -32.06
N MET D 4 18.98 21.59 -32.48
CA MET D 4 20.00 22.25 -31.67
C MET D 4 19.38 23.03 -30.52
N GLU D 5 18.17 23.56 -30.73
CA GLU D 5 17.49 24.41 -29.75
C GLU D 5 16.92 23.64 -28.57
N LYS D 6 16.47 22.41 -28.81
CA LYS D 6 15.89 21.57 -27.76
C LYS D 6 16.94 21.11 -26.76
N LEU D 7 18.09 20.67 -27.27
CA LEU D 7 19.22 20.23 -26.43
C LEU D 7 19.85 21.39 -25.68
N ALA D 8 19.84 22.57 -26.29
CA ALA D 8 20.41 23.77 -25.70
C ALA D 8 19.61 24.27 -24.49
N LYS D 9 18.40 23.76 -24.33
CA LYS D 9 17.53 24.15 -23.22
C LYS D 9 17.96 23.52 -21.91
N ASN D 10 17.43 24.02 -20.80
CA ASN D 10 17.76 23.49 -19.48
C ASN D 10 16.88 22.32 -19.06
N LYS D 11 17.53 21.29 -18.54
CA LYS D 11 16.83 20.14 -17.97
C LYS D 11 17.34 19.99 -16.55
N VAL D 12 16.50 20.33 -15.58
CA VAL D 12 16.94 20.45 -14.19
C VAL D 12 16.19 19.53 -13.23
N ILE D 13 16.95 18.88 -12.36
CA ILE D 13 16.39 18.17 -11.22
C ILE D 13 16.65 18.98 -9.94
N SER D 14 15.58 19.30 -9.23
CA SER D 14 15.67 20.05 -7.99
C SER D 14 15.61 19.12 -6.79
N ILE D 15 16.59 19.25 -5.91
CA ILE D 15 16.66 18.46 -4.68
C ILE D 15 16.60 19.39 -3.48
N ASP D 16 15.56 19.22 -2.67
CA ASP D 16 15.35 20.04 -1.48
C ASP D 16 16.28 19.60 -0.36
N ALA D 17 17.53 20.05 -0.44
CA ALA D 17 18.55 19.69 0.56
C ALA D 17 18.65 20.78 1.64
N GLY D 18 17.64 21.64 1.69
CA GLY D 18 17.57 22.68 2.69
C GLY D 18 16.84 22.19 3.93
N ARG D 19 15.65 21.61 3.71
CA ARG D 19 14.84 21.06 4.81
C ARG D 19 15.46 19.79 5.36
N LYS D 20 15.97 18.96 4.46
CA LYS D 20 16.45 17.63 4.80
C LYS D 20 17.91 17.47 4.37
N TYR D 21 18.69 16.80 5.20
CA TYR D 21 20.09 16.54 4.90
C TYR D 21 20.25 15.48 3.80
N PHE D 22 21.19 15.73 2.90
CA PHE D 22 21.60 14.75 1.90
C PHE D 22 23.12 14.63 1.97
N THR D 23 23.61 13.40 1.86
CA THR D 23 25.05 13.16 1.89
C THR D 23 25.65 13.50 0.53
N LEU D 24 26.96 13.80 0.51
CA LEU D 24 27.67 14.06 -0.73
C LEU D 24 27.44 12.95 -1.75
N ASN D 25 27.56 11.70 -1.31
CA ASN D 25 27.38 10.53 -2.16
C ASN D 25 25.98 10.41 -2.74
N GLN D 26 24.98 10.77 -1.93
CA GLN D 26 23.59 10.74 -2.39
C GLN D 26 23.37 11.70 -3.55
N LEU D 27 23.90 12.91 -3.40
CA LEU D 27 23.82 13.94 -4.44
C LEU D 27 24.66 13.55 -5.65
N LYS D 28 25.86 13.03 -5.36
CA LYS D 28 26.77 12.52 -6.37
C LYS D 28 26.07 11.48 -7.25
N ARG D 29 25.24 10.66 -6.62
CA ARG D 29 24.46 9.66 -7.34
C ARG D 29 23.27 10.27 -8.10
N ILE D 30 22.74 11.39 -7.59
CA ILE D 30 21.70 12.14 -8.31
C ILE D 30 22.24 12.75 -9.61
N VAL D 31 23.46 13.31 -9.56
CA VAL D 31 24.12 13.84 -10.78
C VAL D 31 24.46 12.76 -11.81
N ASP D 32 24.78 11.56 -11.34
CA ASP D 32 25.01 10.43 -12.23
C ASP D 32 23.73 10.03 -12.97
N LYS D 33 22.61 9.99 -12.25
CA LYS D 33 21.32 9.72 -12.89
C LYS D 33 20.91 10.88 -13.80
N ALA D 34 21.25 12.10 -13.39
CA ALA D 34 21.00 13.29 -14.20
C ALA D 34 21.75 13.21 -15.53
N SER D 35 23.06 12.93 -15.46
CA SER D 35 23.90 12.85 -16.66
C SER D 35 23.47 11.70 -17.57
N GLU D 36 23.15 10.55 -16.97
CA GLU D 36 22.70 9.38 -17.70
C GLU D 36 21.41 9.65 -18.48
N LEU D 37 20.44 10.28 -17.81
CA LEU D 37 19.12 10.51 -18.37
C LEU D 37 19.06 11.71 -19.34
N GLY D 38 20.13 12.50 -19.36
CA GLY D 38 20.23 13.62 -20.30
C GLY D 38 19.90 15.00 -19.76
N TYR D 39 19.77 15.10 -18.43
CA TYR D 39 19.58 16.37 -17.74
C TYR D 39 20.81 17.26 -17.95
N SER D 40 20.69 18.53 -17.60
CA SER D 40 21.80 19.46 -17.75
C SER D 40 22.22 20.09 -16.42
N ASP D 41 21.30 20.14 -15.46
CA ASP D 41 21.56 20.83 -14.19
C ASP D 41 20.93 20.14 -12.98
N VAL D 42 21.56 20.34 -11.83
CA VAL D 42 21.01 19.92 -10.54
C VAL D 42 20.80 21.16 -9.69
N HIS D 43 19.53 21.49 -9.47
CA HIS D 43 19.15 22.60 -8.59
C HIS D 43 19.19 22.10 -7.15
N LEU D 44 20.11 22.66 -6.38
CA LEU D 44 20.35 22.19 -5.02
C LEU D 44 20.01 23.25 -3.99
N LEU D 45 18.80 23.19 -3.45
CA LEU D 45 18.38 24.05 -2.36
C LEU D 45 19.22 23.71 -1.14
N LEU D 46 20.04 24.65 -0.70
CA LEU D 46 20.92 24.44 0.45
C LEU D 46 20.43 25.25 1.65
N GLY D 47 19.74 26.34 1.34
CA GLY D 47 19.06 27.16 2.34
C GLY D 47 17.59 27.17 1.99
N ASN D 48 16.80 26.49 2.82
CA ASN D 48 15.37 26.32 2.63
C ASN D 48 14.84 25.74 3.93
N ASP D 49 14.29 26.61 4.78
CA ASP D 49 13.92 26.29 6.17
C ASP D 49 15.18 26.08 7.02
N GLY D 50 15.89 24.98 6.78
CA GLY D 50 17.19 24.76 7.39
C GLY D 50 18.29 25.35 6.52
N LEU D 51 19.44 25.62 7.11
CA LEU D 51 20.62 26.04 6.36
C LEU D 51 21.67 24.93 6.45
N ARG D 52 21.81 24.18 5.36
CA ARG D 52 22.61 22.95 5.37
C ARG D 52 23.86 23.03 4.50
N PHE D 53 24.52 24.18 4.55
CA PHE D 53 25.79 24.38 3.85
C PHE D 53 26.63 25.38 4.65
N LEU D 54 27.79 24.94 5.11
CA LEU D 54 28.72 25.81 5.83
C LEU D 54 30.00 26.04 5.04
N LEU D 55 30.38 27.31 4.93
CA LEU D 55 31.65 27.67 4.33
C LEU D 55 32.78 27.43 5.32
N ASP D 56 34.01 27.34 4.80
CA ASP D 56 35.19 27.23 5.64
C ASP D 56 35.37 28.48 6.50
N ASP D 57 35.13 29.66 5.92
CA ASP D 57 35.13 30.90 6.68
C ASP D 57 33.76 31.59 6.62
N MET D 58 33.11 31.67 7.78
CA MET D 58 31.78 32.25 7.89
C MET D 58 31.81 33.59 8.61
N THR D 59 32.90 34.34 8.47
CA THR D 59 33.02 35.65 9.08
C THR D 59 32.14 36.66 8.35
N ILE D 60 31.16 37.19 9.07
CA ILE D 60 30.19 38.14 8.53
C ILE D 60 30.42 39.53 9.11
N THR D 61 30.41 40.53 8.23
CA THR D 61 30.55 41.92 8.64
C THR D 61 29.30 42.70 8.26
N ALA D 62 28.54 43.12 9.28
CA ALA D 62 27.31 43.87 9.11
C ALA D 62 27.02 44.68 10.37
N ASN D 63 26.27 45.76 10.21
CA ASN D 63 25.86 46.62 11.32
C ASN D 63 27.02 47.26 12.09
N GLY D 64 28.12 47.50 11.38
CA GLY D 64 29.30 48.13 11.98
C GLY D 64 30.09 47.21 12.93
N LYS D 65 29.75 45.93 12.92
CA LYS D 65 30.46 44.92 13.70
C LYS D 65 30.70 43.64 12.90
N THR D 66 31.63 42.82 13.38
CA THR D 66 31.89 41.52 12.76
C THR D 66 31.45 40.38 13.66
N TYR D 67 30.98 39.30 13.04
CA TYR D 67 30.59 38.09 13.74
C TYR D 67 31.60 37.01 13.39
N ALA D 68 32.29 36.51 14.41
CA ALA D 68 33.35 35.52 14.22
C ALA D 68 32.84 34.24 13.56
N SER D 69 33.65 33.69 12.67
CA SER D 69 33.31 32.48 11.90
C SER D 69 32.74 31.37 12.78
N ASP D 70 33.45 31.02 13.85
CA ASP D 70 33.01 29.95 14.75
C ASP D 70 31.67 30.23 15.41
N ASP D 71 31.41 31.49 15.73
CA ASP D 71 30.12 31.91 16.30
C ASP D 71 28.98 31.76 15.30
N VAL D 72 29.26 32.09 14.04
CA VAL D 72 28.28 32.01 12.96
C VAL D 72 27.93 30.55 12.63
N LYS D 73 28.95 29.72 12.52
CA LYS D 73 28.78 28.28 12.27
C LYS D 73 27.95 27.62 13.36
N LYS D 74 28.32 27.90 14.62
CA LYS D 74 27.62 27.37 15.78
C LYS D 74 26.15 27.80 15.80
N ALA D 75 25.90 29.08 15.54
CA ALA D 75 24.55 29.62 15.51
C ALA D 75 23.70 29.00 14.39
N ILE D 76 24.30 28.84 13.22
CA ILE D 76 23.58 28.28 12.07
C ILE D 76 23.23 26.80 12.28
N ILE D 77 24.14 26.05 12.88
CA ILE D 77 23.89 24.65 13.18
C ILE D 77 22.74 24.53 14.19
N GLU D 78 22.75 25.38 15.22
CA GLU D 78 21.69 25.41 16.21
C GLU D 78 20.33 25.81 15.62
N GLY D 79 20.36 26.71 14.64
CA GLY D 79 19.15 27.08 13.89
C GLY D 79 18.60 25.94 13.07
N THR D 80 19.48 25.27 12.32
CA THR D 80 19.10 24.14 11.48
C THR D 80 18.53 22.98 12.32
N LYS D 81 19.10 22.77 13.49
CA LYS D 81 18.65 21.73 14.41
C LYS D 81 17.36 22.09 15.13
N ALA D 82 17.07 23.38 15.24
CA ALA D 82 15.81 23.86 15.79
C ALA D 82 14.65 23.62 14.81
N TYR D 83 14.94 23.70 13.52
CA TYR D 83 13.94 23.37 12.50
C TYR D 83 13.75 21.86 12.40
N TYR D 84 14.86 21.15 12.21
CA TYR D 84 14.86 19.69 12.12
C TYR D 84 16.25 19.13 12.35
N ASP D 85 16.39 18.36 13.43
CA ASP D 85 17.64 17.72 13.78
C ASP D 85 17.77 16.39 13.03
N ASP D 86 18.10 16.48 11.75
CA ASP D 86 18.29 15.31 10.89
C ASP D 86 19.35 14.38 11.48
N PRO D 87 18.98 13.11 11.73
CA PRO D 87 19.91 12.11 12.29
C PRO D 87 21.07 11.77 11.36
N ASN D 88 20.87 11.98 10.05
CA ASN D 88 21.85 11.60 9.04
C ASN D 88 22.99 12.59 8.88
N GLY D 89 22.75 13.83 9.31
CA GLY D 89 23.74 14.91 9.20
C GLY D 89 23.08 16.26 9.35
N THR D 90 23.89 17.31 9.36
CA THR D 90 23.38 18.67 9.55
C THR D 90 23.61 19.54 8.32
N ALA D 91 24.88 19.83 8.03
CA ALA D 91 25.24 20.73 6.95
C ALA D 91 26.39 20.19 6.12
N LEU D 92 26.32 20.40 4.81
CA LEU D 92 27.41 20.06 3.91
C LEU D 92 28.58 21.01 4.16
N THR D 93 29.79 20.49 4.06
CA THR D 93 30.99 21.32 4.19
C THR D 93 31.36 21.92 2.84
N GLN D 94 32.18 22.97 2.88
CA GLN D 94 32.66 23.62 1.66
C GLN D 94 33.40 22.62 0.76
N ALA D 95 34.22 21.77 1.36
CA ALA D 95 34.95 20.74 0.64
C ALA D 95 34.01 19.76 -0.07
N GLU D 96 32.87 19.46 0.56
CA GLU D 96 31.88 18.56 -0.01
C GLU D 96 31.17 19.14 -1.23
N VAL D 97 30.77 20.41 -1.14
CA VAL D 97 30.05 21.08 -2.23
C VAL D 97 30.97 21.40 -3.42
N THR D 98 32.22 21.77 -3.10
CA THR D 98 33.27 21.99 -4.11
C THR D 98 33.50 20.73 -4.96
N GLU D 99 33.57 19.58 -4.28
CA GLU D 99 33.77 18.29 -4.95
C GLU D 99 32.56 17.92 -5.82
N LEU D 100 31.36 18.24 -5.35
CA LEU D 100 30.14 17.99 -6.11
C LEU D 100 30.10 18.83 -7.39
N ILE D 101 30.51 20.08 -7.28
CA ILE D 101 30.56 21.00 -8.43
C ILE D 101 31.53 20.49 -9.51
N GLU D 102 32.72 20.08 -9.09
CA GLU D 102 33.71 19.54 -10.02
C GLU D 102 33.30 18.18 -10.59
N TYR D 103 32.70 17.34 -9.74
CA TYR D 103 32.17 16.05 -10.17
C TYR D 103 31.07 16.23 -11.22
N ALA D 104 30.12 17.12 -10.93
CA ALA D 104 29.05 17.45 -11.86
C ALA D 104 29.59 18.04 -13.15
N LYS D 105 30.64 18.85 -13.04
CA LYS D 105 31.30 19.46 -14.21
C LYS D 105 31.89 18.41 -15.15
N SER D 106 32.49 17.37 -14.59
CA SER D 106 33.11 16.30 -15.39
C SER D 106 32.09 15.47 -16.17
N LYS D 107 30.81 15.66 -15.86
CA LYS D 107 29.73 14.96 -16.56
C LYS D 107 28.80 15.91 -17.28
N ASP D 108 29.28 17.14 -17.51
CA ASP D 108 28.53 18.21 -18.17
C ASP D 108 27.19 18.49 -17.46
N ILE D 109 27.26 18.57 -16.14
CA ILE D 109 26.10 18.89 -15.31
C ILE D 109 26.42 20.15 -14.51
N GLY D 110 25.53 21.13 -14.57
CA GLY D 110 25.71 22.36 -13.80
C GLY D 110 25.06 22.27 -12.44
N LEU D 111 25.54 23.07 -11.50
CA LEU D 111 24.88 23.18 -10.20
C LEU D 111 24.19 24.54 -10.09
N ILE D 112 22.94 24.52 -9.63
CA ILE D 112 22.21 25.74 -9.36
C ILE D 112 21.87 25.80 -7.87
N PRO D 113 22.68 26.51 -7.08
CA PRO D 113 22.44 26.61 -5.63
C PRO D 113 21.32 27.58 -5.28
N ALA D 114 20.63 27.29 -4.18
CA ALA D 114 19.59 28.17 -3.66
C ALA D 114 19.75 28.40 -2.17
N ILE D 115 19.71 29.66 -1.77
CA ILE D 115 19.68 30.03 -0.36
C ILE D 115 18.45 30.90 -0.20
N ASN D 116 17.41 30.34 0.42
CA ASN D 116 16.13 31.02 0.48
C ASN D 116 16.07 32.11 1.55
N SER D 117 15.35 33.17 1.20
CA SER D 117 15.06 34.32 2.04
C SER D 117 14.19 35.23 1.16
N PRO D 118 13.38 36.12 1.75
CA PRO D 118 13.15 36.39 3.17
C PRO D 118 12.25 35.35 3.87
N GLY D 119 11.67 34.43 3.09
CA GLY D 119 10.91 33.31 3.64
C GLY D 119 11.76 32.06 3.73
N HIS D 120 11.17 30.98 4.22
CA HIS D 120 11.85 29.68 4.33
C HIS D 120 13.27 29.80 4.91
N MET D 121 13.40 30.57 6.00
CA MET D 121 14.71 30.81 6.60
C MET D 121 14.69 30.58 8.12
N ASP D 122 13.98 29.53 8.53
CA ASP D 122 13.78 29.17 9.92
C ASP D 122 15.08 29.10 10.70
N ALA D 123 16.13 28.62 10.04
CA ALA D 123 17.43 28.42 10.65
C ALA D 123 18.18 29.73 10.88
N MET D 124 18.16 30.61 9.86
CA MET D 124 18.86 31.89 9.95
C MET D 124 18.29 32.79 11.05
N LEU D 125 16.97 32.76 11.23
CA LEU D 125 16.31 33.55 12.26
C LEU D 125 16.80 33.17 13.65
N VAL D 126 16.79 31.87 13.94
CA VAL D 126 17.32 31.35 15.20
C VAL D 126 18.83 31.59 15.27
N ALA D 127 19.51 31.41 14.14
CA ALA D 127 20.96 31.66 14.05
C ALA D 127 21.32 33.07 14.53
N MET D 128 20.67 34.08 13.96
CA MET D 128 20.98 35.45 14.36
C MET D 128 20.30 35.89 15.67
N GLU D 129 19.39 35.08 16.19
CA GLU D 129 18.92 35.24 17.57
C GLU D 129 20.05 34.85 18.52
N LYS D 130 20.66 33.70 18.25
CA LYS D 130 21.81 33.22 19.01
C LYS D 130 23.00 34.18 18.91
N LEU D 131 23.05 34.95 17.83
CA LEU D 131 24.18 35.81 17.50
C LEU D 131 24.00 37.25 18.01
N GLY D 132 22.88 37.50 18.70
CA GLY D 132 22.62 38.80 19.33
C GLY D 132 21.56 39.67 18.68
N ILE D 133 21.03 39.25 17.54
CA ILE D 133 20.02 40.03 16.84
C ILE D 133 18.60 39.63 17.28
N LYS D 134 17.92 40.56 17.96
CA LYS D 134 16.59 40.30 18.52
C LYS D 134 15.48 40.53 17.49
N ASN D 135 14.40 39.76 17.65
CA ASN D 135 13.18 39.89 16.83
C ASN D 135 13.41 40.03 15.32
N PRO D 136 14.16 39.09 14.71
CA PRO D 136 14.35 39.16 13.27
C PRO D 136 13.15 38.57 12.50
N GLN D 137 12.17 38.05 13.24
CA GLN D 137 11.01 37.40 12.62
C GLN D 137 9.93 38.38 12.19
N ALA D 138 9.34 38.13 11.03
CA ALA D 138 8.14 38.84 10.59
C ALA D 138 7.03 38.60 11.60
N HIS D 139 6.11 39.54 11.71
CA HIS D 139 5.08 39.46 12.75
C HIS D 139 3.72 39.99 12.29
N PHE D 140 2.76 39.07 12.13
CA PHE D 140 1.42 39.42 11.66
C PHE D 140 0.34 38.91 12.63
N ASP D 141 -0.50 37.96 12.22
CA ASP D 141 -1.46 37.32 13.13
C ASP D 141 -0.72 36.48 14.15
N LYS D 142 0.60 36.43 14.01
CA LYS D 142 1.47 35.52 14.73
C LYS D 142 2.90 35.99 14.48
N VAL D 143 3.83 35.60 15.35
CA VAL D 143 5.24 35.79 15.08
C VAL D 143 5.67 34.64 14.19
N SER D 144 6.21 34.96 13.02
CA SER D 144 6.65 33.94 12.07
C SER D 144 7.82 33.14 12.63
N LYS D 145 7.83 31.84 12.32
CA LYS D 145 8.97 31.00 12.63
C LYS D 145 9.83 30.80 11.38
N THR D 146 9.34 31.31 10.25
CA THR D 146 9.94 31.01 8.94
C THR D 146 10.44 32.23 8.18
N THR D 147 10.02 33.42 8.58
CA THR D 147 10.20 34.61 7.76
C THR D 147 10.80 35.83 8.49
N MET D 148 11.61 36.58 7.76
CA MET D 148 12.29 37.77 8.26
C MET D 148 11.41 39.03 8.23
N ASP D 149 11.59 39.87 9.25
CA ASP D 149 10.96 41.19 9.33
C ASP D 149 11.78 42.18 8.51
N LEU D 150 11.16 42.72 7.46
CA LEU D 150 11.84 43.61 6.51
C LEU D 150 12.16 44.98 7.11
N LYS D 151 11.46 45.32 8.20
CA LYS D 151 11.67 46.55 8.94
C LYS D 151 12.91 46.49 9.83
N ASN D 152 13.24 45.30 10.30
CA ASN D 152 14.42 45.09 11.14
C ASN D 152 15.70 45.16 10.29
N GLU D 153 16.38 46.29 10.36
CA GLU D 153 17.58 46.53 9.55
C GLU D 153 18.78 45.69 9.98
N GLU D 154 18.98 45.56 11.29
CA GLU D 154 20.06 44.74 11.85
C GLU D 154 20.05 43.34 11.25
N ALA D 155 18.85 42.78 11.12
CA ALA D 155 18.64 41.46 10.56
C ALA D 155 18.84 41.45 9.04
N MET D 156 18.27 42.45 8.37
CA MET D 156 18.36 42.57 6.91
C MET D 156 19.80 42.69 6.46
N ASN D 157 20.58 43.52 7.16
CA ASN D 157 22.01 43.69 6.90
C ASN D 157 22.82 42.42 7.11
N PHE D 158 22.40 41.60 8.08
CA PHE D 158 23.08 40.35 8.36
C PHE D 158 22.87 39.35 7.23
N VAL D 159 21.60 39.04 6.96
CA VAL D 159 21.22 38.07 5.93
C VAL D 159 21.83 38.42 4.56
N LYS D 160 21.83 39.72 4.24
CA LYS D 160 22.43 40.19 2.99
C LYS D 160 23.94 40.00 2.94
N ALA D 161 24.60 40.15 4.08
CA ALA D 161 26.03 39.85 4.17
C ALA D 161 26.27 38.34 4.09
N LEU D 162 25.43 37.56 4.78
CA LEU D 162 25.51 36.11 4.75
C LEU D 162 25.31 35.57 3.33
N ILE D 163 24.21 35.95 2.69
CA ILE D 163 23.92 35.54 1.32
C ILE D 163 25.04 35.93 0.36
N GLY D 164 25.60 37.13 0.57
CA GLY D 164 26.74 37.62 -0.22
C GLY D 164 27.97 36.74 -0.06
N LYS D 165 28.17 36.23 1.15
CA LYS D 165 29.30 35.35 1.42
C LYS D 165 29.14 34.02 0.68
N TYR D 166 27.90 33.53 0.63
CA TYR D 166 27.57 32.34 -0.15
C TYR D 166 27.75 32.58 -1.64
N MET D 167 27.33 33.76 -2.10
CA MET D 167 27.46 34.13 -3.51
C MET D 167 28.92 34.24 -3.96
N ASP D 168 29.75 34.85 -3.11
CA ASP D 168 31.19 34.97 -3.35
C ASP D 168 31.80 33.61 -3.66
N PHE D 169 31.33 32.59 -2.93
CA PHE D 169 31.78 31.22 -3.10
C PHE D 169 31.39 30.63 -4.47
N PHE D 170 30.12 30.70 -4.83
CA PHE D 170 29.63 30.13 -6.09
C PHE D 170 30.02 30.95 -7.31
N ALA D 171 30.58 32.14 -7.09
CA ALA D 171 31.09 32.99 -8.15
C ALA D 171 32.29 32.32 -8.83
N GLY D 172 32.16 32.06 -10.13
CA GLY D 172 33.19 31.36 -10.89
C GLY D 172 33.06 29.84 -10.82
N LYS D 173 32.01 29.37 -10.15
CA LYS D 173 31.77 27.94 -10.00
C LYS D 173 30.43 27.52 -10.60
N THR D 174 29.43 28.40 -10.48
CA THR D 174 28.11 28.16 -11.03
C THR D 174 27.66 29.31 -11.93
N LYS D 175 26.77 29.03 -12.87
CA LYS D 175 26.22 30.04 -13.77
C LYS D 175 25.07 30.80 -13.11
N ILE D 176 24.26 30.07 -12.34
CA ILE D 176 23.03 30.60 -11.74
C ILE D 176 23.06 30.55 -10.20
N PHE D 177 22.34 31.49 -9.58
CA PHE D 177 22.12 31.49 -8.14
C PHE D 177 20.67 31.84 -7.83
N ASN D 178 19.97 30.92 -7.19
CA ASN D 178 18.56 31.11 -6.86
C ASN D 178 18.38 31.66 -5.45
N PHE D 179 17.99 32.93 -5.34
CA PHE D 179 17.77 33.52 -4.01
C PHE D 179 16.33 33.34 -3.49
N GLY D 180 15.51 32.63 -4.26
CA GLY D 180 14.22 32.10 -3.80
C GLY D 180 13.08 33.10 -3.74
N THR D 181 12.83 33.62 -2.54
CA THR D 181 11.81 34.65 -2.24
C THR D 181 10.35 34.20 -2.27
N ASP D 182 10.11 32.89 -2.30
CA ASP D 182 8.74 32.36 -2.32
C ASP D 182 8.04 32.43 -0.97
N GLN D 183 6.70 32.39 -1.01
CA GLN D 183 5.83 32.24 0.18
C GLN D 183 6.27 33.02 1.42
N TYR D 184 6.17 34.34 1.35
CA TYR D 184 6.53 35.21 2.47
C TYR D 184 5.55 35.07 3.62
N ALA D 185 6.08 34.83 4.81
CA ALA D 185 5.30 34.70 6.06
C ALA D 185 4.00 33.92 5.92
N ASN D 186 4.07 32.74 5.32
CA ASN D 186 2.88 31.90 5.13
C ASN D 186 2.30 31.37 6.44
N ASP D 187 3.16 31.22 7.45
CA ASP D 187 2.74 30.69 8.74
C ASP D 187 2.03 31.73 9.61
N ALA D 188 2.39 33.00 9.44
CA ALA D 188 1.87 34.08 10.26
C ALA D 188 0.65 34.77 9.63
N THR D 189 0.34 34.42 8.39
CA THR D 189 -0.68 35.11 7.60
C THR D 189 -1.75 34.19 7.02
N SER D 190 -1.71 32.91 7.38
CA SER D 190 -2.59 31.88 6.79
C SER D 190 -2.37 31.75 5.28
N ALA D 191 -1.10 31.79 4.88
CA ALA D 191 -0.69 31.73 3.46
C ALA D 191 -1.35 32.83 2.60
N GLN D 192 -1.19 34.07 3.05
CA GLN D 192 -1.71 35.25 2.36
C GLN D 192 -0.66 36.35 2.49
N GLY D 193 0.60 35.95 2.58
CA GLY D 193 1.71 36.84 2.88
C GLY D 193 1.84 38.07 2.01
N TRP D 194 1.60 37.92 0.71
CA TRP D 194 1.70 39.05 -0.21
C TRP D 194 0.59 40.05 0.06
N TYR D 195 -0.61 39.53 0.31
CA TYR D 195 -1.75 40.35 0.68
C TYR D 195 -1.42 41.21 1.90
N TYR D 196 -0.78 40.59 2.90
CA TYR D 196 -0.37 41.28 4.12
C TYR D 196 0.71 42.34 3.86
N LEU D 197 1.63 42.04 2.96
CA LEU D 197 2.66 43.02 2.58
C LEU D 197 2.04 44.26 1.94
N LYS D 198 1.04 44.04 1.08
N LYS D 198 1.04 44.04 1.07
CA LYS D 198 0.26 45.12 0.47
CA LYS D 198 0.27 45.12 0.48
C LYS D 198 -0.51 45.90 1.52
C LYS D 198 -0.51 45.90 1.53
N TRP D 199 -1.15 45.16 2.44
CA TRP D 199 -1.97 45.74 3.52
C TRP D 199 -1.18 46.67 4.44
N TYR D 200 0.01 46.24 4.84
CA TYR D 200 0.86 47.02 5.73
C TYR D 200 1.90 47.85 4.96
N GLN D 201 1.68 47.96 3.64
CA GLN D 201 2.54 48.74 2.73
C GLN D 201 4.02 48.39 2.88
N LEU D 202 4.33 47.10 2.74
CA LEU D 202 5.69 46.59 2.88
C LEU D 202 6.13 45.80 1.64
N TYR D 203 5.26 45.76 0.62
CA TYR D 203 5.55 45.07 -0.64
C TYR D 203 6.64 45.80 -1.42
N GLY D 204 6.64 47.13 -1.31
CA GLY D 204 7.70 47.95 -1.87
C GLY D 204 9.05 47.67 -1.24
N LYS D 205 9.02 47.27 0.03
CA LYS D 205 10.23 46.93 0.75
C LYS D 205 10.75 45.55 0.32
N PHE D 206 9.82 44.64 0.05
CA PHE D 206 10.15 43.29 -0.43
C PHE D 206 10.84 43.35 -1.79
N ALA D 207 10.27 44.14 -2.70
CA ALA D 207 10.84 44.35 -4.02
C ALA D 207 12.27 44.84 -3.93
N GLU D 208 12.49 45.76 -3.00
CA GLU D 208 13.78 46.38 -2.76
C GLU D 208 14.81 45.35 -2.27
N TYR D 209 14.36 44.45 -1.39
CA TYR D 209 15.20 43.36 -0.89
C TYR D 209 15.54 42.35 -1.99
N ALA D 210 14.57 42.09 -2.87
CA ALA D 210 14.77 41.18 -3.99
C ALA D 210 15.67 41.82 -5.06
N ASN D 211 15.43 43.10 -5.34
CA ASN D 211 16.27 43.86 -6.27
C ASN D 211 17.72 43.95 -5.81
N THR D 212 17.93 44.04 -4.50
CA THR D 212 19.27 44.05 -3.91
C THR D 212 19.94 42.71 -4.17
N LEU D 213 19.25 41.62 -3.81
CA LEU D 213 19.75 40.27 -4.02
C LEU D 213 20.08 39.98 -5.49
N ALA D 214 19.28 40.54 -6.39
CA ALA D 214 19.50 40.41 -7.83
C ALA D 214 20.73 41.21 -8.27
N ALA D 215 20.89 42.40 -7.69
CA ALA D 215 22.06 43.24 -7.98
C ALA D 215 23.33 42.60 -7.44
N MET D 216 23.20 41.87 -6.35
CA MET D 216 24.34 41.21 -5.71
C MET D 216 24.85 40.04 -6.54
N ALA D 217 23.92 39.30 -7.13
CA ALA D 217 24.24 38.17 -7.99
C ALA D 217 24.90 38.64 -9.27
N LYS D 218 24.30 39.64 -9.90
CA LYS D 218 24.78 40.18 -11.18
C LYS D 218 26.20 40.72 -11.13
N GLU D 219 26.56 41.38 -10.03
CA GLU D 219 27.89 41.98 -9.89
C GLU D 219 28.96 40.95 -9.51
N ARG D 220 28.51 39.78 -9.08
CA ARG D 220 29.41 38.67 -8.75
C ARG D 220 29.48 37.65 -9.89
N GLY D 221 28.93 38.03 -11.04
CA GLY D 221 28.93 37.16 -12.23
C GLY D 221 28.00 35.97 -12.10
N LEU D 222 26.93 36.14 -11.33
CA LEU D 222 25.91 35.09 -11.18
C LEU D 222 24.61 35.53 -11.82
N GLN D 223 23.96 34.60 -12.51
CA GLN D 223 22.64 34.83 -13.08
C GLN D 223 21.62 34.62 -11.97
N PRO D 224 20.92 35.69 -11.56
CA PRO D 224 19.97 35.60 -10.46
C PRO D 224 18.68 34.90 -10.85
N MET D 225 18.26 33.97 -9.99
CA MET D 225 17.02 33.23 -10.16
C MET D 225 16.18 33.40 -8.90
N ALA D 226 14.87 33.43 -9.07
CA ALA D 226 13.93 33.47 -7.96
C ALA D 226 12.63 32.77 -8.36
N PHE D 227 11.84 32.35 -7.37
CA PHE D 227 10.51 31.82 -7.64
C PHE D 227 9.56 32.97 -7.99
N ASN D 228 8.41 32.64 -8.58
CA ASN D 228 7.51 33.67 -9.12
C ASN D 228 6.66 34.41 -8.10
N ASP D 229 6.39 33.78 -6.95
CA ASP D 229 5.39 34.26 -5.98
C ASP D 229 5.37 35.77 -5.74
N GLY D 230 6.54 36.36 -5.53
CA GLY D 230 6.65 37.74 -5.10
C GLY D 230 6.76 38.77 -6.21
N PHE D 231 6.93 38.31 -7.43
CA PHE D 231 7.08 39.21 -8.56
C PHE D 231 5.74 39.66 -9.14
N TYR D 232 5.53 40.98 -9.13
CA TYR D 232 4.36 41.63 -9.74
C TYR D 232 3.02 41.04 -9.31
N TYR D 233 2.93 40.74 -8.01
CA TYR D 233 1.76 40.10 -7.41
C TYR D 233 0.46 40.74 -7.89
N GLU D 234 -0.42 39.89 -8.42
CA GLU D 234 -1.77 40.27 -8.86
C GLU D 234 -1.78 41.10 -10.15
N ASP D 235 -0.76 40.87 -10.99
CA ASP D 235 -0.60 41.57 -12.28
C ASP D 235 -0.53 43.10 -12.13
N LYS D 236 -0.11 43.56 -10.96
CA LYS D 236 0.00 45.00 -10.70
C LYS D 236 1.46 45.43 -10.71
N ASP D 237 1.73 46.67 -11.12
CA ASP D 237 3.10 47.11 -11.33
C ASP D 237 3.45 48.51 -10.79
N ASP D 238 2.82 48.89 -9.67
CA ASP D 238 3.22 50.12 -8.97
C ASP D 238 4.56 49.92 -8.26
N VAL D 239 4.89 48.67 -7.98
CA VAL D 239 6.20 48.28 -7.46
C VAL D 239 6.95 47.52 -8.56
N GLN D 240 8.08 48.07 -9.01
CA GLN D 240 8.86 47.48 -10.10
C GLN D 240 9.98 46.56 -9.60
N PHE D 241 10.21 45.47 -10.33
CA PHE D 241 11.21 44.47 -9.97
C PHE D 241 12.28 44.36 -11.03
N ASP D 242 13.45 43.86 -10.64
CA ASP D 242 14.57 43.63 -11.55
C ASP D 242 14.13 42.69 -12.69
N LYS D 243 14.46 43.06 -13.92
CA LYS D 243 13.98 42.34 -15.11
C LYS D 243 14.93 41.25 -15.60
N ASP D 244 16.13 41.22 -15.02
CA ASP D 244 17.16 40.26 -15.42
C ASP D 244 17.06 38.95 -14.63
N VAL D 245 16.12 38.91 -13.68
CA VAL D 245 15.93 37.73 -12.83
C VAL D 245 15.25 36.61 -13.61
N LEU D 246 15.85 35.41 -13.56
CA LEU D 246 15.27 34.21 -14.17
C LEU D 246 14.16 33.67 -13.25
N ILE D 247 12.93 33.72 -13.75
CA ILE D 247 11.78 33.35 -12.93
C ILE D 247 11.50 31.85 -12.97
N SER D 248 11.67 31.22 -11.81
CA SER D 248 11.30 29.83 -11.62
C SER D 248 9.79 29.76 -11.41
N TYR D 249 9.04 29.61 -12.50
CA TYR D 249 7.58 29.62 -12.40
C TYR D 249 7.04 28.25 -12.02
N TRP D 250 6.31 28.19 -10.92
CA TRP D 250 5.79 26.93 -10.40
C TRP D 250 4.26 26.89 -10.25
N SER D 251 3.65 28.07 -10.18
CA SER D 251 2.21 28.17 -9.93
C SER D 251 1.69 29.60 -10.02
N LYS D 252 0.42 29.73 -10.41
CA LYS D 252 -0.28 31.01 -10.35
C LYS D 252 -1.03 31.14 -9.03
N GLY D 253 -0.92 30.11 -8.20
CA GLY D 253 -1.53 30.09 -6.88
C GLY D 253 -2.93 29.52 -6.87
N TRP D 254 -3.73 30.03 -5.92
CA TRP D 254 -5.08 29.54 -5.66
C TRP D 254 -5.91 30.71 -5.15
N TRP D 255 -7.13 30.44 -4.69
CA TRP D 255 -8.01 31.48 -4.16
C TRP D 255 -7.35 32.24 -3.00
N GLY D 256 -7.23 33.55 -3.16
CA GLY D 256 -6.65 34.41 -2.11
C GLY D 256 -5.16 34.60 -2.22
N TYR D 257 -4.50 33.71 -2.95
CA TYR D 257 -3.07 33.78 -3.20
C TYR D 257 -2.92 34.09 -4.69
N ASN D 258 -3.19 35.34 -5.04
CA ASN D 258 -3.29 35.77 -6.43
C ASN D 258 -1.95 36.17 -7.02
N LEU D 259 -1.15 35.17 -7.36
CA LEU D 259 0.16 35.40 -7.98
C LEU D 259 0.00 35.92 -9.41
N ALA D 260 1.02 36.60 -9.91
CA ALA D 260 1.02 37.11 -11.28
C ALA D 260 1.03 35.94 -12.25
N SER D 261 0.26 36.06 -13.34
CA SER D 261 0.23 35.04 -14.38
C SER D 261 1.55 35.01 -15.12
N PRO D 262 1.89 33.85 -15.73
CA PRO D 262 3.10 33.83 -16.55
C PRO D 262 2.97 34.74 -17.77
N GLN D 263 1.74 34.92 -18.27
CA GLN D 263 1.46 35.84 -19.38
C GLN D 263 1.85 37.28 -19.07
N TYR D 264 1.55 37.71 -17.84
CA TYR D 264 1.87 39.06 -17.38
C TYR D 264 3.37 39.23 -17.19
N LEU D 265 4.02 38.24 -16.60
CA LEU D 265 5.47 38.26 -16.38
C LEU D 265 6.26 38.25 -17.69
N ALA D 266 5.79 37.48 -18.66
CA ALA D 266 6.39 37.46 -20.00
C ALA D 266 6.30 38.83 -20.66
N SER D 267 5.19 39.54 -20.41
CA SER D 267 5.00 40.88 -20.95
C SER D 267 5.92 41.89 -20.28
N LYS D 268 6.36 41.57 -19.06
CA LYS D 268 7.29 42.41 -18.33
C LYS D 268 8.73 42.22 -18.80
N GLY D 269 8.97 41.16 -19.60
CA GLY D 269 10.28 40.88 -20.18
C GLY D 269 10.97 39.63 -19.62
N TYR D 270 10.30 38.94 -18.70
CA TYR D 270 10.89 37.80 -18.01
C TYR D 270 10.96 36.54 -18.86
N LYS D 271 12.06 35.81 -18.69
CA LYS D 271 12.21 34.46 -19.24
C LYS D 271 12.05 33.48 -18.09
N PHE D 272 11.51 32.30 -18.38
CA PHE D 272 11.17 31.35 -17.34
C PHE D 272 12.06 30.12 -17.31
N LEU D 273 12.21 29.56 -16.11
CA LEU D 273 12.58 28.17 -15.95
C LEU D 273 11.28 27.48 -15.55
N ASN D 274 10.79 26.60 -16.42
CA ASN D 274 9.50 25.94 -16.20
C ASN D 274 9.54 24.94 -15.05
N THR D 275 9.22 25.43 -13.85
CA THR D 275 9.27 24.61 -12.64
C THR D 275 7.84 24.20 -12.26
N ASN D 276 7.12 23.67 -13.24
CA ASN D 276 5.70 23.31 -13.08
C ASN D 276 5.44 22.48 -11.83
N GLY D 277 4.45 22.89 -11.06
CA GLY D 277 4.06 22.22 -9.82
C GLY D 277 3.50 20.83 -10.04
N ASP D 278 3.14 20.53 -11.30
CA ASP D 278 2.63 19.23 -11.70
C ASP D 278 3.68 18.12 -11.60
N TRP D 279 4.95 18.49 -11.66
CA TRP D 279 6.05 17.51 -11.54
C TRP D 279 6.64 17.47 -10.13
N TYR D 280 5.89 18.01 -9.17
CA TYR D 280 6.34 18.05 -7.77
C TYR D 280 6.19 16.69 -7.09
N TYR D 281 7.21 16.32 -6.32
CA TYR D 281 7.12 15.17 -5.43
C TYR D 281 7.62 15.51 -4.04
N ILE D 282 6.75 15.30 -3.05
CA ILE D 282 7.09 15.51 -1.66
C ILE D 282 7.46 14.15 -1.07
N LEU D 283 8.65 14.06 -0.48
CA LEU D 283 9.15 12.80 0.08
C LEU D 283 8.13 12.17 1.02
N GLY D 284 7.70 10.95 0.69
CA GLY D 284 6.78 10.18 1.52
C GLY D 284 5.30 10.45 1.30
N GLN D 285 4.99 11.42 0.45
CA GLN D 285 3.60 11.82 0.16
C GLN D 285 2.81 10.68 -0.49
N LYS D 286 1.59 10.47 0.00
CA LYS D 286 0.75 9.36 -0.42
C LYS D 286 -0.47 9.80 -1.25
N PRO D 287 -0.99 8.89 -2.10
CA PRO D 287 -2.17 9.19 -2.95
C PRO D 287 -3.36 9.73 -2.15
N GLU D 288 -3.57 9.19 -0.96
CA GLU D 288 -4.65 9.61 -0.06
C GLU D 288 -4.49 11.04 0.46
N ASP D 289 -3.26 11.53 0.47
CA ASP D 289 -2.98 12.90 0.91
C ASP D 289 -3.33 13.94 -0.15
N GLY D 290 -3.36 13.52 -1.41
CA GLY D 290 -3.54 14.45 -2.54
C GLY D 290 -2.27 15.24 -2.78
N GLY D 291 -2.30 16.13 -3.77
CA GLY D 291 -1.12 16.95 -4.09
C GLY D 291 0.00 16.14 -4.72
N GLY D 292 1.24 16.49 -4.37
CA GLY D 292 2.42 15.96 -5.05
C GLY D 292 2.92 14.60 -4.60
N PHE D 293 2.12 13.56 -4.83
CA PHE D 293 2.57 12.18 -4.62
C PHE D 293 3.13 11.60 -5.92
N LEU D 294 4.04 10.63 -5.78
CA LEU D 294 4.83 10.10 -6.90
C LEU D 294 3.99 9.65 -8.09
N LYS D 295 2.91 8.93 -7.81
CA LYS D 295 2.01 8.41 -8.83
C LYS D 295 1.50 9.53 -9.72
N LYS D 296 1.19 10.67 -9.11
CA LYS D 296 0.69 11.84 -9.83
C LYS D 296 1.77 12.51 -10.67
N ALA D 297 2.95 12.68 -10.08
CA ALA D 297 4.06 13.37 -10.73
C ALA D 297 4.56 12.61 -11.96
N ILE D 298 4.63 11.29 -11.84
CA ILE D 298 4.98 10.40 -12.94
C ILE D 298 3.92 10.43 -14.05
N GLU D 299 2.66 10.56 -13.64
CA GLU D 299 1.55 10.67 -14.57
C GLU D 299 1.55 12.03 -15.28
N ASN D 300 1.79 13.10 -14.51
CA ASN D 300 1.87 14.45 -15.04
C ASN D 300 3.11 14.70 -15.88
N THR D 301 4.12 13.86 -15.67
CA THR D 301 5.38 13.94 -16.42
C THR D 301 5.16 13.67 -17.91
N GLY D 302 3.98 13.13 -18.24
CA GLY D 302 3.54 12.94 -19.63
C GLY D 302 2.32 13.76 -19.97
N LYS D 303 1.49 14.04 -18.96
CA LYS D 303 0.27 14.84 -19.16
C LYS D 303 0.55 16.33 -19.35
N THR D 304 1.57 16.83 -18.66
CA THR D 304 1.99 18.22 -18.78
C THR D 304 3.21 18.31 -19.70
N PRO D 305 3.05 18.98 -20.86
CA PRO D 305 4.14 19.14 -21.84
C PRO D 305 5.35 19.84 -21.25
N PHE D 306 6.52 19.60 -21.84
CA PHE D 306 7.80 20.16 -21.37
C PHE D 306 7.76 21.68 -21.23
N ASN D 307 7.11 22.36 -22.18
CA ASN D 307 7.09 23.82 -22.23
C ASN D 307 5.88 24.48 -21.56
N GLN D 308 5.02 23.69 -20.96
CA GLN D 308 3.79 24.24 -20.38
C GLN D 308 4.04 24.85 -19.00
N LEU D 309 3.76 26.14 -18.87
CA LEU D 309 3.83 26.82 -17.59
C LEU D 309 2.51 26.64 -16.84
N ALA D 310 2.60 26.55 -15.51
CA ALA D 310 1.42 26.37 -14.68
C ALA D 310 0.37 27.43 -14.95
N SER D 311 -0.90 27.01 -14.99
CA SER D 311 -2.03 27.90 -15.22
C SER D 311 -2.31 28.18 -16.70
N THR D 312 -1.43 27.67 -17.57
CA THR D 312 -1.60 27.86 -19.01
C THR D 312 -1.75 26.54 -19.74
N LYS D 313 -2.18 26.62 -20.99
CA LYS D 313 -2.38 25.46 -21.86
C LYS D 313 -1.43 25.55 -23.05
N TYR D 314 -0.59 24.54 -23.22
CA TYR D 314 0.38 24.51 -24.33
C TYR D 314 -0.20 23.71 -25.51
N PRO D 315 0.03 24.19 -26.75
CA PRO D 315 0.78 25.38 -27.17
C PRO D 315 -0.05 26.64 -27.33
N GLU D 316 -1.33 26.56 -26.97
CA GLU D 316 -2.26 27.71 -27.00
C GLU D 316 -1.62 28.96 -26.39
N VAL D 317 -1.05 28.80 -25.20
CA VAL D 317 -0.17 29.80 -24.62
C VAL D 317 1.25 29.27 -24.74
N ASP D 318 2.03 29.93 -25.60
CA ASP D 318 3.40 29.52 -25.89
C ASP D 318 4.34 30.63 -25.44
N LEU D 319 4.96 30.44 -24.28
CA LEU D 319 5.84 31.45 -23.70
C LEU D 319 7.29 30.94 -23.65
N PRO D 320 8.26 31.84 -23.86
CA PRO D 320 9.68 31.48 -23.88
C PRO D 320 10.19 31.06 -22.51
N THR D 321 10.73 29.84 -22.46
CA THR D 321 11.37 29.32 -21.27
C THR D 321 12.79 28.90 -21.64
N VAL D 322 13.67 28.85 -20.65
CA VAL D 322 15.04 28.43 -20.86
C VAL D 322 15.18 26.92 -20.73
N GLY D 323 14.09 26.27 -20.32
CA GLY D 323 14.07 24.84 -20.03
C GLY D 323 13.13 24.55 -18.87
N SER D 324 13.15 23.31 -18.38
CA SER D 324 12.22 22.89 -17.34
C SER D 324 12.90 22.27 -16.14
N MET D 325 12.25 22.38 -14.97
CA MET D 325 12.76 21.83 -13.72
C MET D 325 11.73 20.93 -13.04
N LEU D 326 12.16 19.71 -12.70
CA LEU D 326 11.36 18.78 -11.94
C LEU D 326 11.82 18.82 -10.48
N SER D 327 10.87 18.97 -9.56
CA SER D 327 11.20 19.29 -8.18
C SER D 327 10.86 18.20 -7.16
N ILE D 328 11.87 17.86 -6.36
CA ILE D 328 11.70 16.93 -5.25
C ILE D 328 11.76 17.75 -3.95
N TRP D 329 10.71 17.62 -3.14
CA TRP D 329 10.59 18.42 -1.91
C TRP D 329 10.51 17.55 -0.68
N ALA D 330 11.08 18.04 0.42
CA ALA D 330 11.06 17.32 1.68
C ALA D 330 10.29 18.08 2.76
N ASP D 331 9.06 18.47 2.43
CA ASP D 331 8.19 19.25 3.32
C ASP D 331 8.10 18.69 4.74
N ARG D 332 8.02 17.36 4.84
CA ARG D 332 8.19 16.66 6.11
C ARG D 332 9.53 15.95 6.03
N PRO D 333 10.61 16.62 6.50
CA PRO D 333 11.98 16.12 6.28
C PRO D 333 12.29 14.80 7.00
N SER D 334 11.43 14.39 7.93
CA SER D 334 11.62 13.12 8.62
C SER D 334 11.24 11.91 7.77
N ALA D 335 10.52 12.14 6.67
CA ALA D 335 10.15 11.07 5.74
C ALA D 335 11.37 10.55 4.99
N GLU D 336 11.42 9.23 4.82
CA GLU D 336 12.57 8.56 4.21
C GLU D 336 12.74 8.93 2.73
N TYR D 337 13.94 9.39 2.39
CA TYR D 337 14.31 9.61 0.99
C TYR D 337 14.63 8.27 0.34
N LYS D 338 13.78 7.87 -0.61
CA LYS D 338 13.99 6.65 -1.36
C LYS D 338 14.52 6.99 -2.74
N GLU D 339 15.80 6.70 -2.95
CA GLU D 339 16.53 7.05 -4.16
C GLU D 339 15.85 6.57 -5.45
N GLU D 340 15.23 5.40 -5.41
CA GLU D 340 14.63 4.81 -6.60
C GLU D 340 13.35 5.52 -7.05
N GLU D 341 12.66 6.16 -6.11
CA GLU D 341 11.45 6.95 -6.41
C GLU D 341 11.81 8.18 -7.24
N ILE D 342 12.90 8.84 -6.87
CA ILE D 342 13.38 10.03 -7.55
C ILE D 342 13.90 9.68 -8.94
N PHE D 343 14.71 8.62 -9.00
CA PHE D 343 15.26 8.11 -10.25
C PHE D 343 14.15 7.72 -11.24
N GLU D 344 13.06 7.17 -10.71
CA GLU D 344 11.93 6.75 -11.53
C GLU D 344 11.17 7.95 -12.09
N LEU D 345 11.05 9.01 -11.29
CA LEU D 345 10.40 10.24 -11.71
C LEU D 345 11.28 11.00 -12.70
N MET D 346 12.58 10.99 -12.46
CA MET D 346 13.55 11.59 -13.37
C MET D 346 13.54 10.90 -14.74
N THR D 347 13.48 9.57 -14.72
CA THR D 347 13.50 8.76 -15.94
C THR D 347 12.29 9.04 -16.82
N ALA D 348 11.11 9.07 -16.22
CA ALA D 348 9.85 9.29 -16.96
C ALA D 348 9.83 10.65 -17.64
N PHE D 349 10.30 11.68 -16.93
CA PHE D 349 10.41 13.03 -17.47
C PHE D 349 11.35 13.06 -18.68
N ALA D 350 12.46 12.32 -18.59
CA ALA D 350 13.41 12.19 -19.69
C ALA D 350 12.82 11.38 -20.84
N ASP D 351 12.03 10.36 -20.50
CA ASP D 351 11.44 9.46 -21.50
C ASP D 351 10.30 10.09 -22.31
N HIS D 352 9.48 10.91 -21.66
CA HIS D 352 8.41 11.63 -22.35
C HIS D 352 8.94 12.79 -23.19
N ASN D 353 10.23 13.08 -23.05
CA ASN D 353 10.86 14.24 -23.69
C ASN D 353 12.22 13.94 -24.31
N LYS D 354 12.34 12.79 -24.96
CA LYS D 354 13.61 12.29 -25.49
C LYS D 354 14.31 13.22 -26.49
N ASP D 355 13.56 14.14 -27.07
CA ASP D 355 14.09 15.12 -28.01
C ASP D 355 14.79 16.28 -27.29
N TYR D 356 14.34 16.57 -26.07
CA TYR D 356 14.94 17.62 -25.24
C TYR D 356 16.12 17.07 -24.46
N PHE D 357 15.97 15.86 -23.95
CA PHE D 357 17.00 15.24 -23.12
C PHE D 357 18.13 14.64 -23.95
N ARG D 358 19.33 14.67 -23.38
CA ARG D 358 20.54 14.23 -24.07
C ARG D 358 20.69 12.72 -23.95
N ALA D 359 21.50 12.14 -24.84
CA ALA D 359 21.84 10.72 -24.73
C ALA D 359 22.80 10.48 -23.56
N ASN D 360 23.05 9.21 -23.25
CA ASN D 360 23.95 8.85 -22.16
C ASN D 360 25.41 8.75 -22.65
N TYR D 361 26.23 9.67 -22.17
CA TYR D 361 27.64 9.75 -22.61
C TYR D 361 28.64 9.20 -21.59
N ASN D 362 28.15 8.42 -20.63
CA ASN D 362 28.99 7.82 -19.61
C ASN D 362 29.81 6.63 -20.13
N ALA D 363 29.21 5.86 -21.05
CA ALA D 363 29.92 4.78 -21.72
C ALA D 363 31.00 5.34 -22.65
N LEU D 364 30.69 6.44 -23.31
CA LEU D 364 31.66 7.13 -24.17
C LEU D 364 32.80 7.70 -23.33
N ARG D 365 32.49 8.22 -22.14
CA ARG D 365 33.49 8.77 -21.24
C ARG D 365 34.37 7.69 -20.62
N GLU D 366 33.82 6.49 -20.42
CA GLU D 366 34.57 5.33 -19.94
C GLU D 366 35.59 4.88 -20.99
N GLU D 367 35.14 4.82 -22.24
CA GLU D 367 35.96 4.34 -23.35
C GLU D 367 37.05 5.34 -23.76
N LEU D 368 36.71 6.62 -23.69
CA LEU D 368 37.67 7.70 -24.00
C LEU D 368 38.78 7.81 -22.96
N ALA D 369 38.51 7.31 -21.76
CA ALA D 369 39.48 7.33 -20.67
C ALA D 369 40.51 6.20 -20.77
N LYS D 370 40.34 5.36 -21.80
CA LYS D 370 41.18 4.17 -21.98
C LYS D 370 42.17 4.29 -23.15
N ILE D 371 42.77 5.47 -23.33
CA ILE D 371 43.85 5.63 -24.31
C ILE D 371 44.99 6.48 -23.75
N SER D 379 51.94 1.29 -34.01
CA SER D 379 51.29 0.79 -35.22
C SER D 379 50.44 1.88 -35.87
N LYS D 380 50.87 2.35 -37.05
CA LYS D 380 50.16 3.38 -37.81
C LYS D 380 48.74 2.95 -38.16
N GLU D 381 48.60 1.76 -38.72
CA GLU D 381 47.33 1.21 -39.19
C GLU D 381 46.29 1.08 -38.06
N SER D 382 46.75 0.68 -36.88
CA SER D 382 45.90 0.58 -35.69
C SER D 382 45.56 1.96 -35.11
N LEU D 383 46.38 2.96 -35.44
CA LEU D 383 46.17 4.33 -34.97
C LEU D 383 45.30 5.18 -35.91
N GLU D 384 45.23 4.77 -37.18
CA GLU D 384 44.39 5.46 -38.16
C GLU D 384 42.91 5.13 -37.94
N ALA D 385 42.67 3.91 -37.45
CA ALA D 385 41.32 3.45 -37.11
C ALA D 385 40.88 3.97 -35.74
N LEU D 386 41.82 4.05 -34.80
CA LEU D 386 41.57 4.60 -33.48
C LEU D 386 41.23 6.09 -33.56
N ASP D 387 41.80 6.76 -34.56
CA ASP D 387 41.51 8.17 -34.82
C ASP D 387 40.25 8.34 -35.66
N ALA D 388 39.96 7.36 -36.52
CA ALA D 388 38.76 7.40 -37.37
C ALA D 388 37.46 7.28 -36.57
N ALA D 389 37.47 6.38 -35.59
CA ALA D 389 36.33 6.17 -34.70
C ALA D 389 36.16 7.34 -33.72
N LYS D 390 37.29 7.94 -33.33
CA LYS D 390 37.33 9.14 -32.50
C LYS D 390 36.63 10.31 -33.18
N THR D 391 36.81 10.41 -34.50
CA THR D 391 36.25 11.49 -35.30
C THR D 391 34.79 11.23 -35.67
N ALA D 392 34.37 9.97 -35.61
CA ALA D 392 32.99 9.59 -35.92
C ALA D 392 32.04 9.80 -34.73
N LEU D 393 32.57 10.29 -33.62
CA LEU D 393 31.79 10.51 -32.40
C LEU D 393 30.89 11.73 -32.51
N ASN D 394 29.63 11.54 -32.12
CA ASN D 394 28.61 12.58 -32.17
C ASN D 394 28.21 12.92 -30.73
N TYR D 395 28.60 14.12 -30.28
CA TYR D 395 28.31 14.57 -28.91
C TYR D 395 26.97 15.29 -28.79
N ASN D 396 26.27 15.40 -29.92
CA ASN D 396 25.03 16.17 -30.01
C ASN D 396 23.79 15.30 -30.14
N LEU D 397 23.85 14.07 -29.62
CA LEU D 397 22.72 13.14 -29.75
C LEU D 397 21.80 13.20 -28.54
N ASN D 398 20.50 13.19 -28.82
CA ASN D 398 19.50 13.19 -27.77
C ASN D 398 19.11 11.78 -27.34
N ARG D 399 18.15 11.69 -26.41
CA ARG D 399 17.75 10.42 -25.83
C ARG D 399 17.09 9.44 -26.81
N ASN D 400 16.55 9.97 -27.92
CA ASN D 400 15.99 9.14 -28.99
C ASN D 400 17.03 8.36 -29.79
N LYS D 401 18.29 8.78 -29.69
CA LYS D 401 19.36 8.23 -30.53
C LYS D 401 20.47 7.54 -29.73
N GLN D 402 20.08 6.82 -28.67
CA GLN D 402 21.02 6.11 -27.82
C GLN D 402 21.70 4.94 -28.54
N ALA D 403 20.89 4.18 -29.28
CA ALA D 403 21.39 3.05 -30.07
C ALA D 403 22.41 3.53 -31.11
N GLU D 404 22.12 4.67 -31.73
CA GLU D 404 23.01 5.30 -32.69
C GLU D 404 24.37 5.62 -32.07
N LEU D 405 24.36 6.07 -30.82
CA LEU D 405 25.58 6.41 -30.09
C LEU D 405 26.35 5.18 -29.63
N ASP D 406 25.62 4.14 -29.22
CA ASP D 406 26.21 2.91 -28.71
C ASP D 406 27.05 2.19 -29.78
N THR D 407 26.60 2.26 -31.02
CA THR D 407 27.34 1.76 -32.18
C THR D 407 28.66 2.53 -32.35
N LEU D 408 28.59 3.84 -32.20
CA LEU D 408 29.77 4.71 -32.33
C LEU D 408 30.80 4.45 -31.23
N VAL D 409 30.33 3.98 -30.07
CA VAL D 409 31.21 3.59 -28.97
C VAL D 409 31.72 2.16 -29.20
N ALA D 410 30.86 1.31 -29.78
CA ALA D 410 31.23 -0.06 -30.16
C ALA D 410 32.31 -0.07 -31.25
N ASN D 411 32.24 0.90 -32.16
CA ASN D 411 33.26 1.07 -33.19
C ASN D 411 34.54 1.66 -32.61
N LEU D 412 34.44 2.31 -31.45
CA LEU D 412 35.60 2.86 -30.75
C LEU D 412 36.32 1.79 -29.95
N LYS D 413 35.56 0.87 -29.34
CA LYS D 413 36.11 -0.30 -28.67
C LYS D 413 36.88 -1.16 -29.67
N ALA D 414 36.21 -1.51 -30.77
CA ALA D 414 36.84 -2.18 -31.90
C ALA D 414 37.72 -1.16 -32.64
N ALA D 415 38.83 -0.80 -32.00
CA ALA D 415 39.70 0.27 -32.48
C ALA D 415 40.79 0.54 -31.45
N LEU D 416 40.40 0.61 -30.18
CA LEU D 416 41.35 0.67 -29.07
C LEU D 416 42.12 -0.64 -28.99
N GLN D 417 41.66 -1.64 -29.73
CA GLN D 417 42.29 -2.96 -29.82
C GLN D 417 42.86 -3.19 -31.23
C1 NAG E . -44.54 26.84 -8.87
C2 NAG E . -43.75 27.57 -7.78
C3 NAG E . -43.50 29.02 -8.20
C4 NAG E . -42.71 29.00 -9.53
C5 NAG E . -43.48 28.16 -10.57
C6 NAG E . -42.69 28.02 -11.87
C7 NAG E . -45.51 27.64 -5.89
C8 NAG E . -46.65 28.13 -6.74
N2 NAG E . -44.29 27.42 -6.41
O1 NAG E . -44.78 25.50 -8.48
O3 NAG E . -42.78 29.71 -7.19
O4 NAG E . -42.45 30.29 -10.04
O5 NAG E . -43.78 26.86 -10.08
O6 NAG E . -43.29 27.07 -12.71
O7 NAG E . -45.72 27.44 -4.70
C1 BMA E . -41.16 30.74 -9.60
C2 BMA E . -40.30 31.37 -10.71
C3 BMA E . -38.95 31.86 -10.16
C4 BMA E . -39.04 32.53 -8.77
C5 BMA E . -40.06 31.84 -7.85
C6 BMA E . -40.40 32.63 -6.59
O2 BMA E . -40.99 32.42 -11.33
O3 BMA E . -38.29 32.72 -11.09
O4 BMA E . -37.75 32.51 -8.19
O5 BMA E . -41.28 31.65 -8.53
O6 BMA E . -40.73 31.73 -5.56
C1 MAN E . -37.14 32.08 -11.69
C2 MAN E . -36.32 33.05 -12.56
C3 MAN E . -37.11 33.38 -13.84
C4 MAN E . -37.54 32.11 -14.57
C5 MAN E . -38.22 31.12 -13.62
C6 MAN E . -38.47 29.78 -14.28
O2 MAN E . -35.08 32.45 -12.93
O3 MAN E . -36.34 34.18 -14.70
O4 MAN E . -38.41 32.46 -15.62
O5 MAN E . -37.44 30.92 -12.45
O6 MAN E . -39.86 29.50 -14.27
C1 NAG E . -33.87 33.14 -12.52
C2 NAG E . -32.80 32.92 -13.62
C3 NAG E . -32.39 34.16 -14.43
C4 NAG E . -33.41 35.28 -14.26
C5 NAG E . -33.55 35.58 -12.77
C6 NAG E . -34.46 36.78 -12.53
C7 NAG E . -30.70 32.63 -12.26
C8 NAG E . -29.58 31.68 -11.99
N2 NAG E . -31.61 32.21 -13.15
O3 NAG E . -32.26 33.84 -15.79
O4 NAG E . -32.98 36.41 -14.98
O5 NAG E . -34.06 34.48 -12.05
O6 NAG E . -35.81 36.43 -12.78
O7 NAG E . -30.74 33.71 -11.67
C1 NAG E . -37.45 33.76 -7.55
C2 NAG E . -36.47 33.60 -6.38
C3 NAG E . -36.41 34.94 -5.62
C4 NAG E . -36.14 36.11 -6.57
C5 NAG E . -36.99 36.05 -7.86
C6 NAG E . -36.49 37.05 -8.89
C7 NAG E . -37.49 32.19 -4.46
C8 NAG E . -38.24 33.30 -3.77
N2 NAG E . -36.75 32.40 -5.58
O3 NAG E . -35.41 34.88 -4.62
O4 NAG E . -36.40 37.32 -5.89
O5 NAG E . -36.95 34.75 -8.43
O6 NAG E . -37.01 36.72 -10.17
O7 NAG E . -37.56 31.06 -3.98
C1 NAG F . -8.24 -30.18 4.01
C2 NAG F . -7.58 -29.34 5.10
C3 NAG F . -7.07 -28.00 4.54
C4 NAG F . -6.28 -28.18 3.24
C5 NAG F . -7.13 -29.00 2.26
C6 NAG F . -6.49 -29.16 0.88
C7 NAG F . -8.37 -29.67 7.40
C8 NAG F . -9.42 -29.29 8.41
N2 NAG F . -8.48 -29.09 6.20
O1 NAG F . -8.49 -31.48 4.51
O3 NAG F . -6.31 -27.35 5.53
O4 NAG F . -5.88 -26.95 2.64
O5 NAG F . -7.43 -30.26 2.85
O6 NAG F . -5.71 -30.33 0.81
O7 NAG F . -7.49 -30.48 7.71
C1 BMA F . -4.58 -26.54 3.11
C2 BMA F . -3.75 -25.81 2.05
C3 BMA F . -2.39 -25.33 2.62
C4 BMA F . -2.51 -24.72 4.03
C5 BMA F . -3.47 -25.54 4.91
C6 BMA F . -3.78 -24.91 6.27
O2 BMA F . -4.48 -24.73 1.52
O3 BMA F . -1.74 -24.44 1.71
O4 BMA F . -1.22 -24.67 4.60
O5 BMA F . -4.69 -25.70 4.24
O6 BMA F . -4.56 -25.82 7.02
C1 MAN F . -0.58 -25.05 1.07
C2 MAN F . 0.18 -24.07 0.18
C3 MAN F . -0.68 -23.72 -1.04
C4 MAN F . -1.22 -24.95 -1.77
C5 MAN F . -1.73 -26.04 -0.81
C6 MAN F . -1.88 -27.38 -1.53
O2 MAN F . 1.40 -24.64 -0.29
O3 MAN F . 0.07 -22.96 -1.96
O4 MAN F . -2.27 -24.57 -2.63
O5 MAN F . -0.88 -26.22 0.31
O6 MAN F . -2.84 -28.16 -0.86
C1 NAG F . 2.64 -24.03 0.17
C2 NAG F . 3.76 -24.34 -0.85
C3 NAG F . 4.20 -23.15 -1.71
C4 NAG F . 3.15 -22.06 -1.73
C5 NAG F . 2.85 -21.60 -0.31
C6 NAG F . 1.67 -20.62 -0.29
C7 NAG F . 5.81 -24.50 0.61
C8 NAG F . 6.93 -25.41 1.01
N2 NAG F . 4.94 -25.00 -0.28
O3 NAG F . 4.49 -23.58 -3.02
O4 NAG F . 3.60 -20.98 -2.52
O5 NAG F . 2.56 -22.67 0.58
O6 NAG F . 1.30 -20.37 1.04
O7 NAG F . 5.74 -23.38 1.09
C1 NAG F . -0.97 -23.38 5.21
C2 NAG F . 0.05 -23.49 6.35
C3 NAG F . 0.17 -22.14 7.05
C4 NAG F . 0.38 -20.99 6.05
C5 NAG F . -0.59 -21.10 4.86
C6 NAG F . -0.29 -20.05 3.79
C7 NAG F . -0.88 -24.78 8.37
C8 NAG F . -1.62 -23.63 9.00
N2 NAG F . -0.19 -24.64 7.22
O3 NAG F . 1.22 -22.19 7.99
O4 NAG F . 0.18 -19.75 6.71
O5 NAG F . -0.54 -22.39 4.30
O6 NAG F . -1.21 -20.19 2.74
O7 NAG F . -0.95 -25.87 8.93
C1 NAG G . -35.46 -41.06 28.97
C2 NAG G . -35.05 -41.40 27.53
C3 NAG G . -34.08 -42.58 27.49
C4 NAG G . -32.88 -42.32 28.42
C5 NAG G . -33.41 -41.96 29.82
C6 NAG G . -32.28 -41.67 30.80
C7 NAG G . -37.18 -42.43 26.54
C8 NAG G . -37.27 -43.59 27.51
N2 NAG G . -36.20 -41.52 26.62
O1 NAG G . -36.25 -39.88 28.99
O3 NAG G . -33.65 -42.78 26.15
O4 NAG G . -32.01 -43.44 28.53
O5 NAG G . -34.30 -40.85 29.77
O6 NAG G . -31.84 -40.33 30.68
O7 NAG G . -38.06 -42.34 25.67
C1 BMA G . -30.98 -43.40 27.52
C2 BMA G . -29.55 -43.64 28.07
C3 BMA G . -28.52 -43.81 26.93
C4 BMA G . -29.03 -44.70 25.80
C5 BMA G . -30.44 -44.27 25.38
C6 BMA G . -31.03 -45.16 24.28
O2 BMA G . -29.53 -44.77 28.93
O3 BMA G . -27.26 -44.30 27.40
O4 BMA G . -28.14 -44.63 24.70
O5 BMA G . -31.29 -44.33 26.51
O6 BMA G . -32.21 -44.58 23.78
C1 MAN G . -26.20 -43.32 27.34
C2 MAN G . -24.84 -43.92 27.70
C3 MAN G . -24.88 -44.34 29.18
C4 MAN G . -25.27 -43.19 30.09
C5 MAN G . -26.53 -42.47 29.58
C6 MAN G . -26.76 -41.16 30.32
O2 MAN G . -23.80 -42.98 27.54
O3 MAN G . -23.62 -44.84 29.59
O4 MAN G . -25.49 -43.68 31.40
O5 MAN G . -26.44 -42.19 28.19
O6 MAN G . -28.13 -40.82 30.24
C1 NAG G . -22.78 -43.27 26.54
C2 NAG G . -21.43 -42.70 27.04
C3 NAG G . -20.36 -43.75 27.36
C4 NAG G . -21.00 -45.07 27.74
C5 NAG G . -21.84 -45.59 26.58
C6 NAG G . -22.63 -46.83 27.01
C7 NAG G . -20.51 -41.83 24.86
C8 NAG G . -19.99 -40.60 24.19
N2 NAG G . -20.89 -41.67 26.14
O3 NAG G . -19.54 -43.30 28.42
O4 NAG G . -20.01 -46.00 28.08
O5 NAG G . -22.74 -44.61 26.05
O6 NAG G . -23.88 -46.90 26.37
O7 NAG G . -20.57 -42.88 24.23
C1 NAG H . -7.32 26.96 0.32
C2 NAG H . -6.88 26.56 -1.11
C3 NAG H . -5.80 25.47 -1.11
C4 NAG H . -4.66 25.81 -0.13
C5 NAG H . -5.27 26.14 1.23
C6 NAG H . -4.22 26.43 2.32
C7 NAG H . -8.91 25.23 -1.95
C8 NAG H . -8.87 24.16 -0.89
N2 NAG H . -8.02 26.25 -1.98
O1 NAG H . -8.13 28.12 0.24
O3 NAG H . -5.34 25.31 -2.43
O4 NAG H . -3.71 24.76 0.00
O5 NAG H . -6.18 27.23 1.13
O6 NAG H . -3.59 27.66 2.08
O7 NAG H . -9.80 25.15 -2.81
C1 BMA H . -2.75 24.76 -1.07
C2 BMA H . -1.32 24.48 -0.59
C3 BMA H . -0.33 24.40 -1.77
C4 BMA H . -0.88 23.62 -2.97
C5 BMA H . -2.35 23.96 -3.24
C6 BMA H . -3.04 23.09 -4.29
O2 BMA H . -1.29 23.29 0.17
O3 BMA H . 0.93 23.87 -1.36
O4 BMA H . -0.07 23.92 -4.09
O5 BMA H . -3.10 23.83 -2.05
O6 BMA H . -4.22 23.73 -4.71
C1 MAN H . 1.97 24.89 -1.27
C2 MAN H . 3.33 24.28 -0.95
C3 MAN H . 3.33 23.75 0.49
C4 MAN H . 2.83 24.79 1.50
C5 MAN H . 1.55 25.49 1.02
C6 MAN H . 1.17 26.69 1.89
O2 MAN H . 4.37 25.22 -1.10
O3 MAN H . 4.63 23.35 0.87
O4 MAN H . 2.60 24.15 2.74
O5 MAN H . 1.69 25.92 -0.33
O6 MAN H . -0.20 26.60 2.21
C1 NAG H . 5.35 24.96 -2.14
C2 NAG H . 6.70 25.61 -1.73
C3 NAG H . 7.81 24.62 -1.33
C4 NAG H . 7.22 23.26 -1.00
C5 NAG H . 6.50 22.76 -2.25
C6 NAG H . 5.99 21.33 -2.08
C7 NAG H . 7.64 26.34 -3.95
C8 NAG H . 8.14 27.54 -4.70
N2 NAG H . 7.23 26.58 -2.70
O3 NAG H . 8.52 25.13 -0.21
O4 NAG H . 8.25 22.37 -0.62
O5 NAG H . 5.40 23.61 -2.60
O6 NAG H . 4.83 21.29 -1.28
O7 NAG H . 7.63 25.24 -4.50
C1 NAG H . 0.29 22.72 -4.82
C2 NAG H . 0.29 22.95 -6.34
C3 NAG H . 0.52 21.62 -7.06
C4 NAG H . 1.69 20.84 -6.46
C5 NAG H . 1.60 20.84 -4.93
C6 NAG H . 2.76 20.13 -4.25
C7 NAG H . -1.27 24.82 -6.89
C8 NAG H . -0.26 25.83 -6.43
N2 NAG H . -0.97 23.53 -6.82
O3 NAG H . 0.76 21.85 -8.44
O4 NAG H . 1.64 19.51 -6.94
O5 NAG H . 1.53 22.17 -4.44
O6 NAG H . 2.32 19.68 -2.97
O7 NAG H . -2.35 25.21 -7.33
C1 EDO I . -39.47 41.42 -24.26
O1 EDO I . -38.42 41.62 -25.21
C2 EDO I . -40.19 40.11 -24.54
O2 EDO I . -40.37 39.38 -23.31
C1 EDO J . -1.67 40.77 -19.30
O1 EDO J . -1.82 39.64 -18.43
C2 EDO J . -0.56 40.50 -20.32
O2 EDO J . -0.88 39.34 -21.10
C1 EDO K . 20.56 -43.43 -2.69
O1 EDO K . 19.59 -44.11 -3.49
C2 EDO K . 20.90 -44.28 -1.46
O2 EDO K . 22.30 -44.12 -1.15
C1 EDO L . 25.28 -32.56 -14.64
O1 EDO L . 25.00 -31.53 -15.59
C2 EDO L . 25.17 -33.93 -15.31
O2 EDO L . 24.21 -34.73 -14.62
C1 EDO M . -6.59 -20.27 1.75
O1 EDO M . -6.43 -20.73 0.41
C2 EDO M . -6.60 -21.45 2.73
O2 EDO M . -5.27 -21.69 3.20
C1 EDO N . 0.95 -20.50 20.27
O1 EDO N . 1.77 -21.62 20.66
C2 EDO N . 1.80 -19.49 19.51
O2 EDO N . 2.12 -20.00 18.20
C1 EDO O . 28.63 -37.66 -4.62
O1 EDO O . 29.10 -38.92 -5.12
C2 EDO O . 29.27 -37.37 -3.26
O2 EDO O . 28.86 -36.09 -2.81
C1 EDO P . 8.92 -4.72 -12.93
O1 EDO P . 9.10 -5.87 -12.09
C2 EDO P . 8.58 -3.49 -12.09
O2 EDO P . 9.75 -2.67 -11.91
C1 EDO Q . 17.58 -22.71 23.40
O1 EDO Q . 16.44 -22.33 24.19
C2 EDO Q . 17.56 -21.96 22.07
O2 EDO Q . 16.81 -22.70 21.10
C1 EDO R . 21.83 -38.76 -15.64
O1 EDO R . 22.01 -39.44 -14.39
C2 EDO R . 22.06 -37.27 -15.46
O2 EDO R . 21.94 -36.61 -16.73
C1 EDO S . 27.58 -26.07 4.96
O1 EDO S . 28.50 -25.01 4.66
C2 EDO S . 28.31 -27.40 5.10
O2 EDO S . 28.85 -27.81 3.85
C1 EDO T . 2.92 -37.23 13.85
O1 EDO T . 1.68 -36.51 13.94
C2 EDO T . 2.87 -38.44 14.79
O2 EDO T . 1.72 -39.24 14.48
C1 EDO U . -1.64 -32.28 12.48
O1 EDO U . -2.68 -31.43 11.97
C2 EDO U . -2.28 -33.35 13.37
O2 EDO U . -1.50 -34.55 13.33
C1 EDO V . -10.73 -30.65 50.35
O1 EDO V . -9.54 -30.57 49.56
C2 EDO V . -11.51 -31.89 50.00
O2 EDO V . -11.24 -32.92 50.96
C1 EDO W . -2.74 19.10 1.18
O1 EDO W . -1.52 18.55 1.70
C2 EDO W . -2.93 18.66 -0.27
O2 EDO W . -2.53 19.71 -1.16
#